data_8RKL
#
_entry.id   8RKL
#
_cell.length_a   1.00
_cell.length_b   1.00
_cell.length_c   1.00
_cell.angle_alpha   90.00
_cell.angle_beta   90.00
_cell.angle_gamma   90.00
#
_symmetry.space_group_name_H-M   'P 1'
#
loop_
_entity.id
_entity.type
_entity.pdbx_description
1 polymer 'Pilus assembly ATPase CpaF'
2 non-polymer '4-(2-HYDROXYETHYL)-1-PIPERAZINE ETHANESULFONIC ACID'
#
_entity_poly.entity_id   1
_entity_poly.type   'polypeptide(L)'
_entity_poly.pdbx_seq_one_letter_code
;DYYHATKTTIFNALLNTIDLSQLAQLDLKQAGEEIRDIVAELVAIKNVSMSVAEQEHLVQDIINDVLGYGPLEPLLARDD
IADIMVNGAHRVFIEVGGKVQLTNVRFRDNLQLMNICQRIVSQVGRRVDESSPICDARLPDGSRVNVIAPPLALDGPTLT
IRKFKKDKLTMKNLVEFASISPEGARVLGVIGACRCNLVISGGTGSGKTTLLNTMTAFIDPTERVVTCEDAAELQLQQPH
VVRLETRPPNLEGSGAVTMRDLVKNCLRMRPERIIVGEVRGPEAFDLLQAMNTGHDGSMGTLHANSPREAISRIESMITM
GGYGLPSKTIKEMIVGSVDVIIQAARLRDGSRRITHITEVVGLEGDVIVTQDLFVYEITGEDEHGKVVGKHRSTGIARPR
FWDRARYYGLERELAEALDAAEA
;
_entity_poly.pdbx_strand_id   A,B,C,D,E,F
#
loop_
_chem_comp.id
_chem_comp.type
_chem_comp.name
_chem_comp.formula
EPE non-polymer '4-(2-HYDROXYETHYL)-1-PIPERAZINE ETHANESULFONIC ACID' 'C8 H18 N2 O4 S'
#
# COMPACT_ATOMS: atom_id res chain seq x y z
N ASP A 1 -55.78 15.37 -33.62
CA ASP A 1 -55.37 15.97 -34.88
C ASP A 1 -54.63 17.29 -34.65
N TYR A 2 -55.34 18.27 -34.12
CA TYR A 2 -54.77 19.59 -33.89
C TYR A 2 -54.04 19.72 -32.57
N TYR A 3 -53.80 18.61 -31.87
CA TYR A 3 -53.15 18.69 -30.56
C TYR A 3 -51.68 19.08 -30.69
N HIS A 4 -50.96 18.46 -31.62
CA HIS A 4 -49.51 18.63 -31.67
C HIS A 4 -49.12 20.05 -32.05
N ALA A 5 -49.60 20.51 -33.22
CA ALA A 5 -49.22 21.84 -33.68
C ALA A 5 -49.72 22.91 -32.73
N THR A 6 -50.96 22.79 -32.26
CA THR A 6 -51.51 23.78 -31.34
C THR A 6 -50.71 23.82 -30.05
N LYS A 7 -50.32 22.66 -29.53
CA LYS A 7 -49.52 22.62 -28.31
C LYS A 7 -48.14 23.23 -28.54
N THR A 8 -47.52 22.97 -29.69
CA THR A 8 -46.24 23.59 -30.00
C THR A 8 -46.37 25.11 -30.03
N THR A 9 -47.44 25.60 -30.67
CA THR A 9 -47.66 27.04 -30.73
C THR A 9 -47.90 27.62 -29.34
N ILE A 10 -48.66 26.92 -28.51
CA ILE A 10 -48.90 27.39 -27.16
C ILE A 10 -47.60 27.45 -26.38
N PHE A 11 -46.75 26.43 -26.54
CA PHE A 11 -45.46 26.42 -25.85
C PHE A 11 -44.62 27.61 -26.28
N ASN A 12 -44.53 27.85 -27.58
CA ASN A 12 -43.72 28.97 -28.07
C ASN A 12 -44.26 30.30 -27.56
N ALA A 13 -45.58 30.49 -27.64
CA ALA A 13 -46.17 31.76 -27.23
C ALA A 13 -46.00 31.99 -25.73
N LEU A 14 -46.28 30.98 -24.91
CA LEU A 14 -46.12 31.13 -23.48
C LEU A 14 -44.67 31.38 -23.11
N LEU A 15 -43.74 30.69 -23.77
CA LEU A 15 -42.32 30.95 -23.53
C LEU A 15 -41.98 32.40 -23.84
N ASN A 16 -42.50 32.91 -24.96
CA ASN A 16 -42.26 34.31 -25.29
C ASN A 16 -42.82 35.23 -24.21
N THR A 17 -44.01 34.92 -23.70
CA THR A 17 -44.62 35.76 -22.67
C THR A 17 -44.06 35.44 -21.28
N ILE A 18 -44.21 34.20 -20.84
CA ILE A 18 -43.71 33.75 -19.54
C ILE A 18 -43.08 32.38 -19.74
N ASP A 19 -41.76 32.34 -19.85
CA ASP A 19 -41.03 31.10 -20.08
C ASP A 19 -40.54 30.51 -18.76
N LEU A 20 -39.89 29.36 -18.86
CA LEU A 20 -39.32 28.73 -17.67
C LEU A 20 -38.18 29.53 -17.08
N SER A 21 -37.62 30.50 -17.83
CA SER A 21 -36.54 31.32 -17.31
C SER A 21 -36.97 32.12 -16.09
N GLN A 22 -38.28 32.27 -15.88
CA GLN A 22 -38.82 32.94 -14.71
C GLN A 22 -38.96 32.02 -13.51
N LEU A 23 -38.16 30.94 -13.47
CA LEU A 23 -38.19 30.03 -12.33
C LEU A 23 -37.95 30.80 -11.04
N ALA A 24 -38.67 30.41 -9.99
CA ALA A 24 -38.81 31.11 -8.72
C ALA A 24 -39.84 32.23 -8.83
N GLN A 25 -40.41 32.45 -10.00
CA GLN A 25 -41.46 33.46 -10.20
C GLN A 25 -42.66 32.79 -10.86
N LEU A 26 -43.84 33.35 -10.59
CA LEU A 26 -45.10 32.73 -11.03
C LEU A 26 -45.21 31.31 -10.49
N ASP A 27 -45.32 31.24 -9.16
CA ASP A 27 -45.26 29.98 -8.43
C ASP A 27 -46.24 28.96 -8.99
N LEU A 28 -46.03 27.69 -8.65
CA LEU A 28 -46.74 26.58 -9.28
C LEU A 28 -48.19 26.95 -9.60
N LYS A 29 -48.94 27.36 -8.59
CA LYS A 29 -50.31 27.78 -8.85
C LYS A 29 -50.34 28.99 -9.78
N GLN A 30 -49.45 29.95 -9.55
CA GLN A 30 -49.43 31.14 -10.38
C GLN A 30 -49.17 30.78 -11.84
N ALA A 31 -48.14 29.96 -12.08
CA ALA A 31 -47.83 29.56 -13.45
C ALA A 31 -48.96 28.76 -14.07
N GLY A 32 -49.57 27.86 -13.31
CA GLY A 32 -50.68 27.09 -13.86
C GLY A 32 -51.83 27.96 -14.29
N GLU A 33 -52.23 28.90 -13.43
CA GLU A 33 -53.34 29.79 -13.77
C GLU A 33 -52.98 30.69 -14.94
N GLU A 34 -51.78 31.28 -14.92
CA GLU A 34 -51.38 32.18 -16.00
C GLU A 34 -51.31 31.44 -17.33
N ILE A 35 -50.77 30.22 -17.34
CA ILE A 35 -50.69 29.46 -18.57
C ILE A 35 -52.08 29.08 -19.05
N ARG A 36 -52.98 28.72 -18.13
CA ARG A 36 -54.34 28.38 -18.54
C ARG A 36 -55.00 29.58 -19.21
N ASP A 37 -54.88 30.76 -18.61
CA ASP A 37 -55.46 31.95 -19.20
C ASP A 37 -54.82 32.28 -20.54
N ILE A 38 -53.50 32.15 -20.63
CA ILE A 38 -52.79 32.50 -21.86
C ILE A 38 -53.19 31.56 -22.99
N VAL A 39 -53.36 30.28 -22.69
CA VAL A 39 -53.79 29.33 -23.71
C VAL A 39 -55.23 29.61 -24.13
N ALA A 40 -56.09 29.94 -23.16
CA ALA A 40 -57.47 30.29 -23.50
C ALA A 40 -57.50 31.51 -24.42
N GLU A 41 -56.65 32.50 -24.15
CA GLU A 41 -56.61 33.70 -24.97
C GLU A 41 -55.99 33.42 -26.33
N LEU A 42 -54.98 32.55 -26.40
CA LEU A 42 -54.31 32.28 -27.65
C LEU A 42 -55.15 31.40 -28.57
N VAL A 43 -56.02 30.57 -27.99
CA VAL A 43 -56.89 29.73 -28.82
C VAL A 43 -57.74 30.59 -29.76
N ALA A 44 -58.10 31.79 -29.33
CA ALA A 44 -58.84 32.75 -30.16
C ALA A 44 -57.93 33.75 -30.85
N ILE A 45 -56.86 34.19 -30.16
CA ILE A 45 -55.93 35.16 -30.77
C ILE A 45 -55.27 34.55 -32.00
N LYS A 46 -54.85 33.31 -31.90
CA LYS A 46 -54.30 32.57 -33.03
C LYS A 46 -55.27 31.47 -33.44
N ASN A 47 -55.36 31.24 -34.75
CA ASN A 47 -56.27 30.22 -35.26
C ASN A 47 -55.97 28.89 -34.59
N VAL A 48 -56.93 28.40 -33.80
CA VAL A 48 -56.76 27.18 -33.02
C VAL A 48 -58.02 26.34 -33.23
N SER A 49 -57.89 25.22 -33.94
CA SER A 49 -59.01 24.30 -34.12
C SER A 49 -59.43 23.63 -32.82
N MET A 50 -58.63 23.76 -31.76
CA MET A 50 -58.97 23.17 -30.47
C MET A 50 -60.24 23.79 -29.90
N SER A 51 -61.28 22.98 -29.72
CA SER A 51 -62.54 23.44 -29.16
C SER A 51 -62.39 23.56 -27.64
N VAL A 52 -63.52 23.68 -26.93
CA VAL A 52 -63.48 23.83 -25.48
C VAL A 52 -62.82 22.61 -24.84
N ALA A 53 -63.21 21.41 -25.29
CA ALA A 53 -62.55 20.21 -24.80
C ALA A 53 -61.06 20.24 -25.13
N GLU A 54 -60.74 20.59 -26.38
CA GLU A 54 -59.34 20.73 -26.76
C GLU A 54 -58.70 21.91 -26.05
N GLN A 55 -59.48 22.91 -25.66
CA GLN A 55 -58.93 24.03 -24.89
C GLN A 55 -58.47 23.58 -23.51
N GLU A 56 -59.34 22.87 -22.79
CA GLU A 56 -58.95 22.31 -21.50
C GLU A 56 -57.80 21.32 -21.65
N HIS A 57 -57.82 20.54 -22.74
CA HIS A 57 -56.71 19.61 -22.99
C HIS A 57 -55.40 20.34 -23.22
N LEU A 58 -55.43 21.45 -23.95
CA LEU A 58 -54.21 22.20 -24.18
C LEU A 58 -53.71 22.83 -22.88
N VAL A 59 -54.63 23.32 -22.04
CA VAL A 59 -54.22 23.84 -20.75
C VAL A 59 -53.55 22.74 -19.92
N GLN A 60 -54.16 21.55 -19.90
CA GLN A 60 -53.58 20.44 -19.16
C GLN A 60 -52.22 20.06 -19.73
N ASP A 61 -52.07 20.07 -21.05
CA ASP A 61 -50.81 19.69 -21.66
C ASP A 61 -49.73 20.72 -21.35
N ILE A 62 -50.09 22.00 -21.30
CA ILE A 62 -49.12 23.02 -20.90
C ILE A 62 -48.69 22.80 -19.46
N ILE A 63 -49.65 22.49 -18.58
CA ILE A 63 -49.31 22.16 -17.20
C ILE A 63 -48.32 21.00 -17.17
N ASN A 64 -48.57 19.97 -17.98
CA ASN A 64 -47.69 18.81 -18.01
C ASN A 64 -46.30 19.19 -18.49
N ASP A 65 -46.21 19.90 -19.62
CA ASP A 65 -44.91 20.26 -20.19
C ASP A 65 -44.10 21.07 -19.20
N VAL A 66 -44.67 22.14 -18.67
CA VAL A 66 -43.92 22.98 -17.75
C VAL A 66 -43.64 22.22 -16.46
N LEU A 67 -44.63 21.46 -15.97
CA LEU A 67 -44.57 20.92 -14.62
C LEU A 67 -44.69 19.41 -14.57
N GLY A 68 -45.61 18.83 -15.32
CA GLY A 68 -46.03 17.45 -15.09
C GLY A 68 -45.21 16.42 -15.83
N TYR A 69 -45.54 15.15 -15.56
CA TYR A 69 -44.90 14.00 -16.19
C TYR A 69 -45.38 13.76 -17.61
N GLY A 70 -46.51 14.33 -18.00
CA GLY A 70 -47.00 14.20 -19.34
C GLY A 70 -47.57 12.82 -19.63
N PRO A 71 -47.01 12.13 -20.62
CA PRO A 71 -47.66 10.89 -21.08
C PRO A 71 -47.79 9.83 -20.01
N LEU A 72 -46.99 9.88 -18.95
CA LEU A 72 -47.09 8.87 -17.89
C LEU A 72 -48.19 9.17 -16.89
N GLU A 73 -48.67 10.40 -16.82
CA GLU A 73 -49.68 10.73 -15.82
C GLU A 73 -50.88 9.81 -15.87
N PRO A 74 -51.45 9.46 -17.02
CA PRO A 74 -52.55 8.51 -17.03
C PRO A 74 -52.18 7.16 -16.44
N LEU A 75 -51.13 6.53 -16.98
CA LEU A 75 -50.77 5.19 -16.53
C LEU A 75 -50.35 5.18 -15.07
N LEU A 76 -49.58 6.19 -14.65
CA LEU A 76 -49.23 6.29 -13.24
C LEU A 76 -50.45 6.40 -12.35
N ALA A 77 -51.59 6.82 -12.90
CA ALA A 77 -52.82 6.95 -12.14
C ALA A 77 -53.60 5.64 -12.08
N ARG A 78 -53.88 5.05 -13.24
CA ARG A 78 -54.74 3.88 -13.33
C ARG A 78 -54.36 2.83 -12.28
N ASP A 79 -55.37 2.19 -11.70
CA ASP A 79 -55.15 1.20 -10.65
C ASP A 79 -55.00 -0.21 -11.18
N ASP A 80 -55.26 -0.46 -12.45
CA ASP A 80 -55.13 -1.80 -13.02
C ASP A 80 -53.73 -2.09 -13.54
N ILE A 81 -52.79 -1.17 -13.39
CA ILE A 81 -51.43 -1.31 -13.88
C ILE A 81 -50.50 -1.23 -12.68
N ALA A 82 -49.83 -2.33 -12.38
CA ALA A 82 -48.91 -2.35 -11.24
C ALA A 82 -47.49 -1.97 -11.64
N ASP A 83 -47.05 -2.33 -12.84
CA ASP A 83 -45.69 -2.07 -13.28
C ASP A 83 -45.68 -1.49 -14.68
N ILE A 84 -44.82 -0.49 -14.88
CA ILE A 84 -44.70 0.23 -16.14
C ILE A 84 -43.26 0.10 -16.64
N MET A 85 -43.11 -0.22 -17.93
CA MET A 85 -41.79 -0.49 -18.49
C MET A 85 -41.67 0.25 -19.81
N VAL A 86 -40.81 1.26 -19.86
CA VAL A 86 -40.61 2.07 -21.05
C VAL A 86 -39.26 1.68 -21.65
N ASN A 87 -39.28 1.20 -22.89
CA ASN A 87 -38.07 0.79 -23.59
C ASN A 87 -37.83 1.80 -24.71
N GLY A 88 -36.95 2.74 -24.48
CA GLY A 88 -36.80 3.84 -25.41
C GLY A 88 -38.05 4.70 -25.45
N ALA A 89 -37.93 5.85 -26.12
CA ALA A 89 -39.00 6.82 -26.09
C ALA A 89 -40.25 6.37 -26.84
N HIS A 90 -40.18 5.29 -27.61
CA HIS A 90 -41.31 4.89 -28.44
C HIS A 90 -42.25 3.91 -27.75
N ARG A 91 -41.73 2.87 -27.09
CA ARG A 91 -42.52 1.74 -26.66
C ARG A 91 -42.71 1.76 -25.15
N VAL A 92 -43.96 1.61 -24.72
CA VAL A 92 -44.34 1.56 -23.32
C VAL A 92 -45.20 0.33 -23.10
N PHE A 93 -44.91 -0.42 -22.05
CA PHE A 93 -45.66 -1.61 -21.71
C PHE A 93 -46.11 -1.53 -20.27
N ILE A 94 -47.15 -2.29 -19.95
CA ILE A 94 -47.75 -2.26 -18.63
C ILE A 94 -48.15 -3.67 -18.22
N GLU A 95 -48.07 -3.94 -16.92
CA GLU A 95 -48.46 -5.22 -16.37
C GLU A 95 -49.88 -5.13 -15.85
N VAL A 96 -50.83 -5.63 -16.64
CA VAL A 96 -52.25 -5.66 -16.29
C VAL A 96 -52.65 -7.11 -16.08
N GLY A 97 -53.15 -7.42 -14.89
CA GLY A 97 -53.59 -8.77 -14.60
C GLY A 97 -52.47 -9.78 -14.70
N GLY A 98 -51.32 -9.45 -14.12
CA GLY A 98 -50.22 -10.39 -14.06
C GLY A 98 -49.66 -10.78 -15.41
N LYS A 99 -49.78 -9.91 -16.42
CA LYS A 99 -49.22 -10.20 -17.73
C LYS A 99 -48.88 -8.89 -18.43
N VAL A 100 -47.80 -8.90 -19.19
CA VAL A 100 -47.33 -7.70 -19.86
C VAL A 100 -48.16 -7.47 -21.11
N GLN A 101 -48.41 -6.20 -21.41
CA GLN A 101 -49.10 -5.84 -22.64
C GLN A 101 -48.56 -4.51 -23.13
N LEU A 102 -48.77 -4.24 -24.42
CA LEU A 102 -48.25 -3.05 -25.08
C LEU A 102 -49.39 -2.07 -25.31
N THR A 103 -49.18 -0.82 -24.88
CA THR A 103 -50.10 0.27 -25.16
C THR A 103 -49.30 1.45 -25.68
N ASN A 104 -49.70 1.97 -26.83
CA ASN A 104 -48.93 2.99 -27.53
C ASN A 104 -49.10 4.32 -26.83
N VAL A 105 -48.12 4.68 -26.01
CA VAL A 105 -48.03 6.04 -25.48
C VAL A 105 -46.59 6.50 -25.67
N ARG A 106 -46.32 7.14 -26.80
CA ARG A 106 -44.97 7.53 -27.14
C ARG A 106 -44.59 8.84 -26.46
N PHE A 107 -43.29 9.08 -26.38
CA PHE A 107 -42.76 10.35 -25.92
C PHE A 107 -42.30 11.17 -27.13
N ARG A 108 -42.23 12.48 -26.96
CA ARG A 108 -41.89 13.34 -28.09
C ARG A 108 -40.57 12.94 -28.70
N ASP A 109 -39.56 12.70 -27.87
CA ASP A 109 -38.27 12.20 -28.34
C ASP A 109 -37.43 11.84 -27.12
N ASN A 110 -36.19 11.42 -27.39
CA ASN A 110 -35.33 10.93 -26.32
C ASN A 110 -35.04 12.01 -25.28
N LEU A 111 -34.86 13.26 -25.73
CA LEU A 111 -34.58 14.32 -24.78
C LEU A 111 -35.71 14.44 -23.77
N GLN A 112 -36.95 14.37 -24.23
CA GLN A 112 -38.07 14.49 -23.32
C GLN A 112 -38.04 13.39 -22.27
N LEU A 113 -37.78 12.16 -22.70
CA LEU A 113 -37.74 11.04 -21.77
C LEU A 113 -36.61 11.20 -20.77
N MET A 114 -35.43 11.60 -21.24
CA MET A 114 -34.28 11.73 -20.36
C MET A 114 -34.42 12.91 -19.41
N ASN A 115 -35.32 13.85 -19.72
CA ASN A 115 -35.62 14.90 -18.76
C ASN A 115 -36.68 14.45 -17.76
N ILE A 116 -37.70 13.74 -18.23
CA ILE A 116 -38.73 13.24 -17.33
C ILE A 116 -38.11 12.32 -16.29
N CYS A 117 -37.13 11.51 -16.70
CA CYS A 117 -36.52 10.59 -15.74
C CYS A 117 -35.87 11.35 -14.60
N GLN A 118 -35.12 12.41 -14.90
CA GLN A 118 -34.50 13.20 -13.84
C GLN A 118 -35.55 13.86 -12.98
N ARG A 119 -36.59 14.43 -13.60
CA ARG A 119 -37.64 15.05 -12.81
C ARG A 119 -38.29 14.05 -11.87
N ILE A 120 -38.35 12.77 -12.27
CA ILE A 120 -38.97 11.76 -11.43
C ILE A 120 -38.04 11.40 -10.27
N VAL A 121 -36.80 11.01 -10.58
CA VAL A 121 -35.93 10.49 -9.52
C VAL A 121 -35.59 11.59 -8.52
N SER A 122 -35.31 12.81 -8.99
CA SER A 122 -34.88 13.86 -8.07
C SER A 122 -35.94 14.21 -7.04
N GLN A 123 -37.13 13.62 -7.12
CA GLN A 123 -38.19 13.90 -6.16
C GLN A 123 -37.85 13.43 -4.76
N VAL A 124 -36.82 12.59 -4.60
CA VAL A 124 -36.37 12.18 -3.28
C VAL A 124 -34.87 12.40 -3.17
N GLY A 125 -34.36 13.37 -3.92
CA GLY A 125 -32.98 13.77 -3.76
C GLY A 125 -32.00 12.88 -4.48
N ARG A 126 -32.33 12.49 -5.70
CA ARG A 126 -31.43 11.75 -6.57
C ARG A 126 -31.28 12.51 -7.88
N ARG A 127 -30.51 11.94 -8.79
CA ARG A 127 -30.38 12.50 -10.13
C ARG A 127 -29.61 11.53 -11.00
N VAL A 128 -30.10 11.33 -12.22
CA VAL A 128 -29.48 10.43 -13.18
C VAL A 128 -29.16 11.22 -14.43
N ASP A 129 -27.92 11.06 -14.92
CA ASP A 129 -27.50 11.75 -16.13
C ASP A 129 -26.37 10.95 -16.76
N GLU A 130 -25.70 11.55 -17.73
CA GLU A 130 -24.70 10.84 -18.51
C GLU A 130 -23.42 10.54 -17.73
N SER A 131 -23.26 11.10 -16.54
CA SER A 131 -22.11 10.80 -15.69
C SER A 131 -22.43 9.78 -14.61
N SER A 132 -23.63 9.21 -14.62
CA SER A 132 -24.02 8.12 -13.72
C SER A 132 -25.25 7.45 -14.30
N PRO A 133 -25.12 6.69 -15.39
CA PRO A 133 -26.29 6.27 -16.16
C PRO A 133 -27.15 5.20 -15.49
N ILE A 134 -26.88 4.86 -14.24
CA ILE A 134 -27.69 3.93 -13.47
C ILE A 134 -28.40 4.70 -12.39
N CYS A 135 -29.64 4.33 -12.10
CA CYS A 135 -30.27 4.87 -10.92
C CYS A 135 -31.36 3.93 -10.42
N ASP A 136 -31.48 3.86 -9.10
CA ASP A 136 -32.57 3.16 -8.43
C ASP A 136 -33.08 4.05 -7.31
N ALA A 137 -34.36 3.93 -7.00
CA ALA A 137 -34.93 4.76 -5.95
C ALA A 137 -36.19 4.14 -5.39
N ARG A 138 -36.53 4.55 -4.17
CA ARG A 138 -37.76 4.16 -3.49
C ARG A 138 -38.49 5.43 -3.11
N LEU A 139 -39.82 5.37 -3.10
CA LEU A 139 -40.61 6.57 -2.91
C LEU A 139 -41.59 6.40 -1.75
N PRO A 140 -42.23 7.47 -1.30
CA PRO A 140 -43.17 7.33 -0.17
C PRO A 140 -44.37 6.46 -0.47
N ASP A 141 -44.75 6.28 -1.74
CA ASP A 141 -45.93 5.49 -2.10
C ASP A 141 -45.62 4.01 -2.25
N GLY A 142 -44.55 3.53 -1.62
CA GLY A 142 -44.20 2.13 -1.71
C GLY A 142 -43.72 1.69 -3.07
N SER A 143 -43.50 2.63 -3.98
CA SER A 143 -43.07 2.28 -5.32
C SER A 143 -41.56 2.12 -5.38
N ARG A 144 -41.07 1.72 -6.55
CA ARG A 144 -39.64 1.63 -6.78
C ARG A 144 -39.35 1.90 -8.25
N VAL A 145 -38.39 2.78 -8.49
CA VAL A 145 -38.07 3.28 -9.83
C VAL A 145 -36.65 2.88 -10.17
N ASN A 146 -36.43 2.47 -11.42
CA ASN A 146 -35.11 2.11 -11.90
C ASN A 146 -34.92 2.67 -13.30
N VAL A 147 -33.84 3.41 -13.50
CA VAL A 147 -33.63 4.19 -14.72
C VAL A 147 -32.24 3.91 -15.26
N ILE A 148 -32.14 3.71 -16.58
CA ILE A 148 -30.86 3.57 -17.25
C ILE A 148 -30.83 4.51 -18.45
N ALA A 149 -29.65 5.11 -18.69
CA ALA A 149 -29.48 6.20 -19.64
C ALA A 149 -28.96 5.71 -20.99
N PRO A 150 -28.77 6.59 -21.96
CA PRO A 150 -28.36 6.15 -23.30
C PRO A 150 -26.87 5.86 -23.43
N PRO A 151 -26.02 6.21 -22.47
CA PRO A 151 -24.62 5.80 -22.61
C PRO A 151 -24.45 4.29 -22.67
N LEU A 152 -25.18 3.56 -21.83
CA LEU A 152 -25.15 2.10 -21.85
C LEU A 152 -26.28 1.56 -22.73
N ALA A 153 -27.52 1.76 -22.30
CA ALA A 153 -28.64 1.25 -23.06
C ALA A 153 -28.58 1.76 -24.49
N LEU A 154 -28.51 0.86 -25.45
CA LEU A 154 -28.41 1.28 -26.84
C LEU A 154 -29.71 1.93 -27.30
N ASP A 155 -30.85 1.27 -27.06
CA ASP A 155 -32.10 1.71 -27.66
C ASP A 155 -32.42 3.16 -27.30
N GLY A 156 -32.25 3.52 -26.02
CA GLY A 156 -32.66 4.79 -25.51
C GLY A 156 -33.00 4.63 -24.04
N PRO A 157 -33.19 5.73 -23.34
CA PRO A 157 -33.42 5.65 -21.88
C PRO A 157 -34.48 4.63 -21.55
N THR A 158 -34.16 3.70 -20.65
CA THR A 158 -35.05 2.60 -20.28
C THR A 158 -35.47 2.76 -18.83
N LEU A 159 -36.76 2.70 -18.59
CA LEU A 159 -37.33 2.97 -17.29
C LEU A 159 -38.20 1.80 -16.84
N THR A 160 -38.14 1.49 -15.55
CA THR A 160 -39.02 0.49 -14.95
C THR A 160 -39.56 1.02 -13.65
N ILE A 161 -40.86 0.83 -13.44
CA ILE A 161 -41.53 1.31 -12.24
C ILE A 161 -42.39 0.19 -11.71
N ARG A 162 -42.25 -0.10 -10.41
CA ARG A 162 -43.17 -1.00 -9.71
C ARG A 162 -43.92 -0.19 -8.68
N LYS A 163 -45.22 -0.02 -8.88
CA LYS A 163 -46.01 0.86 -8.04
C LYS A 163 -46.42 0.14 -6.76
N PHE A 164 -47.37 0.74 -6.04
CA PHE A 164 -47.67 0.35 -4.67
C PHE A 164 -47.98 -1.14 -4.58
N LYS A 165 -47.36 -1.79 -3.61
CA LYS A 165 -47.77 -3.11 -3.19
C LYS A 165 -48.35 -3.02 -1.78
N LYS A 166 -49.53 -3.59 -1.59
CA LYS A 166 -50.25 -3.54 -0.32
C LYS A 166 -50.47 -4.92 0.27
N ASP A 167 -50.72 -5.92 -0.56
CA ASP A 167 -50.94 -7.29 -0.09
C ASP A 167 -49.61 -8.06 -0.04
N LYS A 168 -48.71 -7.55 0.81
CA LYS A 168 -47.44 -8.24 1.00
C LYS A 168 -47.72 -9.69 1.36
N LEU A 169 -46.74 -10.57 1.15
CA LEU A 169 -46.96 -12.00 1.33
C LEU A 169 -47.04 -12.30 2.82
N THR A 170 -48.17 -11.94 3.41
CA THR A 170 -48.40 -12.21 4.81
C THR A 170 -48.50 -13.72 5.05
N MET A 171 -48.64 -14.10 6.31
CA MET A 171 -48.54 -15.50 6.68
C MET A 171 -49.61 -16.33 5.99
N LYS A 172 -50.84 -15.81 5.92
CA LYS A 172 -51.94 -16.60 5.38
C LYS A 172 -51.64 -17.08 3.97
N ASN A 173 -50.89 -16.31 3.20
CA ASN A 173 -50.48 -16.78 1.87
C ASN A 173 -49.60 -18.01 2.01
N LEU A 174 -48.68 -18.00 2.98
CA LEU A 174 -47.87 -19.19 3.22
C LEU A 174 -48.74 -20.36 3.63
N VAL A 175 -49.69 -20.14 4.53
CA VAL A 175 -50.50 -21.23 5.07
C VAL A 175 -51.31 -21.88 3.97
N GLU A 176 -52.15 -21.08 3.30
CA GLU A 176 -53.08 -21.65 2.32
C GLU A 176 -52.35 -22.23 1.12
N PHE A 177 -51.14 -21.78 0.84
CA PHE A 177 -50.37 -22.28 -0.29
C PHE A 177 -49.54 -23.50 0.07
N ALA A 178 -49.91 -24.22 1.13
CA ALA A 178 -49.32 -25.52 1.46
C ALA A 178 -47.81 -25.40 1.65
N SER A 179 -47.42 -24.53 2.58
CA SER A 179 -46.02 -24.41 2.96
C SER A 179 -45.82 -24.26 4.46
N ILE A 180 -46.89 -24.22 5.25
CA ILE A 180 -46.78 -24.12 6.70
C ILE A 180 -48.13 -24.44 7.33
N SER A 181 -48.13 -25.04 8.51
CA SER A 181 -49.35 -25.42 9.19
C SER A 181 -49.95 -24.23 9.94
N PRO A 182 -51.23 -24.31 10.28
CA PRO A 182 -51.86 -23.20 11.01
C PRO A 182 -51.32 -23.04 12.43
N GLU A 183 -51.28 -24.12 13.19
CA GLU A 183 -50.76 -24.04 14.54
C GLU A 183 -49.29 -23.66 14.54
N GLY A 184 -48.52 -24.18 13.58
CA GLY A 184 -47.18 -23.68 13.40
C GLY A 184 -47.16 -22.20 13.09
N ALA A 185 -48.14 -21.73 12.32
CA ALA A 185 -48.21 -20.31 12.02
C ALA A 185 -48.41 -19.48 13.29
N ARG A 186 -49.27 -19.94 14.19
CA ARG A 186 -49.47 -19.22 15.43
C ARG A 186 -48.22 -19.28 16.31
N VAL A 187 -47.55 -20.43 16.33
CA VAL A 187 -46.30 -20.52 17.09
C VAL A 187 -45.28 -19.53 16.56
N LEU A 188 -45.17 -19.42 15.24
CA LEU A 188 -44.27 -18.43 14.65
C LEU A 188 -44.69 -17.02 15.03
N GLY A 189 -45.99 -16.75 15.01
CA GLY A 189 -46.46 -15.44 15.42
C GLY A 189 -46.00 -15.10 16.83
N VAL A 190 -46.08 -16.06 17.74
CA VAL A 190 -45.63 -15.81 19.11
C VAL A 190 -44.11 -15.67 19.16
N ILE A 191 -43.40 -16.52 18.42
CA ILE A 191 -41.94 -16.46 18.43
C ILE A 191 -41.47 -15.10 17.93
N GLY A 192 -42.22 -14.47 17.05
CA GLY A 192 -41.87 -13.16 16.57
C GLY A 192 -42.26 -12.06 17.54
N ALA A 193 -43.45 -12.19 18.14
CA ALA A 193 -43.90 -11.14 19.05
C ALA A 193 -43.05 -11.07 20.30
N CYS A 194 -42.58 -12.21 20.81
CA CYS A 194 -41.86 -12.25 22.08
C CYS A 194 -40.39 -11.83 21.96
N ARG A 195 -40.01 -11.20 20.85
CA ARG A 195 -38.64 -10.75 20.64
C ARG A 195 -37.63 -11.82 21.02
N CYS A 196 -37.86 -13.02 20.51
CA CYS A 196 -36.93 -14.13 20.65
C CYS A 196 -36.12 -14.23 19.36
N ASN A 197 -34.80 -14.20 19.49
CA ASN A 197 -33.91 -14.16 18.32
C ASN A 197 -34.27 -15.28 17.37
N LEU A 198 -33.77 -15.22 16.14
CA LEU A 198 -33.93 -16.34 15.25
C LEU A 198 -32.93 -16.23 14.11
N VAL A 199 -32.66 -17.36 13.47
CA VAL A 199 -31.74 -17.44 12.34
C VAL A 199 -32.37 -18.34 11.30
N ILE A 200 -32.29 -17.94 10.03
CA ILE A 200 -32.95 -18.65 8.95
C ILE A 200 -31.88 -19.26 8.06
N SER A 201 -32.07 -20.53 7.70
CA SER A 201 -31.14 -21.23 6.82
C SER A 201 -31.93 -22.03 5.80
N GLY A 202 -31.53 -21.91 4.54
CA GLY A 202 -32.22 -22.65 3.51
C GLY A 202 -31.38 -22.97 2.30
N GLY A 203 -31.56 -24.17 1.76
CA GLY A 203 -30.82 -24.60 0.59
C GLY A 203 -31.01 -23.66 -0.59
N THR A 204 -30.22 -23.87 -1.64
CA THR A 204 -30.26 -22.96 -2.78
C THR A 204 -31.68 -22.85 -3.31
N GLY A 205 -32.15 -21.62 -3.51
CA GLY A 205 -33.49 -21.37 -3.98
C GLY A 205 -34.56 -21.46 -2.92
N SER A 206 -34.20 -21.77 -1.68
CA SER A 206 -35.20 -21.89 -0.64
C SER A 206 -35.95 -20.59 -0.41
N GLY A 207 -35.40 -19.46 -0.85
CA GLY A 207 -36.07 -18.20 -0.69
C GLY A 207 -35.93 -17.67 0.72
N LYS A 208 -34.69 -17.47 1.16
CA LYS A 208 -34.45 -16.98 2.51
C LYS A 208 -35.13 -15.64 2.73
N THR A 209 -34.96 -14.71 1.79
CA THR A 209 -35.47 -13.36 1.97
C THR A 209 -36.97 -13.39 2.26
N THR A 210 -37.76 -13.86 1.30
CA THR A 210 -39.21 -13.86 1.46
C THR A 210 -39.61 -14.25 2.87
N LEU A 211 -39.04 -15.34 3.38
CA LEU A 211 -39.36 -15.76 4.73
C LEU A 211 -38.92 -14.70 5.74
N LEU A 212 -37.73 -14.15 5.58
CA LEU A 212 -37.24 -13.17 6.55
C LEU A 212 -38.16 -11.95 6.58
N ASN A 213 -38.62 -11.52 5.42
CA ASN A 213 -39.54 -10.40 5.32
C ASN A 213 -40.85 -10.72 6.02
N THR A 214 -41.40 -11.91 5.77
CA THR A 214 -42.64 -12.28 6.45
C THR A 214 -42.45 -12.23 7.95
N MET A 215 -41.27 -12.62 8.42
CA MET A 215 -41.02 -12.58 9.86
C MET A 215 -40.90 -11.14 10.36
N THR A 216 -40.15 -10.29 9.66
CA THR A 216 -40.04 -8.90 10.11
C THR A 216 -41.40 -8.25 10.23
N ALA A 217 -42.34 -8.63 9.37
CA ALA A 217 -43.67 -8.04 9.46
C ALA A 217 -44.29 -8.20 10.84
N PHE A 218 -43.69 -9.00 11.72
CA PHE A 218 -44.27 -9.25 13.03
C PHE A 218 -43.91 -8.20 14.09
N ILE A 219 -42.80 -7.49 13.92
CA ILE A 219 -42.28 -6.67 15.01
C ILE A 219 -43.33 -5.64 15.42
N ASP A 220 -43.40 -5.36 16.72
CA ASP A 220 -44.25 -4.29 17.20
C ASP A 220 -43.70 -2.95 16.69
N PRO A 221 -44.54 -2.05 16.18
CA PRO A 221 -44.01 -0.82 15.57
C PRO A 221 -43.15 0.02 16.50
N THR A 222 -43.42 0.04 17.80
CA THR A 222 -42.68 0.93 18.69
C THR A 222 -41.21 0.57 18.79
N GLU A 223 -40.81 -0.61 18.32
CA GLU A 223 -39.44 -1.08 18.44
C GLU A 223 -38.61 -0.57 17.28
N ARG A 224 -37.63 0.29 17.57
CA ARG A 224 -36.75 0.80 16.54
C ARG A 224 -35.99 -0.34 15.89
N VAL A 225 -35.79 -0.24 14.59
CA VAL A 225 -35.20 -1.32 13.80
C VAL A 225 -34.05 -0.75 12.99
N VAL A 226 -33.11 -1.61 12.61
CA VAL A 226 -32.02 -1.24 11.73
C VAL A 226 -31.69 -2.45 10.87
N THR A 227 -31.93 -2.33 9.57
CA THR A 227 -31.75 -3.45 8.65
C THR A 227 -30.50 -3.21 7.83
N CYS A 228 -29.47 -4.00 8.08
CA CYS A 228 -28.19 -3.87 7.38
C CYS A 228 -28.16 -4.92 6.27
N GLU A 229 -28.75 -4.58 5.13
CA GLU A 229 -28.92 -5.51 4.02
C GLU A 229 -27.75 -5.40 3.05
N ASP A 230 -27.63 -6.40 2.19
CA ASP A 230 -26.57 -6.39 1.18
C ASP A 230 -27.06 -5.73 -0.11
N ALA A 231 -28.29 -6.03 -0.51
CA ALA A 231 -28.97 -5.32 -1.57
C ALA A 231 -30.39 -5.02 -1.11
N ALA A 232 -30.91 -3.86 -1.51
CA ALA A 232 -32.18 -3.37 -0.98
C ALA A 232 -33.29 -4.30 -1.48
N GLU A 233 -33.48 -5.40 -0.76
CA GLU A 233 -34.52 -6.38 -1.07
C GLU A 233 -35.63 -6.43 -0.03
N LEU A 234 -35.32 -6.22 1.24
CA LEU A 234 -36.32 -6.26 2.28
C LEU A 234 -37.25 -5.06 2.17
N GLN A 235 -38.54 -5.31 2.34
CA GLN A 235 -39.58 -4.29 2.24
C GLN A 235 -40.39 -4.36 3.54
N LEU A 236 -39.93 -3.64 4.55
CA LEU A 236 -40.59 -3.64 5.83
C LEU A 236 -41.85 -2.77 5.80
N GLN A 237 -42.67 -2.93 6.83
CA GLN A 237 -43.95 -2.24 6.91
C GLN A 237 -44.04 -1.24 8.05
N GLN A 238 -43.06 -1.21 8.94
CA GLN A 238 -43.11 -0.36 10.11
C GLN A 238 -42.86 1.09 9.75
N PRO A 239 -43.20 2.02 10.65
CA PRO A 239 -42.82 3.41 10.43
C PRO A 239 -41.39 3.71 10.86
N HIS A 240 -40.82 2.92 11.76
CA HIS A 240 -39.57 3.32 12.40
C HIS A 240 -38.32 2.70 11.76
N VAL A 241 -38.45 2.01 10.63
CA VAL A 241 -37.32 1.33 10.03
C VAL A 241 -36.18 2.30 9.76
N VAL A 242 -34.99 1.75 9.53
CA VAL A 242 -33.83 2.48 9.05
C VAL A 242 -33.05 1.57 8.12
N ARG A 243 -32.94 1.95 6.85
CA ARG A 243 -32.28 1.10 5.87
C ARG A 243 -30.76 1.27 5.92
N LEU A 244 -30.07 0.45 5.14
CA LEU A 244 -28.62 0.55 4.96
C LEU A 244 -28.24 -0.22 3.71
N GLU A 245 -26.94 -0.32 3.47
CA GLU A 245 -26.40 -1.10 2.36
C GLU A 245 -24.88 -1.02 2.44
N THR A 246 -24.19 -1.95 1.78
CA THR A 246 -22.75 -1.94 1.70
C THR A 246 -22.30 -1.23 0.42
N ARG A 247 -20.99 -1.23 0.18
CA ARG A 247 -20.44 -0.62 -1.03
C ARG A 247 -19.28 -1.49 -1.52
N PRO A 248 -19.23 -1.83 -2.80
CA PRO A 248 -18.18 -2.72 -3.31
C PRO A 248 -16.91 -1.94 -3.61
N PRO A 249 -15.86 -2.62 -4.05
CA PRO A 249 -14.62 -1.91 -4.41
C PRO A 249 -14.84 -0.97 -5.59
N ASN A 250 -14.09 0.13 -5.58
CA ASN A 250 -14.12 1.08 -6.68
C ASN A 250 -13.12 0.66 -7.76
N LEU A 251 -13.00 1.48 -8.80
CA LEU A 251 -12.12 1.13 -9.91
C LEU A 251 -10.66 1.02 -9.48
N GLU A 252 -10.28 1.72 -8.41
CA GLU A 252 -8.90 1.72 -7.93
C GLU A 252 -8.66 0.66 -6.86
N GLY A 253 -9.57 -0.30 -6.70
CA GLY A 253 -9.40 -1.34 -5.70
C GLY A 253 -9.45 -0.83 -4.27
N SER A 254 -10.37 0.07 -3.97
CA SER A 254 -10.49 0.64 -2.63
C SER A 254 -11.90 1.19 -2.46
N GLY A 255 -12.09 1.97 -1.41
CA GLY A 255 -13.39 2.58 -1.17
C GLY A 255 -14.51 1.60 -0.93
N ALA A 256 -14.22 0.48 -0.25
CA ALA A 256 -15.21 -0.54 0.02
C ALA A 256 -15.56 -0.57 1.49
N VAL A 257 -16.85 -0.79 1.78
CA VAL A 257 -17.35 -0.89 3.14
C VAL A 257 -18.07 -2.24 3.23
N THR A 258 -17.33 -3.26 3.67
CA THR A 258 -17.92 -4.59 3.76
C THR A 258 -18.92 -4.64 4.91
N MET A 259 -19.82 -5.62 4.85
CA MET A 259 -20.93 -5.65 5.78
C MET A 259 -20.46 -5.71 7.23
N ARG A 260 -19.23 -6.15 7.48
CA ARG A 260 -18.73 -6.19 8.84
C ARG A 260 -18.78 -4.80 9.46
N ASP A 261 -18.32 -3.79 8.72
CA ASP A 261 -18.32 -2.43 9.25
C ASP A 261 -19.74 -1.94 9.53
N LEU A 262 -20.68 -2.24 8.64
CA LEU A 262 -22.05 -1.82 8.86
C LEU A 262 -22.62 -2.46 10.12
N VAL A 263 -22.39 -3.76 10.30
CA VAL A 263 -22.92 -4.41 11.49
C VAL A 263 -22.25 -3.87 12.75
N LYS A 264 -20.97 -3.50 12.66
CA LYS A 264 -20.35 -2.87 13.82
C LYS A 264 -20.98 -1.52 14.12
N ASN A 265 -21.25 -0.72 13.09
CA ASN A 265 -21.74 0.63 13.31
C ASN A 265 -23.18 0.64 13.77
N CYS A 266 -23.96 -0.36 13.37
CA CYS A 266 -25.34 -0.41 13.85
C CYS A 266 -25.43 -0.48 15.36
N LEU A 267 -24.36 -0.90 16.03
CA LEU A 267 -24.37 -0.98 17.48
C LEU A 267 -24.63 0.39 18.10
N ARG A 268 -24.06 1.43 17.52
CA ARG A 268 -24.15 2.75 18.15
C ARG A 268 -25.57 3.29 18.13
N MET A 269 -26.29 3.10 17.03
CA MET A 269 -27.52 3.87 16.82
C MET A 269 -28.68 3.31 17.61
N ARG A 270 -28.45 3.03 18.89
CA ARG A 270 -29.46 2.60 19.83
C ARG A 270 -30.54 1.74 19.18
N PRO A 271 -30.18 0.66 18.50
CA PRO A 271 -31.20 -0.18 17.87
C PRO A 271 -31.89 -1.06 18.92
N GLU A 272 -32.91 -1.77 18.45
CA GLU A 272 -33.53 -2.83 19.22
C GLU A 272 -33.93 -4.03 18.38
N ARG A 273 -33.45 -4.12 17.13
CA ARG A 273 -33.63 -5.32 16.33
C ARG A 273 -32.68 -5.18 15.14
N ILE A 274 -31.44 -5.66 15.28
CA ILE A 274 -30.42 -5.49 14.26
C ILE A 274 -30.62 -6.57 13.21
N ILE A 275 -31.44 -6.29 12.22
CA ILE A 275 -31.77 -7.27 11.19
C ILE A 275 -30.68 -7.25 10.13
N VAL A 276 -30.44 -8.40 9.51
CA VAL A 276 -29.36 -8.54 8.54
C VAL A 276 -29.91 -9.20 7.29
N GLY A 277 -29.14 -9.10 6.21
CA GLY A 277 -29.56 -9.64 4.94
C GLY A 277 -28.95 -10.99 4.61
N GLU A 278 -27.67 -11.17 4.91
CA GLU A 278 -27.02 -12.44 4.66
C GLU A 278 -25.69 -12.47 5.37
N VAL A 279 -25.28 -13.66 5.81
CA VAL A 279 -24.16 -13.83 6.71
C VAL A 279 -23.15 -14.76 6.05
N ARG A 280 -22.15 -14.19 5.38
CA ARG A 280 -21.11 -14.97 4.70
C ARG A 280 -19.72 -14.75 5.29
N GLY A 281 -19.31 -13.50 5.46
CA GLY A 281 -18.01 -13.21 5.99
C GLY A 281 -17.96 -13.41 7.49
N PRO A 282 -17.00 -12.80 8.17
CA PRO A 282 -16.96 -12.92 9.64
C PRO A 282 -18.06 -12.15 10.35
N GLU A 283 -18.87 -11.37 9.63
CA GLU A 283 -19.91 -10.57 10.27
C GLU A 283 -20.71 -11.39 11.26
N ALA A 284 -20.86 -12.69 11.02
CA ALA A 284 -21.58 -13.54 11.96
C ALA A 284 -21.21 -13.18 13.39
N PHE A 285 -19.91 -13.21 13.71
CA PHE A 285 -19.46 -12.87 15.05
C PHE A 285 -20.18 -11.64 15.58
N ASP A 286 -19.97 -10.50 14.91
CA ASP A 286 -20.56 -9.26 15.38
C ASP A 286 -22.06 -9.44 15.60
N LEU A 287 -22.75 -9.99 14.60
CA LEU A 287 -24.19 -10.16 14.74
C LEU A 287 -24.51 -10.89 16.04
N LEU A 288 -23.85 -12.02 16.29
CA LEU A 288 -24.16 -12.79 17.48
C LEU A 288 -23.91 -11.97 18.73
N GLN A 289 -22.80 -11.23 18.78
CA GLN A 289 -22.57 -10.40 19.95
C GLN A 289 -23.68 -9.38 20.10
N ALA A 290 -24.13 -8.80 18.99
CA ALA A 290 -25.25 -7.86 19.07
C ALA A 290 -26.48 -8.54 19.65
N MET A 291 -26.68 -9.82 19.35
CA MET A 291 -27.83 -10.53 19.90
C MET A 291 -27.74 -10.63 21.40
N ASN A 292 -26.54 -10.68 21.96
CA ASN A 292 -26.36 -10.99 23.36
C ASN A 292 -26.31 -9.76 24.24
N THR A 293 -25.78 -8.64 23.75
CA THR A 293 -25.56 -7.48 24.59
C THR A 293 -26.81 -6.69 24.86
N GLY A 294 -28.02 -7.17 24.59
CA GLY A 294 -29.22 -6.43 24.92
C GLY A 294 -29.97 -5.90 23.71
N HIS A 295 -30.01 -6.70 22.64
CA HIS A 295 -30.79 -6.36 21.45
C HIS A 295 -31.76 -7.48 21.15
N ASP A 296 -32.43 -7.99 22.17
CA ASP A 296 -33.28 -9.17 22.00
C ASP A 296 -34.25 -8.98 20.85
N GLY A 297 -34.09 -9.76 19.79
CA GLY A 297 -35.03 -9.75 18.69
C GLY A 297 -34.42 -9.58 17.32
N SER A 298 -33.10 -9.69 17.21
CA SER A 298 -32.46 -9.61 15.92
C SER A 298 -32.89 -10.78 15.04
N MET A 299 -32.40 -10.80 13.81
CA MET A 299 -32.69 -11.88 12.88
C MET A 299 -31.47 -12.09 12.01
N GLY A 300 -31.66 -12.80 10.90
CA GLY A 300 -30.55 -13.05 10.01
C GLY A 300 -30.88 -14.16 9.04
N THR A 301 -29.90 -14.46 8.20
CA THR A 301 -30.01 -15.57 7.26
C THR A 301 -28.62 -16.13 6.99
N LEU A 302 -28.58 -17.36 6.49
CA LEU A 302 -27.32 -17.94 6.04
C LEU A 302 -27.66 -19.14 5.16
N HIS A 303 -26.63 -19.74 4.58
CA HIS A 303 -26.78 -20.82 3.63
C HIS A 303 -26.37 -22.14 4.27
N ALA A 304 -27.33 -23.05 4.44
CA ALA A 304 -27.07 -24.37 4.98
C ALA A 304 -28.34 -25.17 4.90
N ASN A 305 -28.21 -26.49 4.84
CA ASN A 305 -29.35 -27.36 4.59
C ASN A 305 -30.04 -27.79 5.88
N SER A 306 -29.36 -28.51 6.71
CA SER A 306 -29.96 -28.95 7.95
C SER A 306 -29.49 -28.07 9.10
N PRO A 307 -30.33 -27.84 10.12
CA PRO A 307 -29.93 -26.86 11.15
C PRO A 307 -28.56 -27.13 11.73
N ARG A 308 -28.21 -28.39 11.97
CA ARG A 308 -26.91 -28.68 12.53
C ARG A 308 -25.80 -28.23 11.59
N GLU A 309 -26.00 -28.41 10.28
CA GLU A 309 -25.07 -27.82 9.33
C GLU A 309 -25.03 -26.32 9.48
N ALA A 310 -26.15 -25.69 9.83
CA ALA A 310 -26.14 -24.24 10.01
C ALA A 310 -25.25 -23.86 11.19
N ILE A 311 -25.34 -24.59 12.30
CA ILE A 311 -24.49 -24.30 13.45
C ILE A 311 -23.04 -24.49 13.09
N SER A 312 -22.73 -25.58 12.38
CA SER A 312 -21.35 -25.81 11.97
C SER A 312 -20.85 -24.67 11.07
N ARG A 313 -21.71 -24.20 10.17
CA ARG A 313 -21.34 -23.10 9.30
C ARG A 313 -21.04 -21.84 10.11
N ILE A 314 -21.87 -21.55 11.10
CA ILE A 314 -21.63 -20.35 11.92
C ILE A 314 -20.29 -20.47 12.62
N GLU A 315 -20.00 -21.64 13.19
CA GLU A 315 -18.72 -21.82 13.87
C GLU A 315 -17.56 -21.65 12.89
N SER A 316 -17.71 -22.19 11.68
CA SER A 316 -16.66 -22.02 10.68
C SER A 316 -16.47 -20.54 10.35
N MET A 317 -17.57 -19.80 10.24
CA MET A 317 -17.47 -18.37 9.96
C MET A 317 -16.68 -17.67 11.04
N ILE A 318 -17.03 -17.93 12.31
CA ILE A 318 -16.33 -17.28 13.41
C ILE A 318 -14.86 -17.64 13.39
N THR A 319 -14.55 -18.92 13.15
CA THR A 319 -13.14 -19.34 13.08
C THR A 319 -12.42 -18.60 11.98
N MET A 320 -13.05 -18.46 10.82
CA MET A 320 -12.49 -17.62 9.75
C MET A 320 -12.34 -16.18 10.22
N GLY A 321 -13.06 -15.81 11.28
CA GLY A 321 -12.92 -14.47 11.84
C GLY A 321 -11.52 -14.13 12.28
N GLY A 322 -10.68 -15.13 12.51
CA GLY A 322 -9.29 -14.86 12.85
C GLY A 322 -9.07 -14.33 14.26
N TYR A 323 -9.95 -14.69 15.20
CA TYR A 323 -9.81 -14.28 16.59
C TYR A 323 -9.23 -15.36 17.47
N GLY A 324 -9.27 -16.62 17.05
CA GLY A 324 -8.58 -17.67 17.74
C GLY A 324 -9.21 -18.13 19.03
N LEU A 325 -10.51 -17.89 19.21
CA LEU A 325 -11.17 -18.35 20.41
C LEU A 325 -11.19 -19.87 20.46
N PRO A 326 -11.26 -20.46 21.64
CA PRO A 326 -11.37 -21.92 21.75
C PRO A 326 -12.71 -22.40 21.21
N SER A 327 -12.71 -23.65 20.76
CA SER A 327 -13.91 -24.23 20.18
C SER A 327 -15.06 -24.36 21.17
N LYS A 328 -14.80 -24.18 22.46
CA LYS A 328 -15.87 -24.27 23.46
C LYS A 328 -16.55 -22.93 23.68
N THR A 329 -15.78 -21.84 23.72
CA THR A 329 -16.40 -20.54 23.97
C THR A 329 -17.37 -20.17 22.87
N ILE A 330 -17.01 -20.45 21.62
CA ILE A 330 -17.89 -20.10 20.52
C ILE A 330 -19.21 -20.86 20.64
N LYS A 331 -19.15 -22.14 20.97
CA LYS A 331 -20.37 -22.91 21.13
C LYS A 331 -21.20 -22.39 22.30
N GLU A 332 -20.55 -22.02 23.39
CA GLU A 332 -21.29 -21.45 24.51
C GLU A 332 -22.01 -20.17 24.08
N MET A 333 -21.33 -19.32 23.32
CA MET A 333 -21.93 -18.09 22.83
C MET A 333 -23.16 -18.38 21.97
N ILE A 334 -23.02 -19.33 21.05
CA ILE A 334 -24.15 -19.66 20.17
C ILE A 334 -25.31 -20.17 21.01
N VAL A 335 -25.04 -21.04 21.99
CA VAL A 335 -26.12 -21.56 22.82
C VAL A 335 -26.76 -20.46 23.65
N GLY A 336 -26.01 -19.43 24.01
CA GLY A 336 -26.57 -18.37 24.81
C GLY A 336 -27.37 -17.38 24.00
N SER A 337 -27.06 -17.22 22.72
CA SER A 337 -27.70 -16.20 21.90
C SER A 337 -28.92 -16.74 21.16
N VAL A 338 -28.71 -17.72 20.27
CA VAL A 338 -29.76 -18.16 19.38
C VAL A 338 -30.89 -18.79 20.17
N ASP A 339 -32.12 -18.62 19.68
CA ASP A 339 -33.30 -19.17 20.33
C ASP A 339 -34.18 -19.99 19.41
N VAL A 340 -34.15 -19.71 18.10
CA VAL A 340 -34.83 -20.52 17.11
C VAL A 340 -34.03 -20.45 15.82
N ILE A 341 -33.91 -21.57 15.14
CA ILE A 341 -33.26 -21.62 13.82
C ILE A 341 -34.28 -22.20 12.85
N ILE A 342 -35.12 -21.33 12.30
CA ILE A 342 -36.11 -21.80 11.34
C ILE A 342 -35.40 -22.39 10.14
N GLN A 343 -36.10 -23.22 9.37
CA GLN A 343 -35.56 -23.83 8.18
C GLN A 343 -36.47 -23.52 6.99
N ALA A 344 -35.88 -23.56 5.80
CA ALA A 344 -36.62 -23.42 4.57
C ALA A 344 -35.86 -24.17 3.49
N ALA A 345 -36.58 -24.87 2.63
CA ALA A 345 -35.93 -25.66 1.60
C ALA A 345 -36.86 -25.81 0.40
N ARG A 346 -36.24 -26.03 -0.77
CA ARG A 346 -36.96 -26.30 -2.00
C ARG A 346 -36.90 -27.79 -2.27
N LEU A 347 -38.07 -28.39 -2.47
CA LEU A 347 -38.17 -29.81 -2.72
C LEU A 347 -38.23 -30.09 -4.23
N ARG A 348 -38.06 -31.36 -4.59
CA ARG A 348 -37.97 -31.72 -5.98
C ARG A 348 -39.22 -31.36 -6.76
N ASP A 349 -40.37 -31.25 -6.10
CA ASP A 349 -41.61 -30.95 -6.81
C ASP A 349 -41.68 -29.49 -7.26
N GLY A 350 -40.68 -28.67 -6.92
CA GLY A 350 -40.68 -27.28 -7.29
C GLY A 350 -41.37 -26.36 -6.30
N SER A 351 -42.00 -26.89 -5.27
CA SER A 351 -42.66 -26.07 -4.26
C SER A 351 -41.61 -25.54 -3.29
N ARG A 352 -42.07 -24.99 -2.17
CA ARG A 352 -41.19 -24.47 -1.13
C ARG A 352 -41.83 -24.74 0.23
N ARG A 353 -41.09 -25.40 1.12
CA ARG A 353 -41.63 -25.86 2.38
C ARG A 353 -40.71 -25.47 3.52
N ILE A 354 -41.29 -25.29 4.70
CA ILE A 354 -40.52 -25.05 5.92
C ILE A 354 -40.35 -26.41 6.60
N THR A 355 -39.21 -27.04 6.38
CA THR A 355 -39.05 -28.42 6.83
C THR A 355 -38.96 -28.51 8.35
N HIS A 356 -38.20 -27.62 8.98
CA HIS A 356 -37.94 -27.73 10.42
C HIS A 356 -38.23 -26.40 11.11
N ILE A 357 -38.50 -26.49 12.41
CA ILE A 357 -38.54 -25.33 13.29
C ILE A 357 -37.78 -25.75 14.55
N THR A 358 -36.47 -25.52 14.56
CA THR A 358 -35.59 -26.07 15.56
C THR A 358 -35.29 -25.02 16.62
N GLU A 359 -35.04 -25.47 17.84
CA GLU A 359 -34.59 -24.62 18.92
C GLU A 359 -33.12 -24.88 19.22
N VAL A 360 -32.63 -24.24 20.27
CA VAL A 360 -31.31 -24.51 20.81
C VAL A 360 -31.50 -24.77 22.29
N VAL A 361 -31.60 -26.04 22.67
CA VAL A 361 -31.96 -26.38 24.04
C VAL A 361 -30.86 -25.98 25.01
N GLY A 362 -29.62 -26.30 24.68
CA GLY A 362 -28.53 -25.95 25.58
C GLY A 362 -27.23 -26.55 25.10
N LEU A 363 -26.27 -26.59 26.02
CA LEU A 363 -24.94 -27.12 25.75
C LEU A 363 -24.70 -28.35 26.62
N GLU A 364 -24.17 -29.41 26.01
CA GLU A 364 -23.85 -30.62 26.75
C GLU A 364 -22.61 -31.23 26.12
N GLY A 365 -21.52 -31.28 26.88
CA GLY A 365 -20.28 -31.77 26.33
C GLY A 365 -19.88 -30.93 25.13
N ASP A 366 -19.63 -31.60 24.01
CA ASP A 366 -19.30 -30.92 22.76
C ASP A 366 -20.47 -30.88 21.78
N VAL A 367 -21.68 -31.21 22.25
CA VAL A 367 -22.88 -31.19 21.42
C VAL A 367 -23.82 -30.13 21.95
N ILE A 368 -24.32 -29.29 21.04
CA ILE A 368 -25.34 -28.31 21.37
C ILE A 368 -26.70 -28.99 21.21
N VAL A 369 -27.33 -29.30 22.34
CA VAL A 369 -28.58 -30.05 22.32
C VAL A 369 -29.69 -29.15 21.80
N THR A 370 -30.41 -29.65 20.80
CA THR A 370 -31.53 -28.96 20.17
C THR A 370 -32.76 -29.86 20.23
N GLN A 371 -33.93 -29.24 20.26
CA GLN A 371 -35.18 -29.97 20.12
C GLN A 371 -36.02 -29.29 19.06
N ASP A 372 -36.93 -30.05 18.44
CA ASP A 372 -37.73 -29.54 17.35
C ASP A 372 -39.18 -29.36 17.79
N LEU A 373 -39.79 -28.29 17.29
CA LEU A 373 -41.20 -28.01 17.57
C LEU A 373 -42.13 -28.51 16.48
N PHE A 374 -41.65 -28.61 15.25
CA PHE A 374 -42.42 -29.16 14.15
C PHE A 374 -41.46 -29.72 13.13
N VAL A 375 -41.97 -30.56 12.24
CA VAL A 375 -41.15 -31.13 11.17
C VAL A 375 -42.06 -31.46 9.99
N TYR A 376 -41.45 -31.69 8.83
CA TYR A 376 -42.16 -31.98 7.59
C TYR A 376 -41.91 -33.44 7.24
N GLU A 377 -42.92 -34.28 7.47
CA GLU A 377 -42.82 -35.72 7.21
C GLU A 377 -43.54 -36.02 5.91
N ILE A 378 -42.78 -36.45 4.90
CA ILE A 378 -43.37 -36.75 3.60
C ILE A 378 -44.21 -38.02 3.68
N THR A 379 -45.20 -38.13 2.81
CA THR A 379 -45.98 -39.35 2.66
C THR A 379 -45.79 -40.03 1.32
N GLY A 380 -45.53 -39.26 0.25
CA GLY A 380 -45.33 -39.85 -1.05
C GLY A 380 -45.30 -38.79 -2.12
N GLU A 381 -45.24 -39.26 -3.37
CA GLU A 381 -45.18 -38.41 -4.55
C GLU A 381 -46.32 -38.78 -5.48
N ASP A 382 -46.99 -37.77 -6.02
CA ASP A 382 -48.22 -37.97 -6.78
C ASP A 382 -47.91 -38.11 -8.27
N GLU A 383 -48.97 -38.41 -9.04
CA GLU A 383 -48.80 -38.65 -10.47
C GLU A 383 -48.51 -37.36 -11.23
N HIS A 384 -48.98 -36.22 -10.74
CA HIS A 384 -48.80 -34.95 -11.41
C HIS A 384 -47.38 -34.41 -11.27
N GLY A 385 -46.52 -35.09 -10.52
CA GLY A 385 -45.17 -34.63 -10.28
C GLY A 385 -44.98 -33.87 -8.99
N LYS A 386 -45.82 -34.11 -7.98
CA LYS A 386 -45.75 -33.41 -6.72
C LYS A 386 -45.10 -34.25 -5.64
N VAL A 387 -44.76 -33.60 -4.53
CA VAL A 387 -44.35 -34.26 -3.30
C VAL A 387 -45.23 -33.73 -2.17
N VAL A 388 -45.87 -34.65 -1.45
CA VAL A 388 -46.86 -34.29 -0.44
C VAL A 388 -46.45 -34.89 0.90
N GLY A 389 -46.67 -34.12 1.96
CA GLY A 389 -46.34 -34.57 3.30
C GLY A 389 -47.29 -34.00 4.33
N LYS A 390 -46.82 -33.86 5.57
CA LYS A 390 -47.62 -33.30 6.62
C LYS A 390 -46.70 -32.69 7.68
N HIS A 391 -47.21 -31.65 8.34
CA HIS A 391 -46.46 -30.96 9.38
C HIS A 391 -46.74 -31.64 10.71
N ARG A 392 -45.79 -32.44 11.16
CA ARG A 392 -45.93 -33.22 12.38
C ARG A 392 -45.38 -32.44 13.57
N SER A 393 -46.08 -32.56 14.70
CA SER A 393 -45.74 -31.89 15.94
C SER A 393 -45.00 -32.85 16.86
N THR A 394 -44.69 -32.38 18.07
CA THR A 394 -44.02 -33.20 19.06
C THR A 394 -44.57 -32.97 20.46
N GLY A 395 -45.80 -32.47 20.55
CA GLY A 395 -46.51 -32.33 21.80
C GLY A 395 -45.70 -31.74 22.95
N ILE A 396 -44.68 -30.94 22.63
CA ILE A 396 -43.84 -30.36 23.66
C ILE A 396 -44.66 -29.47 24.55
N ALA A 397 -44.57 -29.68 25.87
CA ALA A 397 -45.35 -28.90 26.81
C ALA A 397 -44.79 -27.49 26.99
N ARG A 398 -43.47 -27.35 27.03
CA ARG A 398 -42.87 -26.05 27.29
C ARG A 398 -41.55 -25.88 26.54
N PRO A 399 -41.43 -24.89 25.65
CA PRO A 399 -40.13 -24.58 25.05
C PRO A 399 -39.19 -23.93 26.05
N ARG A 400 -37.95 -23.66 25.62
CA ARG A 400 -36.99 -23.02 26.51
C ARG A 400 -37.38 -21.59 26.86
N PHE A 401 -38.14 -20.92 26.01
CA PHE A 401 -38.43 -19.50 26.18
C PHE A 401 -39.80 -19.25 26.84
N TRP A 402 -40.40 -20.29 27.43
CA TRP A 402 -41.75 -20.12 27.96
C TRP A 402 -41.83 -18.95 28.91
N ASP A 403 -40.77 -18.72 29.70
CA ASP A 403 -40.78 -17.58 30.61
C ASP A 403 -40.92 -16.27 29.84
N ARG A 404 -40.16 -16.12 28.76
CA ARG A 404 -40.25 -14.89 27.99
C ARG A 404 -41.66 -14.69 27.43
N ALA A 405 -42.22 -15.72 26.82
CA ALA A 405 -43.59 -15.63 26.33
C ALA A 405 -44.57 -15.30 27.44
N ARG A 406 -44.28 -15.74 28.66
CA ARG A 406 -45.08 -15.32 29.80
C ARG A 406 -44.90 -13.84 30.09
N TYR A 407 -43.69 -13.32 29.88
CA TYR A 407 -43.42 -11.92 30.18
C TYR A 407 -44.17 -11.00 29.23
N TYR A 408 -43.90 -11.11 27.93
CA TYR A 408 -44.50 -10.19 26.97
C TYR A 408 -45.99 -10.41 26.79
N GLY A 409 -46.62 -11.25 27.62
CA GLY A 409 -48.07 -11.26 27.71
C GLY A 409 -48.78 -12.03 26.62
N LEU A 410 -48.18 -13.09 26.11
CA LEU A 410 -48.84 -13.98 25.15
C LEU A 410 -48.56 -15.43 25.53
N GLU A 411 -48.73 -15.74 26.81
CA GLU A 411 -48.37 -17.07 27.30
C GLU A 411 -49.29 -18.14 26.74
N ARG A 412 -50.61 -17.92 26.81
CA ARG A 412 -51.54 -19.00 26.49
C ARG A 412 -51.40 -19.45 25.06
N GLU A 413 -51.32 -18.51 24.13
CA GLU A 413 -51.37 -18.84 22.71
C GLU A 413 -50.38 -19.93 22.36
N LEU A 414 -49.18 -19.87 22.92
CA LEU A 414 -48.16 -20.86 22.60
C LEU A 414 -48.64 -22.27 22.94
N ALA A 415 -49.09 -22.46 24.18
CA ALA A 415 -49.56 -23.78 24.60
C ALA A 415 -50.79 -24.21 23.83
N GLU A 416 -51.71 -23.28 23.60
CA GLU A 416 -52.91 -23.61 22.83
C GLU A 416 -52.52 -24.17 21.48
N ALA A 417 -51.64 -23.49 20.77
CA ALA A 417 -51.25 -23.95 19.43
C ALA A 417 -50.51 -25.28 19.50
N LEU A 418 -49.53 -25.40 20.40
CA LEU A 418 -48.73 -26.62 20.46
C LEU A 418 -49.61 -27.82 20.78
N ASP A 419 -50.55 -27.67 21.72
CA ASP A 419 -51.40 -28.79 22.10
C ASP A 419 -52.42 -29.09 21.00
N ALA A 420 -53.06 -28.06 20.44
CA ALA A 420 -54.09 -28.27 19.44
C ALA A 420 -53.52 -28.77 18.11
N ALA A 421 -52.21 -28.65 17.89
CA ALA A 421 -51.64 -29.16 16.66
C ALA A 421 -51.99 -30.63 16.45
N GLU A 422 -52.13 -31.39 17.53
CA GLU A 422 -52.48 -32.79 17.42
C GLU A 422 -53.83 -33.00 16.75
N ALA A 423 -54.68 -31.97 16.71
CA ALA A 423 -55.95 -32.06 16.02
C ALA A 423 -55.73 -32.44 14.56
N ASP B 1 -5.65 11.22 -64.46
CA ASP B 1 -4.46 12.05 -64.59
C ASP B 1 -4.80 13.52 -64.40
N TYR B 2 -5.36 14.14 -65.44
CA TYR B 2 -5.73 15.54 -65.37
C TYR B 2 -6.86 15.79 -64.38
N TYR B 3 -7.53 14.74 -63.89
CA TYR B 3 -8.54 14.93 -62.86
C TYR B 3 -7.93 15.51 -61.60
N HIS B 4 -6.70 15.09 -61.26
CA HIS B 4 -6.03 15.65 -60.08
C HIS B 4 -5.77 17.14 -60.24
N ALA B 5 -5.15 17.53 -61.36
CA ALA B 5 -4.85 18.95 -61.57
C ALA B 5 -6.11 19.78 -61.72
N THR B 6 -7.09 19.28 -62.49
CA THR B 6 -8.34 20.01 -62.66
C THR B 6 -9.06 20.16 -61.34
N LYS B 7 -9.06 19.12 -60.51
CA LYS B 7 -9.68 19.20 -59.20
C LYS B 7 -8.93 20.19 -58.31
N THR B 8 -7.61 20.23 -58.40
CA THR B 8 -6.86 21.19 -57.61
C THR B 8 -7.22 22.62 -58.00
N THR B 9 -7.25 22.91 -59.29
CA THR B 9 -7.60 24.26 -59.74
C THR B 9 -9.03 24.62 -59.33
N ILE B 10 -9.97 23.68 -59.53
CA ILE B 10 -11.36 23.95 -59.18
C ILE B 10 -11.52 24.12 -57.68
N PHE B 11 -10.77 23.36 -56.88
CA PHE B 11 -10.85 23.50 -55.43
C PHE B 11 -10.31 24.84 -54.98
N ASN B 12 -9.21 25.29 -55.58
CA ASN B 12 -8.71 26.63 -55.27
C ASN B 12 -9.74 27.69 -55.64
N ALA B 13 -10.38 27.53 -56.81
CA ALA B 13 -11.41 28.47 -57.21
C ALA B 13 -12.57 28.48 -56.22
N LEU B 14 -12.99 27.29 -55.76
CA LEU B 14 -14.09 27.21 -54.81
C LEU B 14 -13.72 27.88 -53.49
N LEU B 15 -12.51 27.60 -52.99
CA LEU B 15 -12.07 28.25 -51.75
C LEU B 15 -12.10 29.76 -51.91
N ASN B 16 -11.62 30.26 -53.05
CA ASN B 16 -11.73 31.69 -53.32
C ASN B 16 -13.19 32.13 -53.30
N THR B 17 -14.10 31.28 -53.80
CA THR B 17 -15.51 31.65 -53.85
C THR B 17 -16.18 31.42 -52.50
N ILE B 18 -16.19 30.19 -52.01
CA ILE B 18 -16.73 29.85 -50.70
C ILE B 18 -15.64 29.13 -49.93
N ASP B 19 -15.37 29.60 -48.71
CA ASP B 19 -14.36 29.03 -47.84
C ASP B 19 -15.01 28.07 -46.83
N LEU B 20 -14.26 27.05 -46.45
CA LEU B 20 -14.77 26.08 -45.48
C LEU B 20 -15.20 26.77 -44.19
N SER B 21 -14.59 27.92 -43.88
CA SER B 21 -15.07 28.73 -42.77
C SER B 21 -16.51 29.21 -43.01
N GLN B 22 -16.97 29.16 -44.26
CA GLN B 22 -18.36 29.48 -44.58
C GLN B 22 -19.29 28.29 -44.34
N LEU B 23 -18.87 27.33 -43.50
CA LEU B 23 -19.73 26.22 -43.16
C LEU B 23 -21.02 26.72 -42.54
N ALA B 24 -22.14 26.17 -43.00
CA ALA B 24 -23.50 26.57 -42.67
C ALA B 24 -23.89 27.86 -43.39
N GLN B 25 -22.97 28.51 -44.09
CA GLN B 25 -23.29 29.58 -45.02
C GLN B 25 -23.41 28.95 -46.41
N LEU B 26 -24.48 29.26 -47.12
CA LEU B 26 -24.86 28.50 -48.30
C LEU B 26 -25.13 27.04 -47.91
N ASP B 27 -26.17 26.88 -47.10
CA ASP B 27 -26.50 25.60 -46.48
C ASP B 27 -26.59 24.48 -47.50
N LEU B 28 -26.63 23.23 -47.02
CA LEU B 28 -26.32 22.06 -47.83
C LEU B 28 -26.81 22.18 -49.27
N LYS B 29 -28.12 22.37 -49.45
CA LYS B 29 -28.63 22.57 -50.80
C LYS B 29 -28.07 23.84 -51.41
N GLN B 30 -27.96 24.90 -50.60
CA GLN B 30 -27.38 26.14 -51.09
C GLN B 30 -25.94 25.94 -51.52
N ALA B 31 -25.17 25.15 -50.76
CA ALA B 31 -23.81 24.84 -51.18
C ALA B 31 -23.80 24.07 -52.48
N GLY B 32 -24.56 22.97 -52.55
CA GLY B 32 -24.59 22.17 -53.76
C GLY B 32 -24.96 22.98 -54.99
N GLU B 33 -25.76 24.04 -54.80
CA GLU B 33 -26.12 24.90 -55.92
C GLU B 33 -25.01 25.90 -56.25
N GLU B 34 -24.61 26.70 -55.25
CA GLU B 34 -23.68 27.80 -55.51
C GLU B 34 -22.30 27.29 -55.91
N ILE B 35 -21.76 26.34 -55.16
CA ILE B 35 -20.44 25.81 -55.51
C ILE B 35 -20.49 25.10 -56.86
N ARG B 36 -21.58 24.40 -57.15
CA ARG B 36 -21.71 23.76 -58.46
C ARG B 36 -21.68 24.81 -59.57
N ASP B 37 -22.40 25.91 -59.39
CA ASP B 37 -22.39 26.96 -60.41
C ASP B 37 -21.00 27.56 -60.55
N ILE B 38 -20.32 27.79 -59.43
CA ILE B 38 -18.98 28.37 -59.48
C ILE B 38 -18.03 27.45 -60.23
N VAL B 39 -18.13 26.15 -59.98
CA VAL B 39 -17.28 25.18 -60.67
C VAL B 39 -17.60 25.15 -62.16
N ALA B 40 -18.89 25.19 -62.51
CA ALA B 40 -19.27 25.19 -63.91
C ALA B 40 -18.71 26.41 -64.64
N GLU B 41 -18.78 27.58 -64.01
CA GLU B 41 -18.23 28.79 -64.62
C GLU B 41 -16.71 28.71 -64.73
N LEU B 42 -16.04 28.26 -63.66
CA LEU B 42 -14.58 28.17 -63.69
C LEU B 42 -14.10 27.13 -64.68
N VAL B 43 -14.98 26.19 -65.06
CA VAL B 43 -14.61 25.24 -66.11
C VAL B 43 -14.29 25.97 -67.41
N ALA B 44 -15.03 27.04 -67.70
CA ALA B 44 -14.77 27.84 -68.90
C ALA B 44 -13.79 28.97 -68.65
N ILE B 45 -13.81 29.56 -67.45
CA ILE B 45 -12.87 30.65 -67.14
C ILE B 45 -11.43 30.12 -67.22
N LYS B 46 -11.19 28.95 -66.64
CA LYS B 46 -9.89 28.28 -66.71
C LYS B 46 -10.05 27.02 -67.56
N ASN B 47 -9.27 26.95 -68.65
CA ASN B 47 -9.38 25.83 -69.56
C ASN B 47 -9.05 24.53 -68.84
N VAL B 48 -9.83 23.48 -69.14
CA VAL B 48 -9.61 22.17 -68.55
C VAL B 48 -10.10 21.12 -69.54
N SER B 49 -9.50 19.93 -69.46
CA SER B 49 -9.90 18.82 -70.31
C SER B 49 -11.25 18.23 -69.93
N MET B 50 -11.80 18.62 -68.77
CA MET B 50 -13.05 18.05 -68.27
C MET B 50 -14.25 18.54 -69.09
N SER B 51 -15.06 17.60 -69.55
CA SER B 51 -16.29 17.90 -70.27
C SER B 51 -17.45 18.08 -69.28
N VAL B 52 -18.67 18.12 -69.83
CA VAL B 52 -19.85 18.35 -69.00
C VAL B 52 -19.98 17.25 -67.95
N ALA B 53 -19.83 15.99 -68.37
CA ALA B 53 -19.82 14.90 -67.40
C ALA B 53 -18.67 15.06 -66.42
N GLU B 54 -17.50 15.45 -66.93
CA GLU B 54 -16.36 15.72 -66.06
C GLU B 54 -16.67 16.87 -65.11
N GLN B 55 -17.36 17.91 -65.61
CA GLN B 55 -17.72 19.04 -64.75
C GLN B 55 -18.63 18.57 -63.62
N GLU B 56 -19.63 17.74 -63.94
CA GLU B 56 -20.53 17.24 -62.89
C GLU B 56 -19.77 16.37 -61.89
N HIS B 57 -18.90 15.50 -62.37
CA HIS B 57 -18.16 14.62 -61.47
C HIS B 57 -17.26 15.42 -60.55
N LEU B 58 -16.55 16.42 -61.09
CA LEU B 58 -15.70 17.25 -60.26
C LEU B 58 -16.51 18.11 -59.31
N VAL B 59 -17.71 18.53 -59.71
CA VAL B 59 -18.61 19.22 -58.79
C VAL B 59 -18.95 18.32 -57.62
N GLN B 60 -19.27 17.06 -57.91
CA GLN B 60 -19.57 16.11 -56.84
C GLN B 60 -18.35 15.93 -55.92
N ASP B 61 -17.17 15.83 -56.51
CA ASP B 61 -15.97 15.64 -55.70
C ASP B 61 -15.72 16.85 -54.82
N ILE B 62 -15.91 18.05 -55.34
CA ILE B 62 -15.78 19.26 -54.54
C ILE B 62 -16.78 19.23 -53.40
N ILE B 63 -18.02 18.81 -53.68
CA ILE B 63 -19.05 18.76 -52.65
C ILE B 63 -18.61 17.81 -51.54
N ASN B 64 -18.11 16.63 -51.90
CA ASN B 64 -17.67 15.66 -50.90
C ASN B 64 -16.52 16.23 -50.08
N ASP B 65 -15.57 16.90 -50.75
CA ASP B 65 -14.48 17.52 -50.01
C ASP B 65 -15.00 18.57 -49.04
N VAL B 66 -16.05 19.28 -49.40
CA VAL B 66 -16.63 20.30 -48.53
C VAL B 66 -17.22 19.65 -47.28
N LEU B 67 -18.01 18.61 -47.46
CA LEU B 67 -18.68 17.95 -46.34
C LEU B 67 -18.49 16.44 -46.38
N GLY B 68 -18.27 15.88 -47.56
CA GLY B 68 -18.25 14.45 -47.72
C GLY B 68 -17.07 13.80 -47.02
N TYR B 69 -17.05 12.47 -47.09
CA TYR B 69 -16.00 11.66 -46.49
C TYR B 69 -14.87 11.36 -47.46
N GLY B 70 -14.91 11.89 -48.68
CA GLY B 70 -13.86 11.67 -49.63
C GLY B 70 -13.92 10.30 -50.26
N PRO B 71 -12.78 9.80 -50.73
CA PRO B 71 -12.77 8.49 -51.42
C PRO B 71 -13.23 7.33 -50.56
N LEU B 72 -13.63 7.58 -49.31
CA LEU B 72 -14.27 6.53 -48.52
C LEU B 72 -15.68 6.25 -49.04
N GLU B 73 -16.39 7.28 -49.48
CA GLU B 73 -17.81 7.12 -49.79
C GLU B 73 -18.08 6.06 -50.84
N PRO B 74 -17.33 5.95 -51.93
CA PRO B 74 -17.62 4.88 -52.90
C PRO B 74 -17.60 3.50 -52.28
N LEU B 75 -16.81 3.29 -51.22
CA LEU B 75 -16.76 2.00 -50.53
C LEU B 75 -17.86 1.89 -49.49
N LEU B 76 -17.89 2.83 -48.53
CA LEU B 76 -18.91 2.76 -47.48
C LEU B 76 -20.31 2.71 -48.07
N ALA B 77 -20.52 3.33 -49.22
CA ALA B 77 -21.81 3.22 -49.88
C ALA B 77 -22.14 1.79 -50.27
N ARG B 78 -21.12 0.97 -50.54
CA ARG B 78 -21.36 -0.40 -50.95
C ARG B 78 -21.72 -1.25 -49.73
N ASP B 79 -22.24 -2.45 -50.00
CA ASP B 79 -22.67 -3.37 -48.95
C ASP B 79 -21.80 -4.60 -48.83
N ASP B 80 -21.25 -5.08 -49.94
CA ASP B 80 -20.41 -6.29 -49.94
C ASP B 80 -18.99 -6.02 -49.47
N ILE B 81 -18.74 -4.89 -48.81
CA ILE B 81 -17.45 -4.56 -48.23
C ILE B 81 -17.61 -4.57 -46.72
N ALA B 82 -16.92 -5.49 -46.04
CA ALA B 82 -17.15 -5.72 -44.62
C ALA B 82 -16.39 -4.73 -43.75
N ASP B 83 -15.06 -4.72 -43.84
CA ASP B 83 -14.23 -3.87 -43.02
C ASP B 83 -13.39 -2.96 -43.88
N ILE B 84 -13.14 -1.75 -43.37
CA ILE B 84 -12.23 -0.79 -43.99
C ILE B 84 -11.09 -0.52 -43.00
N MET B 85 -9.85 -0.61 -43.48
CA MET B 85 -8.68 -0.42 -42.65
C MET B 85 -7.78 0.59 -43.33
N VAL B 86 -7.57 1.75 -42.71
CA VAL B 86 -6.79 2.81 -43.31
C VAL B 86 -5.54 3.03 -42.46
N ASN B 87 -4.38 2.83 -43.07
CA ASN B 87 -3.09 3.10 -42.45
C ASN B 87 -2.34 4.10 -43.32
N GLY B 88 -1.88 5.18 -42.69
CA GLY B 88 -1.21 6.20 -43.47
C GLY B 88 -2.17 6.89 -44.42
N ALA B 89 -1.60 7.45 -45.49
CA ALA B 89 -2.38 8.16 -46.48
C ALA B 89 -2.45 7.47 -47.83
N HIS B 90 -1.51 6.58 -48.12
CA HIS B 90 -1.44 5.94 -49.44
C HIS B 90 -1.75 4.45 -49.35
N ARG B 91 -2.60 4.05 -48.41
CA ARG B 91 -2.96 2.63 -48.27
C ARG B 91 -4.32 2.52 -47.60
N VAL B 92 -5.25 1.85 -48.26
CA VAL B 92 -6.55 1.52 -47.69
C VAL B 92 -6.87 0.09 -48.07
N PHE B 93 -7.07 -0.77 -47.06
CA PHE B 93 -7.42 -2.16 -47.26
C PHE B 93 -8.91 -2.35 -47.07
N ILE B 94 -9.50 -3.22 -47.90
CA ILE B 94 -10.91 -3.55 -47.81
C ILE B 94 -11.06 -5.06 -47.71
N GLU B 95 -11.92 -5.51 -46.80
CA GLU B 95 -12.18 -6.94 -46.69
C GLU B 95 -13.39 -7.31 -47.54
N VAL B 96 -13.25 -8.38 -48.31
CA VAL B 96 -14.31 -8.84 -49.22
C VAL B 96 -14.45 -10.34 -49.00
N GLY B 97 -15.39 -10.74 -48.14
CA GLY B 97 -15.68 -12.14 -47.92
C GLY B 97 -14.48 -12.96 -47.49
N GLY B 98 -13.95 -12.68 -46.30
CA GLY B 98 -12.90 -13.50 -45.72
C GLY B 98 -11.51 -13.26 -46.25
N LYS B 99 -11.30 -12.19 -47.02
CA LYS B 99 -9.98 -11.88 -47.55
C LYS B 99 -9.79 -10.38 -47.58
N VAL B 100 -8.54 -9.96 -47.59
CA VAL B 100 -8.17 -8.55 -47.62
C VAL B 100 -7.56 -8.22 -48.96
N GLN B 101 -7.95 -7.08 -49.53
CA GLN B 101 -7.33 -6.61 -50.76
C GLN B 101 -6.96 -5.15 -50.61
N LEU B 102 -5.80 -4.79 -51.16
CA LEU B 102 -5.32 -3.42 -51.09
C LEU B 102 -6.00 -2.58 -52.15
N THR B 103 -6.56 -1.45 -51.72
CA THR B 103 -7.31 -0.59 -52.60
C THR B 103 -6.38 0.19 -53.52
N ASN B 104 -6.92 0.60 -54.67
CA ASN B 104 -6.29 1.59 -55.52
C ASN B 104 -6.58 3.01 -55.05
N VAL B 105 -7.38 3.16 -54.00
CA VAL B 105 -7.71 4.48 -53.49
C VAL B 105 -6.51 5.09 -52.78
N ARG B 106 -6.51 6.41 -52.69
CA ARG B 106 -5.38 7.16 -52.15
C ARG B 106 -5.93 8.30 -51.31
N PHE B 107 -5.05 9.24 -50.96
CA PHE B 107 -5.45 10.48 -50.32
C PHE B 107 -4.43 11.56 -50.70
N ARG B 108 -4.62 12.75 -50.14
CA ARG B 108 -3.74 13.88 -50.40
C ARG B 108 -2.57 13.92 -49.43
N ASP B 109 -2.87 13.98 -48.12
CA ASP B 109 -1.84 14.06 -47.11
C ASP B 109 -2.42 13.52 -45.81
N ASN B 110 -1.60 13.54 -44.76
CA ASN B 110 -2.02 12.98 -43.48
C ASN B 110 -2.96 13.91 -42.72
N LEU B 111 -2.75 15.22 -42.78
CA LEU B 111 -3.63 16.14 -42.06
C LEU B 111 -5.05 16.07 -42.60
N GLN B 112 -5.18 16.01 -43.93
CA GLN B 112 -6.46 15.74 -44.56
C GLN B 112 -7.16 14.56 -43.89
N LEU B 113 -6.48 13.43 -43.87
CA LEU B 113 -7.09 12.21 -43.34
C LEU B 113 -7.40 12.35 -41.86
N MET B 114 -6.55 13.06 -41.11
CA MET B 114 -6.79 13.22 -39.68
C MET B 114 -8.03 14.06 -39.42
N ASN B 115 -8.21 15.14 -40.18
CA ASN B 115 -9.43 15.91 -40.07
C ASN B 115 -10.65 15.07 -40.46
N ILE B 116 -10.50 14.25 -41.50
CA ILE B 116 -11.61 13.38 -41.90
C ILE B 116 -11.98 12.43 -40.77
N CYS B 117 -10.98 11.84 -40.12
CA CYS B 117 -11.25 10.94 -39.00
C CYS B 117 -11.93 11.69 -37.85
N GLN B 118 -11.48 12.91 -37.59
CA GLN B 118 -12.13 13.71 -36.55
C GLN B 118 -13.60 13.94 -36.88
N ARG B 119 -13.90 14.26 -38.15
CA ARG B 119 -15.28 14.39 -38.56
C ARG B 119 -16.05 13.10 -38.32
N ILE B 120 -15.46 11.96 -38.71
CA ILE B 120 -16.16 10.69 -38.60
C ILE B 120 -16.50 10.39 -37.15
N VAL B 121 -15.55 10.61 -36.24
CA VAL B 121 -15.78 10.28 -34.82
C VAL B 121 -16.53 11.37 -34.08
N SER B 122 -16.76 12.53 -34.69
CA SER B 122 -17.56 13.55 -34.03
C SER B 122 -19.00 13.09 -33.81
N GLN B 123 -19.47 12.13 -34.61
CA GLN B 123 -20.88 11.79 -34.60
C GLN B 123 -21.35 11.21 -33.26
N VAL B 124 -20.43 10.79 -32.40
CA VAL B 124 -20.82 10.21 -31.11
C VAL B 124 -20.25 11.06 -29.99
N GLY B 125 -20.05 12.35 -30.24
CA GLY B 125 -19.53 13.26 -29.24
C GLY B 125 -18.08 13.04 -28.86
N ARG B 126 -17.48 11.93 -29.25
CA ARG B 126 -16.08 11.68 -28.91
C ARG B 126 -15.18 12.65 -29.67
N ARG B 127 -13.93 12.73 -29.24
CA ARG B 127 -12.95 13.60 -29.87
C ARG B 127 -11.59 12.90 -29.91
N VAL B 128 -10.96 12.91 -31.07
CA VAL B 128 -9.63 12.35 -31.25
C VAL B 128 -8.68 13.49 -31.60
N ASP B 129 -7.50 13.49 -30.96
CA ASP B 129 -6.55 14.58 -31.15
C ASP B 129 -5.23 14.16 -30.51
N GLU B 130 -4.26 15.08 -30.54
CA GLU B 130 -2.97 14.84 -29.92
C GLU B 130 -3.05 14.75 -28.41
N SER B 131 -4.17 15.14 -27.80
CA SER B 131 -4.32 15.06 -26.35
C SER B 131 -5.10 13.84 -25.89
N SER B 132 -5.87 13.21 -26.77
CA SER B 132 -6.55 11.95 -26.47
C SER B 132 -6.50 11.08 -27.72
N PRO B 133 -5.34 10.51 -28.03
CA PRO B 133 -5.14 9.92 -29.36
C PRO B 133 -5.80 8.58 -29.58
N ILE B 134 -6.60 8.08 -28.64
CA ILE B 134 -7.28 6.80 -28.75
C ILE B 134 -8.78 7.07 -28.77
N CYS B 135 -9.47 6.54 -29.79
CA CYS B 135 -10.92 6.68 -29.89
C CYS B 135 -11.51 5.32 -30.26
N ASP B 136 -12.55 4.91 -29.54
CA ASP B 136 -13.25 3.67 -29.85
C ASP B 136 -14.71 3.86 -29.51
N ALA B 137 -15.58 3.91 -30.51
CA ALA B 137 -16.98 4.18 -30.25
C ALA B 137 -17.84 3.56 -31.32
N ARG B 138 -19.11 3.37 -30.98
CA ARG B 138 -20.09 2.76 -31.86
C ARG B 138 -20.88 3.86 -32.56
N LEU B 139 -20.69 3.99 -33.87
CA LEU B 139 -21.43 5.00 -34.60
C LEU B 139 -22.92 4.69 -34.54
N PRO B 140 -23.76 5.72 -34.59
CA PRO B 140 -25.21 5.47 -34.43
C PRO B 140 -25.75 4.46 -35.42
N ASP B 141 -25.26 4.43 -36.66
CA ASP B 141 -25.82 3.48 -37.61
C ASP B 141 -25.54 2.04 -37.21
N GLY B 142 -24.64 1.82 -36.24
CA GLY B 142 -24.37 0.49 -35.71
C GLY B 142 -22.92 0.06 -35.86
N SER B 143 -22.21 0.64 -36.83
CA SER B 143 -20.82 0.25 -37.04
C SER B 143 -19.96 0.66 -35.85
N ARG B 144 -18.76 0.11 -35.81
CA ARG B 144 -17.82 0.34 -34.71
C ARG B 144 -16.53 0.92 -35.28
N VAL B 145 -16.08 2.04 -34.71
CA VAL B 145 -14.96 2.80 -35.24
C VAL B 145 -13.88 2.86 -34.18
N ASN B 146 -12.64 2.53 -34.57
CA ASN B 146 -11.49 2.62 -33.69
C ASN B 146 -10.38 3.36 -34.40
N VAL B 147 -9.90 4.45 -33.80
CA VAL B 147 -8.92 5.33 -34.42
C VAL B 147 -7.79 5.60 -33.44
N ILE B 148 -6.56 5.44 -33.92
CA ILE B 148 -5.36 5.80 -33.16
C ILE B 148 -4.64 6.90 -33.93
N ALA B 149 -4.25 7.94 -33.21
CA ALA B 149 -3.72 9.14 -33.85
C ALA B 149 -2.23 8.98 -34.20
N PRO B 150 -1.73 9.77 -35.14
CA PRO B 150 -0.32 9.65 -35.55
C PRO B 150 0.66 9.94 -34.42
N PRO B 151 0.26 10.64 -33.37
CA PRO B 151 1.16 10.73 -32.21
C PRO B 151 1.60 9.38 -31.67
N LEU B 152 0.72 8.38 -31.69
CA LEU B 152 1.10 7.01 -31.34
C LEU B 152 1.58 6.24 -32.56
N ALA B 153 0.73 6.12 -33.57
CA ALA B 153 1.16 5.49 -34.80
C ALA B 153 2.35 6.24 -35.38
N LEU B 154 2.91 5.69 -36.45
CA LEU B 154 4.03 6.32 -37.13
C LEU B 154 3.73 6.67 -38.58
N ASP B 155 3.28 5.71 -39.38
CA ASP B 155 3.09 5.97 -40.80
C ASP B 155 2.07 7.07 -41.05
N GLY B 156 1.10 7.26 -40.15
CA GLY B 156 0.07 8.25 -40.33
C GLY B 156 -1.13 7.95 -39.46
N PRO B 157 -2.27 8.57 -39.76
CA PRO B 157 -3.48 8.26 -38.99
C PRO B 157 -3.85 6.79 -39.15
N THR B 158 -4.28 6.17 -38.05
CA THR B 158 -4.68 4.77 -38.05
C THR B 158 -6.17 4.70 -37.82
N LEU B 159 -6.89 4.08 -38.75
CA LEU B 159 -8.34 4.05 -38.74
C LEU B 159 -8.78 2.62 -39.03
N THR B 160 -9.76 2.14 -38.26
CA THR B 160 -10.37 0.85 -38.52
C THR B 160 -11.87 0.98 -38.32
N ILE B 161 -12.61 0.72 -39.38
CA ILE B 161 -14.07 0.81 -39.35
C ILE B 161 -14.63 -0.56 -39.62
N ARG B 162 -15.36 -1.09 -38.64
CA ARG B 162 -15.91 -2.43 -38.66
C ARG B 162 -17.42 -2.32 -38.81
N LYS B 163 -17.96 -2.95 -39.84
CA LYS B 163 -19.37 -2.87 -40.14
C LYS B 163 -20.11 -4.02 -39.46
N PHE B 164 -21.37 -3.75 -39.13
CA PHE B 164 -22.20 -4.71 -38.41
C PHE B 164 -22.73 -5.73 -39.40
N LYS B 165 -22.27 -6.97 -39.26
CA LYS B 165 -22.75 -8.04 -40.13
C LYS B 165 -24.23 -8.30 -39.89
N LYS B 166 -24.93 -8.67 -40.95
CA LYS B 166 -26.34 -9.03 -40.86
C LYS B 166 -26.59 -10.50 -41.12
N ASP B 167 -25.54 -11.29 -41.36
CA ASP B 167 -25.66 -12.69 -41.72
C ASP B 167 -25.34 -13.53 -40.50
N LYS B 168 -26.36 -13.83 -39.71
CA LYS B 168 -26.24 -14.71 -38.55
C LYS B 168 -27.09 -15.94 -38.78
N LEU B 169 -26.48 -17.11 -38.63
CA LEU B 169 -27.10 -18.36 -39.06
C LEU B 169 -28.29 -18.71 -38.17
N THR B 170 -29.26 -19.38 -38.78
CA THR B 170 -30.33 -20.05 -38.05
C THR B 170 -30.01 -21.53 -37.94
N MET B 171 -30.83 -22.24 -37.15
CA MET B 171 -30.56 -23.65 -36.93
C MET B 171 -30.55 -24.42 -38.24
N LYS B 172 -31.35 -23.98 -39.21
CA LYS B 172 -31.43 -24.70 -40.47
C LYS B 172 -30.05 -24.84 -41.11
N ASN B 173 -29.30 -23.74 -41.19
CA ASN B 173 -27.97 -23.80 -41.81
C ASN B 173 -27.04 -24.72 -41.03
N LEU B 174 -27.07 -24.65 -39.70
CA LEU B 174 -26.18 -25.49 -38.91
C LEU B 174 -26.48 -26.97 -39.13
N VAL B 175 -27.76 -27.33 -39.14
CA VAL B 175 -28.13 -28.73 -39.34
C VAL B 175 -27.73 -29.19 -40.72
N GLU B 176 -28.04 -28.39 -41.74
CA GLU B 176 -27.79 -28.81 -43.11
C GLU B 176 -26.30 -29.00 -43.37
N PHE B 177 -25.45 -28.23 -42.72
CA PHE B 177 -24.03 -28.15 -43.04
C PHE B 177 -23.15 -28.83 -41.99
N ALA B 178 -23.61 -29.98 -41.50
CA ALA B 178 -22.81 -30.82 -40.62
C ALA B 178 -22.36 -30.06 -39.38
N SER B 179 -23.34 -29.63 -38.61
CA SER B 179 -23.10 -29.10 -37.28
C SER B 179 -23.89 -29.84 -36.21
N ILE B 180 -25.12 -30.23 -36.50
CA ILE B 180 -25.90 -31.08 -35.61
C ILE B 180 -26.98 -31.77 -36.43
N SER B 181 -27.13 -33.06 -36.19
CA SER B 181 -28.13 -33.85 -36.89
C SER B 181 -29.53 -33.41 -36.46
N PRO B 182 -30.55 -33.67 -37.29
CA PRO B 182 -31.92 -33.29 -36.91
C PRO B 182 -32.35 -33.83 -35.56
N GLU B 183 -31.57 -34.72 -34.96
CA GLU B 183 -31.86 -35.18 -33.60
C GLU B 183 -31.42 -34.14 -32.58
N GLY B 184 -30.12 -33.84 -32.56
CA GLY B 184 -29.62 -32.81 -31.66
C GLY B 184 -30.25 -31.46 -31.91
N ALA B 185 -30.54 -31.15 -33.17
CA ALA B 185 -31.18 -29.88 -33.47
C ALA B 185 -32.53 -29.77 -32.77
N ARG B 186 -33.35 -30.82 -32.88
CA ARG B 186 -34.65 -30.77 -32.24
C ARG B 186 -34.54 -30.83 -30.73
N VAL B 187 -33.54 -31.54 -30.20
CA VAL B 187 -33.34 -31.57 -28.75
C VAL B 187 -33.01 -30.16 -28.25
N LEU B 188 -32.09 -29.47 -28.93
CA LEU B 188 -31.74 -28.12 -28.53
C LEU B 188 -32.92 -27.18 -28.71
N GLY B 189 -33.69 -27.35 -29.77
CA GLY B 189 -34.86 -26.51 -29.95
C GLY B 189 -35.86 -26.68 -28.83
N VAL B 190 -36.03 -27.91 -28.36
CA VAL B 190 -36.87 -28.14 -27.19
C VAL B 190 -36.25 -27.51 -25.95
N ILE B 191 -34.93 -27.56 -25.84
CA ILE B 191 -34.26 -27.01 -24.66
C ILE B 191 -34.41 -25.50 -24.61
N GLY B 192 -34.40 -24.86 -25.77
CA GLY B 192 -34.43 -23.40 -25.83
C GLY B 192 -35.70 -22.79 -25.30
N ALA B 193 -36.83 -23.06 -25.96
CA ALA B 193 -38.10 -22.48 -25.54
C ALA B 193 -38.55 -23.00 -24.18
N CYS B 194 -38.05 -24.14 -23.75
CA CYS B 194 -38.50 -24.77 -22.51
C CYS B 194 -38.07 -23.95 -21.30
N ARG B 195 -37.37 -22.84 -21.51
CA ARG B 195 -36.84 -22.03 -20.41
C ARG B 195 -35.99 -22.88 -19.48
N CYS B 196 -34.90 -23.41 -20.03
CA CYS B 196 -33.88 -24.12 -19.26
C CYS B 196 -32.63 -23.27 -19.23
N ASN B 197 -32.11 -23.00 -18.04
CA ASN B 197 -30.83 -22.32 -17.94
C ASN B 197 -29.81 -23.05 -18.80
N LEU B 198 -28.70 -22.39 -19.08
CA LEU B 198 -27.63 -23.09 -19.77
C LEU B 198 -26.37 -22.24 -19.73
N VAL B 199 -25.24 -22.89 -19.94
CA VAL B 199 -23.94 -22.22 -19.94
C VAL B 199 -23.17 -22.80 -21.13
N ILE B 200 -23.21 -22.09 -22.26
CA ILE B 200 -22.55 -22.54 -23.48
C ILE B 200 -21.06 -22.40 -23.28
N SER B 201 -20.35 -23.51 -23.20
CA SER B 201 -18.90 -23.48 -23.17
C SER B 201 -18.35 -23.57 -24.59
N GLY B 202 -17.21 -22.93 -24.81
CA GLY B 202 -16.60 -22.97 -26.13
C GLY B 202 -15.09 -22.90 -26.08
N GLY B 203 -14.48 -23.42 -27.15
CA GLY B 203 -13.05 -23.40 -27.33
C GLY B 203 -12.62 -22.32 -28.30
N THR B 204 -11.31 -22.04 -28.27
CA THR B 204 -10.74 -20.94 -29.03
C THR B 204 -11.26 -20.95 -30.45
N GLY B 205 -11.97 -19.90 -30.84
CA GLY B 205 -12.55 -19.87 -32.16
C GLY B 205 -13.63 -20.90 -32.38
N SER B 206 -14.19 -21.47 -31.32
CA SER B 206 -15.24 -22.47 -31.48
C SER B 206 -16.57 -21.86 -31.93
N GLY B 207 -16.65 -20.55 -32.10
CA GLY B 207 -17.86 -19.93 -32.57
C GLY B 207 -19.00 -20.08 -31.58
N LYS B 208 -18.86 -19.43 -30.42
CA LYS B 208 -19.89 -19.54 -29.38
C LYS B 208 -21.07 -18.63 -29.67
N THR B 209 -20.80 -17.38 -30.07
CA THR B 209 -21.86 -16.41 -30.21
C THR B 209 -22.89 -16.82 -31.24
N THR B 210 -22.46 -17.46 -32.33
CA THR B 210 -23.42 -17.89 -33.35
C THR B 210 -24.38 -18.92 -32.78
N LEU B 211 -23.85 -19.91 -32.05
CA LEU B 211 -24.70 -20.90 -31.41
C LEU B 211 -25.66 -20.24 -30.43
N LEU B 212 -25.16 -19.30 -29.63
CA LEU B 212 -26.00 -18.64 -28.64
C LEU B 212 -27.13 -17.88 -29.32
N ASN B 213 -26.82 -17.15 -30.38
CA ASN B 213 -27.86 -16.42 -31.09
C ASN B 213 -28.91 -17.37 -31.65
N THR B 214 -28.46 -18.48 -32.27
CA THR B 214 -29.42 -19.45 -32.79
C THR B 214 -30.33 -19.98 -31.69
N MET B 215 -29.75 -20.32 -30.54
CA MET B 215 -30.57 -20.83 -29.44
C MET B 215 -31.59 -19.78 -28.99
N THR B 216 -31.15 -18.53 -28.81
CA THR B 216 -32.08 -17.50 -28.38
C THR B 216 -33.17 -17.26 -29.41
N ALA B 217 -32.93 -17.63 -30.67
CA ALA B 217 -33.96 -17.40 -31.69
C ALA B 217 -35.29 -18.01 -31.29
N PHE B 218 -35.29 -19.08 -30.50
CA PHE B 218 -36.50 -19.80 -30.15
C PHE B 218 -37.23 -19.22 -28.94
N ILE B 219 -36.67 -18.20 -28.28
CA ILE B 219 -37.27 -17.72 -27.06
C ILE B 219 -38.68 -17.20 -27.32
N ASP B 220 -39.52 -17.23 -26.28
CA ASP B 220 -40.91 -16.82 -26.41
C ASP B 220 -40.98 -15.32 -26.66
N PRO B 221 -41.73 -14.86 -27.67
CA PRO B 221 -41.76 -13.42 -27.97
C PRO B 221 -42.13 -12.53 -26.79
N THR B 222 -43.12 -12.91 -25.98
CA THR B 222 -43.65 -12.01 -24.96
C THR B 222 -42.86 -12.03 -23.67
N GLU B 223 -41.58 -12.40 -23.70
CA GLU B 223 -40.75 -12.41 -22.50
C GLU B 223 -39.78 -11.24 -22.54
N ARG B 224 -39.68 -10.53 -21.42
CA ARG B 224 -38.88 -9.31 -21.37
C ARG B 224 -37.42 -9.69 -21.22
N VAL B 225 -36.74 -9.88 -22.35
CA VAL B 225 -35.36 -10.31 -22.38
C VAL B 225 -34.46 -9.10 -22.12
N VAL B 226 -33.33 -9.33 -21.45
CA VAL B 226 -32.45 -8.23 -21.10
C VAL B 226 -30.99 -8.59 -21.33
N THR B 227 -30.46 -8.33 -22.52
CA THR B 227 -29.12 -8.79 -22.84
C THR B 227 -28.09 -8.09 -21.96
N CYS B 228 -26.82 -8.34 -22.26
CA CYS B 228 -25.68 -7.71 -21.63
C CYS B 228 -24.47 -8.10 -22.43
N GLU B 229 -23.62 -7.14 -22.79
CA GLU B 229 -22.50 -7.45 -23.67
C GLU B 229 -21.37 -6.46 -23.47
N ASP B 230 -20.18 -6.88 -23.91
CA ASP B 230 -19.03 -5.98 -23.97
C ASP B 230 -18.89 -5.28 -25.31
N ALA B 231 -19.66 -5.70 -26.32
CA ALA B 231 -19.63 -5.07 -27.63
C ALA B 231 -20.77 -5.62 -28.47
N ALA B 232 -21.60 -4.74 -29.02
CA ALA B 232 -22.81 -5.18 -29.69
C ALA B 232 -22.52 -6.23 -30.75
N GLU B 233 -22.94 -7.48 -30.50
CA GLU B 233 -22.82 -8.54 -31.49
C GLU B 233 -24.08 -9.37 -31.68
N LEU B 234 -24.98 -9.45 -30.70
CA LEU B 234 -26.13 -10.31 -30.82
C LEU B 234 -27.23 -9.62 -31.62
N GLN B 235 -28.14 -10.44 -32.13
CA GLN B 235 -29.22 -9.96 -32.98
C GLN B 235 -30.46 -10.79 -32.71
N LEU B 236 -31.47 -10.16 -32.12
CA LEU B 236 -32.70 -10.85 -31.78
C LEU B 236 -33.89 -10.14 -32.40
N GLN B 237 -34.92 -10.91 -32.71
CA GLN B 237 -36.10 -10.42 -33.40
C GLN B 237 -37.32 -10.30 -32.49
N GLN B 238 -37.21 -10.71 -31.23
CA GLN B 238 -38.35 -10.65 -30.35
C GLN B 238 -38.79 -9.20 -30.17
N PRO B 239 -40.09 -8.94 -30.03
CA PRO B 239 -40.53 -7.55 -29.88
C PRO B 239 -39.92 -6.87 -28.67
N HIS B 240 -39.79 -7.59 -27.56
CA HIS B 240 -39.42 -7.00 -26.28
C HIS B 240 -37.98 -7.37 -25.97
N VAL B 241 -37.06 -6.44 -26.22
CA VAL B 241 -35.65 -6.68 -25.94
C VAL B 241 -35.01 -5.37 -25.48
N VAL B 242 -34.47 -5.37 -24.28
CA VAL B 242 -33.66 -4.27 -23.79
C VAL B 242 -32.20 -4.67 -23.96
N ARG B 243 -31.41 -3.82 -24.61
CA ARG B 243 -30.03 -4.13 -24.91
C ARG B 243 -29.15 -3.20 -24.10
N LEU B 244 -28.21 -3.77 -23.36
CA LEU B 244 -27.27 -3.01 -22.56
C LEU B 244 -25.87 -3.35 -22.99
N GLU B 245 -24.92 -2.51 -22.61
CA GLU B 245 -23.54 -2.68 -23.05
C GLU B 245 -22.63 -2.04 -22.01
N THR B 246 -21.48 -2.64 -21.77
CA THR B 246 -20.56 -2.06 -20.82
C THR B 246 -19.89 -0.82 -21.41
N ARG B 247 -19.28 -0.04 -20.53
CA ARG B 247 -18.57 1.17 -20.94
C ARG B 247 -17.10 1.04 -20.57
N PRO B 248 -16.20 0.84 -21.53
CA PRO B 248 -14.79 0.60 -21.19
C PRO B 248 -14.21 1.79 -20.44
N PRO B 249 -13.34 1.54 -19.46
CA PRO B 249 -12.75 2.65 -18.72
C PRO B 249 -11.93 3.55 -19.64
N ASN B 250 -11.92 4.83 -19.30
CA ASN B 250 -11.15 5.82 -20.05
C ASN B 250 -9.72 5.88 -19.53
N LEU B 251 -8.85 6.56 -20.30
CA LEU B 251 -7.45 6.64 -19.93
C LEU B 251 -7.28 7.29 -18.56
N GLU B 252 -8.06 8.33 -18.28
CA GLU B 252 -7.91 9.03 -17.01
C GLU B 252 -8.13 8.11 -15.83
N GLY B 253 -8.94 7.08 -15.99
CA GLY B 253 -9.18 6.11 -14.94
C GLY B 253 -10.39 6.40 -14.09
N SER B 254 -11.54 6.63 -14.73
CA SER B 254 -12.78 6.86 -13.99
C SER B 254 -13.96 6.62 -14.92
N GLY B 255 -15.14 6.49 -14.32
CA GLY B 255 -16.38 6.35 -15.07
C GLY B 255 -16.47 5.08 -15.87
N ALA B 256 -16.35 3.93 -15.19
CA ALA B 256 -16.39 2.62 -15.84
C ALA B 256 -17.53 1.81 -15.24
N VAL B 257 -18.33 1.18 -16.10
CA VAL B 257 -19.44 0.35 -15.70
C VAL B 257 -19.19 -1.05 -16.27
N THR B 258 -18.84 -1.99 -15.40
CA THR B 258 -18.46 -3.33 -15.84
C THR B 258 -19.68 -4.22 -15.96
N MET B 259 -19.47 -5.40 -16.55
CA MET B 259 -20.57 -6.34 -16.70
C MET B 259 -21.21 -6.67 -15.36
N ARG B 260 -20.42 -6.68 -14.29
CA ARG B 260 -20.95 -7.01 -12.97
C ARG B 260 -22.06 -6.05 -12.56
N ASP B 261 -21.81 -4.74 -12.72
CA ASP B 261 -22.82 -3.76 -12.37
C ASP B 261 -24.05 -3.92 -13.24
N LEU B 262 -23.84 -4.17 -14.53
CA LEU B 262 -24.98 -4.30 -15.44
C LEU B 262 -25.86 -5.47 -15.05
N VAL B 263 -25.28 -6.61 -14.70
CA VAL B 263 -26.11 -7.74 -14.29
C VAL B 263 -26.78 -7.44 -12.96
N LYS B 264 -26.03 -6.83 -12.02
CA LYS B 264 -26.64 -6.45 -10.76
C LYS B 264 -27.90 -5.65 -11.02
N ASN B 265 -27.85 -4.72 -11.96
CA ASN B 265 -29.01 -3.90 -12.24
C ASN B 265 -30.09 -4.65 -13.00
N CYS B 266 -29.71 -5.50 -13.96
CA CYS B 266 -30.70 -6.29 -14.66
C CYS B 266 -31.47 -7.19 -13.72
N LEU B 267 -30.92 -7.47 -12.54
CA LEU B 267 -31.68 -8.21 -11.54
C LEU B 267 -32.80 -7.39 -10.93
N ARG B 268 -32.87 -6.09 -11.21
CA ARG B 268 -33.84 -5.21 -10.55
C ARG B 268 -34.75 -4.52 -11.55
N MET B 269 -34.88 -5.04 -12.76
CA MET B 269 -35.73 -4.45 -13.77
C MET B 269 -36.93 -5.33 -14.09
N ARG B 270 -37.31 -6.21 -13.18
CA ARG B 270 -38.40 -7.15 -13.41
C ARG B 270 -38.25 -7.83 -14.76
N PRO B 271 -37.13 -8.47 -15.03
CA PRO B 271 -36.97 -9.21 -16.28
C PRO B 271 -37.72 -10.52 -16.21
N GLU B 272 -37.59 -11.31 -17.28
CA GLU B 272 -37.99 -12.70 -17.29
C GLU B 272 -36.92 -13.58 -17.90
N ARG B 273 -35.75 -13.02 -18.22
CA ARG B 273 -34.62 -13.74 -18.76
C ARG B 273 -33.39 -12.87 -18.57
N ILE B 274 -32.23 -13.45 -18.86
CA ILE B 274 -30.99 -12.70 -18.94
C ILE B 274 -30.11 -13.42 -19.95
N ILE B 275 -29.42 -12.66 -20.80
CA ILE B 275 -28.59 -13.22 -21.84
C ILE B 275 -27.26 -12.51 -21.79
N VAL B 276 -26.31 -13.06 -21.07
CA VAL B 276 -25.01 -12.43 -20.91
C VAL B 276 -24.19 -12.69 -22.16
N GLY B 277 -23.48 -11.67 -22.62
CA GLY B 277 -22.67 -11.84 -23.82
C GLY B 277 -21.52 -12.80 -23.61
N GLU B 278 -20.81 -12.66 -22.49
CA GLU B 278 -19.78 -13.63 -22.14
C GLU B 278 -19.42 -13.43 -20.67
N VAL B 279 -19.27 -14.54 -19.96
CA VAL B 279 -19.10 -14.52 -18.52
C VAL B 279 -17.62 -14.69 -18.22
N ARG B 280 -16.93 -13.60 -17.88
CA ARG B 280 -15.50 -13.66 -17.61
C ARG B 280 -15.17 -13.33 -16.16
N GLY B 281 -15.58 -12.17 -15.66
CA GLY B 281 -15.26 -11.77 -14.32
C GLY B 281 -16.04 -12.59 -13.30
N PRO B 282 -16.23 -12.03 -12.10
CA PRO B 282 -17.05 -12.71 -11.10
C PRO B 282 -18.54 -12.63 -11.37
N GLU B 283 -18.98 -11.84 -12.35
CA GLU B 283 -20.41 -11.67 -12.61
C GLU B 283 -21.15 -12.99 -12.65
N ALA B 284 -20.45 -14.11 -12.88
CA ALA B 284 -21.12 -15.40 -12.92
C ALA B 284 -22.02 -15.58 -11.71
N PHE B 285 -21.54 -15.26 -10.51
CA PHE B 285 -22.37 -15.44 -9.33
C PHE B 285 -23.71 -14.75 -9.50
N ASP B 286 -23.67 -13.46 -9.87
CA ASP B 286 -24.92 -12.73 -10.06
C ASP B 286 -25.78 -13.42 -11.10
N LEU B 287 -25.16 -13.85 -12.21
CA LEU B 287 -25.94 -14.56 -13.21
C LEU B 287 -26.63 -15.76 -12.62
N LEU B 288 -25.93 -16.51 -11.75
CA LEU B 288 -26.56 -17.66 -11.14
C LEU B 288 -27.77 -17.26 -10.32
N GLN B 289 -27.69 -16.12 -9.64
CA GLN B 289 -28.87 -15.63 -8.94
C GLN B 289 -30.06 -15.57 -9.88
N ALA B 290 -29.85 -15.08 -11.10
CA ALA B 290 -30.93 -15.02 -12.07
C ALA B 290 -31.39 -16.42 -12.46
N MET B 291 -30.46 -17.36 -12.60
CA MET B 291 -30.87 -18.73 -12.85
C MET B 291 -31.68 -19.30 -11.71
N ASN B 292 -31.58 -18.70 -10.52
CA ASN B 292 -32.17 -19.25 -9.31
C ASN B 292 -33.48 -18.57 -8.96
N THR B 293 -33.46 -17.26 -8.75
CA THR B 293 -34.60 -16.54 -8.19
C THR B 293 -35.61 -16.25 -9.30
N GLY B 294 -36.20 -17.31 -9.82
CA GLY B 294 -37.37 -17.21 -10.68
C GLY B 294 -37.19 -16.33 -11.90
N HIS B 295 -36.04 -16.41 -12.55
CA HIS B 295 -35.84 -15.87 -13.88
C HIS B 295 -35.45 -16.98 -14.83
N ASP B 296 -36.10 -18.13 -14.69
CA ASP B 296 -35.69 -19.32 -15.41
C ASP B 296 -35.61 -19.05 -16.90
N GLY B 297 -34.41 -19.14 -17.44
CA GLY B 297 -34.19 -18.86 -18.84
C GLY B 297 -32.93 -18.06 -19.08
N SER B 298 -32.13 -17.86 -18.03
CA SER B 298 -30.87 -17.17 -18.21
C SER B 298 -30.03 -17.89 -19.25
N MET B 299 -28.90 -17.31 -19.58
CA MET B 299 -27.97 -17.93 -20.51
C MET B 299 -26.56 -17.47 -20.16
N GLY B 300 -25.66 -17.55 -21.11
CA GLY B 300 -24.28 -17.16 -20.88
C GLY B 300 -23.40 -17.86 -21.89
N THR B 301 -22.13 -17.49 -21.84
CA THR B 301 -21.11 -18.16 -22.64
C THR B 301 -19.80 -18.03 -21.90
N LEU B 302 -19.00 -19.09 -21.93
CA LEU B 302 -17.71 -19.04 -21.28
C LEU B 302 -16.71 -19.86 -22.08
N HIS B 303 -15.43 -19.71 -21.72
CA HIS B 303 -14.34 -20.31 -22.46
C HIS B 303 -13.86 -21.56 -21.75
N ALA B 304 -13.88 -22.68 -22.45
CA ALA B 304 -13.47 -23.96 -21.90
C ALA B 304 -13.52 -24.98 -23.02
N ASN B 305 -13.05 -26.19 -22.73
CA ASN B 305 -12.99 -27.27 -23.69
C ASN B 305 -13.83 -28.47 -23.29
N SER B 306 -13.86 -28.80 -22.01
CA SER B 306 -14.55 -29.99 -21.52
C SER B 306 -15.58 -29.59 -20.47
N PRO B 307 -16.84 -30.00 -20.58
CA PRO B 307 -17.86 -29.55 -19.63
C PRO B 307 -17.40 -29.57 -18.19
N ARG B 308 -16.65 -30.59 -17.79
CA ARG B 308 -16.07 -30.56 -16.45
C ARG B 308 -15.12 -29.39 -16.29
N GLU B 309 -14.32 -29.12 -17.31
CA GLU B 309 -13.47 -27.93 -17.28
C GLU B 309 -14.32 -26.67 -17.22
N ALA B 310 -15.46 -26.66 -17.90
CA ALA B 310 -16.33 -25.50 -17.85
C ALA B 310 -16.84 -25.26 -16.43
N ILE B 311 -17.26 -26.32 -15.75
CA ILE B 311 -17.75 -26.17 -14.38
C ILE B 311 -16.62 -25.74 -13.45
N SER B 312 -15.40 -26.24 -13.68
CA SER B 312 -14.26 -25.78 -12.90
C SER B 312 -14.03 -24.29 -13.12
N ARG B 313 -14.14 -23.83 -14.36
CA ARG B 313 -13.98 -22.41 -14.63
C ARG B 313 -15.04 -21.59 -13.92
N ILE B 314 -16.29 -22.08 -13.91
CA ILE B 314 -17.35 -21.34 -13.24
C ILE B 314 -17.05 -21.24 -11.74
N GLU B 315 -16.59 -22.33 -11.14
CA GLU B 315 -16.23 -22.27 -9.73
C GLU B 315 -15.11 -21.26 -9.49
N SER B 316 -14.11 -21.25 -10.37
CA SER B 316 -13.03 -20.28 -10.23
C SER B 316 -13.58 -18.86 -10.29
N MET B 317 -14.46 -18.60 -11.25
CA MET B 317 -15.02 -17.25 -11.37
C MET B 317 -15.76 -16.86 -10.10
N ILE B 318 -16.62 -17.76 -9.60
CA ILE B 318 -17.38 -17.40 -8.40
C ILE B 318 -16.43 -17.13 -7.24
N THR B 319 -15.37 -17.92 -7.11
CA THR B 319 -14.41 -17.67 -6.04
C THR B 319 -13.66 -16.36 -6.24
N MET B 320 -13.52 -15.91 -7.49
CA MET B 320 -12.77 -14.69 -7.74
C MET B 320 -13.38 -13.51 -7.02
N GLY B 321 -14.72 -13.47 -6.93
CA GLY B 321 -15.38 -12.33 -6.33
C GLY B 321 -14.96 -12.05 -4.90
N GLY B 322 -14.41 -13.05 -4.21
CA GLY B 322 -13.94 -12.85 -2.86
C GLY B 322 -15.04 -12.72 -1.83
N TYR B 323 -16.24 -13.18 -2.15
CA TYR B 323 -17.32 -13.11 -1.17
C TYR B 323 -17.03 -13.95 0.05
N GLY B 324 -16.08 -14.88 -0.04
CA GLY B 324 -15.76 -15.75 1.08
C GLY B 324 -16.55 -17.03 1.12
N LEU B 325 -17.26 -17.37 0.05
CA LEU B 325 -18.02 -18.62 0.03
C LEU B 325 -17.07 -19.81 0.18
N PRO B 326 -17.47 -20.86 0.87
CA PRO B 326 -16.62 -22.04 0.93
C PRO B 326 -16.48 -22.69 -0.44
N SER B 327 -15.85 -23.86 -0.51
CA SER B 327 -15.70 -24.54 -1.78
C SER B 327 -16.79 -25.58 -2.03
N LYS B 328 -17.58 -25.94 -1.02
CA LYS B 328 -18.69 -26.86 -1.24
C LYS B 328 -19.99 -26.13 -1.54
N THR B 329 -20.23 -24.97 -0.91
CA THR B 329 -21.43 -24.23 -1.21
C THR B 329 -21.43 -23.75 -2.66
N ILE B 330 -20.26 -23.43 -3.21
CA ILE B 330 -20.21 -23.04 -4.62
C ILE B 330 -20.69 -24.19 -5.48
N LYS B 331 -20.25 -25.41 -5.18
CA LYS B 331 -20.70 -26.56 -5.97
C LYS B 331 -22.20 -26.80 -5.79
N GLU B 332 -22.71 -26.64 -4.57
CA GLU B 332 -24.15 -26.76 -4.38
C GLU B 332 -24.89 -25.75 -5.25
N MET B 333 -24.41 -24.51 -5.26
CA MET B 333 -25.06 -23.46 -6.03
C MET B 333 -25.04 -23.79 -7.52
N ILE B 334 -23.89 -24.24 -8.03
CA ILE B 334 -23.78 -24.53 -9.45
C ILE B 334 -24.57 -25.78 -9.82
N VAL B 335 -24.75 -26.72 -8.90
CA VAL B 335 -25.57 -27.89 -9.21
C VAL B 335 -27.04 -27.53 -9.20
N GLY B 336 -27.46 -26.63 -8.31
CA GLY B 336 -28.85 -26.23 -8.26
C GLY B 336 -29.24 -25.18 -9.29
N SER B 337 -28.27 -24.53 -9.91
CA SER B 337 -28.59 -23.48 -10.87
C SER B 337 -28.59 -24.00 -12.31
N VAL B 338 -27.46 -24.51 -12.78
CA VAL B 338 -27.33 -24.89 -14.18
C VAL B 338 -28.26 -26.06 -14.50
N ASP B 339 -28.69 -26.14 -15.76
CA ASP B 339 -29.48 -27.27 -16.22
C ASP B 339 -29.13 -27.76 -17.61
N VAL B 340 -28.17 -27.14 -18.28
CA VAL B 340 -27.61 -27.66 -19.52
C VAL B 340 -26.25 -27.03 -19.70
N ILE B 341 -25.28 -27.78 -20.18
CA ILE B 341 -23.95 -27.25 -20.49
C ILE B 341 -23.56 -27.76 -21.87
N ILE B 342 -23.84 -26.98 -22.89
CA ILE B 342 -23.53 -27.35 -24.26
C ILE B 342 -22.07 -27.03 -24.53
N GLN B 343 -21.38 -27.93 -25.22
CA GLN B 343 -19.99 -27.75 -25.59
C GLN B 343 -19.88 -27.80 -27.10
N ALA B 344 -19.38 -26.72 -27.69
CA ALA B 344 -19.10 -26.62 -29.11
C ALA B 344 -17.61 -26.38 -29.31
N ALA B 345 -17.04 -27.01 -30.33
CA ALA B 345 -15.59 -27.00 -30.51
C ALA B 345 -15.24 -26.87 -31.98
N ARG B 346 -13.95 -26.62 -32.22
CA ARG B 346 -13.37 -26.58 -33.54
C ARG B 346 -12.58 -27.87 -33.79
N LEU B 347 -12.90 -28.54 -34.89
CA LEU B 347 -12.18 -29.76 -35.21
C LEU B 347 -10.71 -29.46 -35.47
N ARG B 348 -9.86 -30.45 -35.20
CA ARG B 348 -8.45 -30.30 -35.50
C ARG B 348 -8.21 -29.94 -36.95
N ASP B 349 -9.00 -30.49 -37.87
CA ASP B 349 -8.77 -30.32 -39.29
C ASP B 349 -8.96 -28.88 -39.76
N GLY B 350 -9.79 -28.11 -39.09
CA GLY B 350 -10.09 -26.76 -39.53
C GLY B 350 -11.56 -26.52 -39.78
N SER B 351 -12.40 -27.30 -39.09
CA SER B 351 -13.85 -27.18 -39.20
C SER B 351 -14.46 -27.21 -37.81
N ARG B 352 -15.70 -26.75 -37.71
CA ARG B 352 -16.40 -26.66 -36.43
C ARG B 352 -17.53 -27.68 -36.36
N ARG B 353 -17.72 -28.25 -35.18
CA ARG B 353 -18.80 -29.18 -34.92
C ARG B 353 -19.31 -28.96 -33.50
N ILE B 354 -20.56 -29.36 -33.26
CA ILE B 354 -21.17 -29.33 -31.94
C ILE B 354 -20.93 -30.69 -31.29
N THR B 355 -20.43 -30.69 -30.07
CA THR B 355 -19.92 -31.93 -29.49
C THR B 355 -20.78 -32.45 -28.34
N HIS B 356 -21.03 -31.67 -27.30
CA HIS B 356 -21.69 -32.23 -26.12
C HIS B 356 -22.94 -31.45 -25.77
N ILE B 357 -23.95 -32.16 -25.29
CA ILE B 357 -25.18 -31.54 -24.80
C ILE B 357 -25.40 -32.00 -23.37
N THR B 358 -24.31 -32.19 -22.65
CA THR B 358 -24.32 -32.63 -21.26
C THR B 358 -25.32 -31.88 -20.41
N GLU B 359 -25.75 -32.48 -19.31
CA GLU B 359 -26.57 -31.85 -18.30
C GLU B 359 -25.83 -31.84 -16.97
N VAL B 360 -26.55 -31.47 -15.91
CA VAL B 360 -26.05 -31.58 -14.55
C VAL B 360 -27.07 -32.39 -13.75
N VAL B 361 -26.61 -33.49 -13.17
CA VAL B 361 -27.49 -34.42 -12.48
C VAL B 361 -27.60 -34.12 -10.99
N GLY B 362 -26.47 -33.93 -10.33
CA GLY B 362 -26.50 -33.60 -8.91
C GLY B 362 -25.09 -33.51 -8.36
N LEU B 363 -25.02 -33.45 -7.03
CA LEU B 363 -23.73 -33.39 -6.33
C LEU B 363 -23.67 -34.62 -5.42
N GLU B 364 -22.75 -35.52 -5.72
CA GLU B 364 -22.56 -36.76 -4.96
C GLU B 364 -21.28 -36.62 -4.15
N GLY B 365 -21.41 -36.22 -2.89
CA GLY B 365 -20.24 -36.06 -2.05
C GLY B 365 -19.60 -34.71 -2.23
N ASP B 366 -18.58 -34.64 -3.09
CA ASP B 366 -17.90 -33.39 -3.38
C ASP B 366 -17.60 -33.22 -4.86
N VAL B 367 -18.19 -34.05 -5.73
CA VAL B 367 -17.95 -34.00 -7.15
C VAL B 367 -19.28 -33.87 -7.88
N ILE B 368 -19.24 -33.21 -9.02
CA ILE B 368 -20.43 -32.99 -9.84
C ILE B 368 -20.53 -34.11 -10.86
N VAL B 369 -21.76 -34.46 -11.24
CA VAL B 369 -22.01 -35.57 -12.12
C VAL B 369 -22.71 -35.08 -13.37
N THR B 370 -22.53 -35.80 -14.46
CA THR B 370 -23.11 -35.46 -15.76
C THR B 370 -23.69 -36.71 -16.40
N GLN B 371 -24.62 -36.50 -17.33
CA GLN B 371 -25.33 -37.59 -18.00
C GLN B 371 -25.40 -37.32 -19.51
N ASP B 372 -24.25 -37.06 -20.11
CA ASP B 372 -24.19 -36.51 -21.47
C ASP B 372 -25.18 -37.18 -22.41
N LEU B 373 -26.17 -36.42 -22.88
CA LEU B 373 -27.20 -36.97 -23.74
C LEU B 373 -26.64 -37.33 -25.10
N PHE B 374 -26.18 -36.32 -25.84
CA PHE B 374 -25.64 -36.52 -27.17
C PHE B 374 -24.13 -36.35 -27.14
N VAL B 375 -23.48 -36.89 -28.16
CA VAL B 375 -22.05 -36.76 -28.32
C VAL B 375 -21.71 -36.85 -29.80
N TYR B 376 -20.46 -36.54 -30.12
CA TYR B 376 -19.94 -36.61 -31.48
C TYR B 376 -18.58 -37.29 -31.39
N GLU B 377 -18.43 -38.41 -32.08
CA GLU B 377 -17.24 -39.24 -32.00
C GLU B 377 -16.48 -39.18 -33.31
N ILE B 378 -15.15 -39.09 -33.21
CA ILE B 378 -14.29 -38.94 -34.37
C ILE B 378 -13.98 -40.32 -34.92
N THR B 379 -14.62 -40.69 -36.04
CA THR B 379 -14.37 -41.98 -36.64
C THR B 379 -12.94 -42.08 -37.16
N GLY B 380 -12.51 -41.09 -37.93
CA GLY B 380 -11.21 -41.14 -38.55
C GLY B 380 -11.03 -40.04 -39.58
N GLU B 381 -10.57 -40.39 -40.76
CA GLU B 381 -10.30 -39.42 -41.81
C GLU B 381 -10.80 -39.95 -43.15
N ASP B 382 -11.06 -39.03 -44.06
CA ASP B 382 -11.47 -39.35 -45.42
C ASP B 382 -10.24 -39.38 -46.31
N GLU B 383 -10.43 -39.74 -47.58
CA GLU B 383 -9.30 -39.77 -48.50
C GLU B 383 -8.69 -38.38 -48.69
N HIS B 384 -9.46 -37.33 -48.45
CA HIS B 384 -8.95 -35.97 -48.53
C HIS B 384 -8.31 -35.49 -47.24
N GLY B 385 -8.69 -36.09 -46.11
CA GLY B 385 -8.09 -35.77 -44.82
C GLY B 385 -9.03 -35.11 -43.82
N LYS B 386 -10.23 -34.72 -44.23
CA LYS B 386 -11.16 -34.07 -43.30
C LYS B 386 -11.69 -35.10 -42.31
N VAL B 387 -11.77 -34.69 -41.04
CA VAL B 387 -12.31 -35.58 -40.03
C VAL B 387 -13.78 -35.87 -40.32
N VAL B 388 -14.22 -37.06 -39.92
CA VAL B 388 -15.62 -37.45 -40.07
C VAL B 388 -16.08 -38.14 -38.78
N GLY B 389 -17.38 -38.10 -38.55
CA GLY B 389 -17.92 -38.67 -37.33
C GLY B 389 -19.43 -38.82 -37.42
N LYS B 390 -20.03 -39.15 -36.29
CA LYS B 390 -21.45 -39.38 -36.21
C LYS B 390 -22.00 -38.74 -34.93
N HIS B 391 -23.19 -38.17 -35.03
CA HIS B 391 -23.89 -37.60 -33.88
C HIS B 391 -24.73 -38.69 -33.24
N ARG B 392 -24.44 -39.01 -32.00
CA ARG B 392 -25.01 -40.17 -31.35
C ARG B 392 -25.69 -39.75 -30.07
N SER B 393 -26.81 -40.42 -29.76
CA SER B 393 -27.53 -40.21 -28.52
C SER B 393 -27.30 -41.41 -27.61
N THR B 394 -26.84 -41.16 -26.39
CA THR B 394 -26.57 -42.28 -25.50
C THR B 394 -27.82 -43.07 -25.18
N GLY B 395 -29.01 -42.50 -25.41
CA GLY B 395 -30.24 -43.26 -25.25
C GLY B 395 -30.91 -43.09 -23.91
N ILE B 396 -30.69 -41.97 -23.21
CA ILE B 396 -31.36 -41.77 -21.93
C ILE B 396 -32.85 -41.59 -22.16
N ALA B 397 -33.65 -42.03 -21.19
CA ALA B 397 -35.10 -42.07 -21.35
C ALA B 397 -35.77 -40.77 -20.96
N ARG B 398 -35.62 -40.37 -19.70
CA ARG B 398 -36.22 -39.14 -19.18
C ARG B 398 -35.13 -38.21 -18.67
N PRO B 399 -34.76 -37.19 -19.44
CA PRO B 399 -33.75 -36.25 -18.95
C PRO B 399 -34.24 -35.52 -17.70
N ARG B 400 -33.29 -34.88 -17.02
CA ARG B 400 -33.62 -34.17 -15.80
C ARG B 400 -34.62 -33.05 -16.06
N PHE B 401 -34.40 -32.26 -17.11
CA PHE B 401 -35.27 -31.14 -17.40
C PHE B 401 -36.63 -31.57 -17.94
N TRP B 402 -36.83 -32.87 -18.16
CA TRP B 402 -38.08 -33.35 -18.70
C TRP B 402 -39.28 -32.82 -17.94
N ASP B 403 -39.22 -32.87 -16.60
CA ASP B 403 -40.32 -32.36 -15.80
C ASP B 403 -40.67 -30.94 -16.21
N ARG B 404 -39.66 -30.08 -16.32
CA ARG B 404 -39.91 -28.71 -16.75
C ARG B 404 -40.58 -28.70 -18.12
N ALA B 405 -40.04 -29.46 -19.07
CA ALA B 405 -40.64 -29.52 -20.40
C ALA B 405 -42.07 -30.01 -20.35
N ARG B 406 -42.45 -30.72 -19.28
CA ARG B 406 -43.83 -31.17 -19.17
C ARG B 406 -44.78 -30.00 -19.16
N TYR B 407 -44.38 -28.89 -18.53
CA TYR B 407 -45.29 -27.75 -18.42
C TYR B 407 -45.63 -27.19 -19.79
N TYR B 408 -44.64 -27.07 -20.67
CA TYR B 408 -44.83 -26.41 -21.96
C TYR B 408 -45.26 -27.37 -23.06
N GLY B 409 -45.75 -28.54 -22.70
CA GLY B 409 -46.28 -29.46 -23.70
C GLY B 409 -45.29 -29.87 -24.75
N LEU B 410 -43.99 -29.75 -24.47
CA LEU B 410 -42.96 -30.20 -25.41
C LEU B 410 -42.57 -31.65 -25.22
N GLU B 411 -43.02 -32.27 -24.13
CA GLU B 411 -42.51 -33.58 -23.76
C GLU B 411 -42.62 -34.60 -24.89
N ARG B 412 -43.74 -34.60 -25.61
CA ARG B 412 -43.88 -35.56 -26.70
C ARG B 412 -42.81 -35.36 -27.75
N GLU B 413 -42.53 -34.10 -28.12
CA GLU B 413 -41.53 -33.85 -29.15
C GLU B 413 -40.15 -34.32 -28.71
N LEU B 414 -39.77 -34.04 -27.47
CA LEU B 414 -38.48 -34.48 -26.97
C LEU B 414 -38.39 -35.99 -26.98
N ALA B 415 -39.45 -36.66 -26.52
CA ALA B 415 -39.45 -38.12 -26.53
C ALA B 415 -39.28 -38.64 -27.94
N GLU B 416 -40.01 -38.06 -28.90
CA GLU B 416 -39.92 -38.53 -30.28
C GLU B 416 -38.51 -38.34 -30.84
N ALA B 417 -37.90 -37.17 -30.57
CA ALA B 417 -36.56 -36.91 -31.10
C ALA B 417 -35.55 -37.89 -30.51
N LEU B 418 -35.61 -38.09 -29.20
CA LEU B 418 -34.68 -39.03 -28.57
C LEU B 418 -34.91 -40.45 -29.10
N ASP B 419 -36.17 -40.82 -29.34
CA ASP B 419 -36.46 -42.16 -29.86
C ASP B 419 -35.89 -42.32 -31.26
N ALA B 420 -36.08 -41.33 -32.12
CA ALA B 420 -35.53 -41.40 -33.47
C ALA B 420 -34.01 -41.49 -33.41
N ALA B 421 -33.39 -40.76 -32.48
CA ALA B 421 -31.95 -40.89 -32.30
C ALA B 421 -31.56 -42.30 -31.88
N GLU B 422 -32.31 -42.88 -30.95
CA GLU B 422 -32.00 -44.21 -30.44
C GLU B 422 -32.19 -45.29 -31.48
N ALA B 423 -33.01 -45.04 -32.50
CA ALA B 423 -33.24 -46.03 -33.54
C ALA B 423 -32.04 -46.12 -34.47
N ASP C 1 46.61 26.19 -27.62
CA ASP C 1 46.39 26.26 -26.18
C ASP C 1 45.48 27.43 -25.83
N TYR C 2 45.24 28.32 -26.80
CA TYR C 2 44.40 29.47 -26.57
C TYR C 2 42.93 29.12 -26.44
N TYR C 3 42.54 27.88 -26.75
CA TYR C 3 41.13 27.52 -26.76
C TYR C 3 40.50 27.75 -25.39
N HIS C 4 41.09 27.19 -24.34
CA HIS C 4 40.44 27.23 -23.03
C HIS C 4 40.36 28.65 -22.49
N ALA C 5 41.48 29.37 -22.48
CA ALA C 5 41.48 30.73 -21.94
C ALA C 5 40.61 31.66 -22.76
N THR C 6 40.72 31.58 -24.10
CA THR C 6 39.87 32.41 -24.95
C THR C 6 38.40 32.07 -24.73
N LYS C 7 38.09 30.79 -24.54
CA LYS C 7 36.71 30.40 -24.31
C LYS C 7 36.20 30.96 -23.00
N THR C 8 37.01 30.91 -21.96
CA THR C 8 36.60 31.50 -20.69
C THR C 8 36.34 32.99 -20.85
N THR C 9 37.24 33.69 -21.55
CA THR C 9 37.05 35.12 -21.75
C THR C 9 35.79 35.41 -22.54
N ILE C 10 35.53 34.64 -23.59
CA ILE C 10 34.35 34.88 -24.41
C ILE C 10 33.09 34.57 -23.63
N PHE C 11 33.11 33.51 -22.82
CA PHE C 11 31.96 33.19 -21.99
C PHE C 11 31.69 34.32 -21.00
N ASN C 12 32.75 34.86 -20.39
CA ASN C 12 32.57 36.00 -19.49
C ASN C 12 31.99 37.19 -20.23
N ALA C 13 32.46 37.44 -21.46
CA ALA C 13 31.95 38.56 -22.24
C ALA C 13 30.47 38.37 -22.55
N LEU C 14 30.08 37.17 -22.96
CA LEU C 14 28.67 36.91 -23.25
C LEU C 14 27.82 37.06 -22.00
N LEU C 15 28.33 36.56 -20.86
CA LEU C 15 27.59 36.67 -19.60
C LEU C 15 27.41 38.13 -19.19
N ASN C 16 28.45 38.94 -19.35
CA ASN C 16 28.31 40.37 -19.09
C ASN C 16 27.29 40.98 -20.04
N THR C 17 27.30 40.57 -21.30
CA THR C 17 26.31 41.05 -22.25
C THR C 17 24.94 40.43 -22.00
N ILE C 18 24.86 39.10 -22.16
CA ILE C 18 23.61 38.35 -21.94
C ILE C 18 23.95 37.18 -21.03
N ASP C 19 23.65 37.32 -19.74
CA ASP C 19 23.98 36.31 -18.76
C ASP C 19 22.83 35.31 -18.61
N LEU C 20 23.17 34.11 -18.15
CA LEU C 20 22.17 33.06 -17.98
C LEU C 20 21.12 33.43 -16.93
N SER C 21 21.41 34.43 -16.08
CA SER C 21 20.42 34.90 -15.14
C SER C 21 19.23 35.56 -15.83
N GLN C 22 19.36 35.88 -17.12
CA GLN C 22 18.28 36.49 -17.90
C GLN C 22 17.36 35.46 -18.52
N LEU C 23 17.23 34.27 -17.90
CA LEU C 23 16.36 33.24 -18.42
C LEU C 23 14.97 33.80 -18.70
N ALA C 24 14.26 33.17 -19.64
CA ALA C 24 12.97 33.58 -20.17
C ALA C 24 13.11 34.76 -21.13
N GLN C 25 14.32 35.29 -21.31
CA GLN C 25 14.61 36.30 -22.31
C GLN C 25 15.78 35.83 -23.15
N LEU C 26 15.84 36.30 -24.40
CA LEU C 26 16.81 35.80 -25.37
C LEU C 26 16.63 34.30 -25.56
N ASP C 27 15.47 33.96 -26.11
CA ASP C 27 15.03 32.58 -26.22
C ASP C 27 15.82 31.87 -27.32
N LEU C 28 15.30 30.72 -27.77
CA LEU C 28 16.01 29.89 -28.74
C LEU C 28 16.61 30.69 -29.89
N LYS C 29 15.75 31.34 -30.69
CA LYS C 29 16.24 32.10 -31.84
C LYS C 29 16.91 33.40 -31.40
N GLN C 30 16.30 34.09 -30.42
CA GLN C 30 16.93 35.30 -29.91
C GLN C 30 18.32 35.02 -29.40
N ALA C 31 18.51 33.90 -28.68
CA ALA C 31 19.84 33.52 -28.24
C ALA C 31 20.73 33.17 -29.42
N GLY C 32 20.25 32.31 -30.32
CA GLY C 32 21.07 31.92 -31.46
C GLY C 32 21.57 33.11 -32.26
N GLU C 33 20.86 34.24 -32.17
CA GLU C 33 21.32 35.46 -32.83
C GLU C 33 22.24 36.29 -31.92
N GLU C 34 21.78 36.61 -30.71
CA GLU C 34 22.51 37.54 -29.85
C GLU C 34 23.83 36.96 -29.38
N ILE C 35 23.87 35.67 -29.03
CA ILE C 35 25.11 35.05 -28.58
C ILE C 35 26.13 35.08 -29.70
N ARG C 36 25.72 34.72 -30.92
CA ARG C 36 26.63 34.76 -32.04
C ARG C 36 27.11 36.18 -32.30
N ASP C 37 26.22 37.16 -32.22
CA ASP C 37 26.61 38.54 -32.46
C ASP C 37 27.63 39.02 -31.43
N ILE C 38 27.39 38.70 -30.15
CA ILE C 38 28.32 39.11 -29.11
C ILE C 38 29.65 38.39 -29.28
N VAL C 39 29.62 37.13 -29.71
CA VAL C 39 30.85 36.38 -29.93
C VAL C 39 31.66 37.02 -31.06
N ALA C 40 31.01 37.38 -32.16
CA ALA C 40 31.70 38.04 -33.25
C ALA C 40 32.27 39.38 -32.80
N GLU C 41 31.50 40.14 -32.01
CA GLU C 41 31.97 41.42 -31.52
C GLU C 41 33.19 41.24 -30.63
N LEU C 42 33.16 40.26 -29.73
CA LEU C 42 34.30 40.02 -28.85
C LEU C 42 35.53 39.58 -29.65
N VAL C 43 35.34 38.71 -30.64
CA VAL C 43 36.46 38.29 -31.47
C VAL C 43 37.04 39.46 -32.23
N ALA C 44 36.20 40.36 -32.72
CA ALA C 44 36.69 41.53 -33.45
C ALA C 44 37.44 42.48 -32.52
N ILE C 45 36.77 42.98 -31.49
CA ILE C 45 37.42 43.92 -30.56
C ILE C 45 38.51 43.20 -29.77
N LYS C 46 38.20 42.02 -29.24
CA LYS C 46 39.14 41.25 -28.43
C LYS C 46 39.89 40.28 -29.35
N ASN C 47 41.19 40.52 -29.50
CA ASN C 47 42.00 39.69 -30.39
C ASN C 47 42.03 38.26 -29.86
N VAL C 48 41.65 37.31 -30.70
CA VAL C 48 41.68 35.90 -30.36
C VAL C 48 42.30 35.14 -31.53
N SER C 49 43.24 34.26 -31.22
CA SER C 49 43.93 33.48 -32.23
C SER C 49 43.02 32.48 -32.94
N MET C 50 41.82 32.23 -32.39
CA MET C 50 40.89 31.32 -33.04
C MET C 50 40.52 31.84 -34.42
N SER C 51 40.38 30.91 -35.38
CA SER C 51 40.05 31.25 -36.75
C SER C 51 38.53 31.28 -36.93
N VAL C 52 38.08 31.43 -38.17
CA VAL C 52 36.65 31.45 -38.45
C VAL C 52 36.00 30.14 -38.02
N ALA C 53 36.64 29.02 -38.35
CA ALA C 53 36.17 27.73 -37.85
C ALA C 53 36.25 27.68 -36.33
N GLU C 54 37.34 28.18 -35.76
CA GLU C 54 37.46 28.24 -34.30
C GLU C 54 36.45 29.22 -33.72
N GLN C 55 36.16 30.32 -34.43
CA GLN C 55 35.14 31.24 -33.98
C GLN C 55 33.78 30.55 -33.93
N GLU C 56 33.46 29.76 -34.95
CA GLU C 56 32.20 29.01 -34.96
C GLU C 56 32.18 27.96 -33.86
N HIS C 57 33.32 27.31 -33.60
CA HIS C 57 33.38 26.34 -32.51
C HIS C 57 33.14 27.03 -31.16
N LEU C 58 33.72 28.21 -30.96
CA LEU C 58 33.50 28.93 -29.73
C LEU C 58 32.05 29.40 -29.61
N VAL C 59 31.46 29.83 -30.72
CA VAL C 59 30.05 30.22 -30.72
C VAL C 59 29.19 29.03 -30.30
N GLN C 60 29.48 27.86 -30.86
CA GLN C 60 28.72 26.67 -30.51
C GLN C 60 28.97 26.28 -29.06
N ASP C 61 30.17 26.51 -28.54
CA ASP C 61 30.45 26.24 -27.14
C ASP C 61 29.62 27.14 -26.23
N ILE C 62 29.51 28.42 -26.59
CA ILE C 62 28.66 29.32 -25.81
C ILE C 62 27.20 28.89 -25.90
N ILE C 63 26.77 28.50 -27.10
CA ILE C 63 25.42 27.98 -27.26
C ILE C 63 25.19 26.78 -26.37
N ASN C 64 26.18 25.89 -26.31
CA ASN C 64 26.07 24.73 -25.43
C ASN C 64 25.95 25.17 -23.97
N ASP C 65 26.79 26.11 -23.55
CA ASP C 65 26.69 26.66 -22.21
C ASP C 65 25.27 27.12 -21.93
N VAL C 66 24.64 27.73 -22.93
CA VAL C 66 23.27 28.20 -22.75
C VAL C 66 22.31 27.03 -22.61
N LEU C 67 22.30 26.13 -23.57
CA LEU C 67 21.27 25.09 -23.60
C LEU C 67 21.85 23.75 -24.06
N GLY C 68 23.13 23.49 -23.81
CA GLY C 68 23.83 22.42 -24.49
C GLY C 68 23.83 21.10 -23.74
N TYR C 69 24.58 20.15 -24.29
CA TYR C 69 24.85 18.87 -23.67
C TYR C 69 26.06 18.89 -22.75
N GLY C 70 26.92 19.90 -22.87
CA GLY C 70 28.24 19.82 -22.28
C GLY C 70 29.22 19.30 -23.30
N PRO C 71 30.47 19.06 -22.89
CA PRO C 71 31.52 18.70 -23.85
C PRO C 71 31.38 17.33 -24.49
N LEU C 72 30.25 16.63 -24.30
CA LEU C 72 30.06 15.35 -24.97
C LEU C 72 30.01 15.51 -26.49
N GLU C 73 29.52 16.66 -26.97
CA GLU C 73 29.27 16.81 -28.40
C GLU C 73 30.49 16.58 -29.26
N PRO C 74 31.66 17.16 -28.97
CA PRO C 74 32.83 16.87 -29.80
C PRO C 74 33.15 15.39 -29.86
N LEU C 75 32.78 14.62 -28.84
CA LEU C 75 32.94 13.17 -28.89
C LEU C 75 31.84 12.55 -29.75
N LEU C 76 30.58 12.81 -29.40
CA LEU C 76 29.46 12.20 -30.12
C LEU C 76 29.57 12.45 -31.62
N ALA C 77 30.06 13.62 -32.02
CA ALA C 77 30.13 13.94 -33.43
C ALA C 77 30.95 12.91 -34.20
N ARG C 78 31.92 12.29 -33.55
CA ARG C 78 32.79 11.35 -34.24
C ARG C 78 32.03 10.05 -34.54
N ASP C 79 32.71 9.13 -35.22
CA ASP C 79 32.18 7.81 -35.54
C ASP C 79 32.98 6.67 -34.94
N ASP C 80 34.30 6.84 -34.79
CA ASP C 80 35.12 5.78 -34.21
C ASP C 80 34.80 5.58 -32.74
N ILE C 81 34.24 6.58 -32.08
CA ILE C 81 33.87 6.47 -30.68
C ILE C 81 32.68 5.53 -30.57
N ALA C 82 32.93 4.29 -30.17
CA ALA C 82 31.89 3.27 -30.07
C ALA C 82 31.25 3.21 -28.69
N ASP C 83 31.87 3.81 -27.67
CA ASP C 83 31.28 3.82 -26.33
C ASP C 83 31.82 5.03 -25.57
N ILE C 84 30.96 5.66 -24.78
CA ILE C 84 31.33 6.80 -23.96
C ILE C 84 31.05 6.43 -22.51
N MET C 85 32.08 6.46 -21.68
CA MET C 85 32.01 6.06 -20.28
C MET C 85 32.45 7.24 -19.42
N VAL C 86 31.59 7.64 -18.48
CA VAL C 86 31.84 8.85 -17.71
C VAL C 86 32.58 8.53 -16.41
N ASN C 87 31.95 7.76 -15.53
CA ASN C 87 32.56 7.40 -14.24
C ASN C 87 33.03 8.64 -13.49
N GLY C 88 32.07 9.49 -13.15
CA GLY C 88 32.36 10.72 -12.43
C GLY C 88 32.64 11.88 -13.36
N ALA C 89 32.98 13.01 -12.75
CA ALA C 89 33.18 14.23 -13.51
C ALA C 89 34.58 14.35 -14.10
N HIS C 90 35.55 13.61 -13.56
CA HIS C 90 36.95 13.83 -13.88
C HIS C 90 37.49 12.83 -14.90
N ARG C 91 36.64 12.04 -15.54
CA ARG C 91 37.15 11.03 -16.45
C ARG C 91 36.15 10.74 -17.55
N VAL C 92 36.67 10.49 -18.75
CA VAL C 92 35.85 10.04 -19.86
C VAL C 92 36.70 9.12 -20.73
N PHE C 93 36.34 7.85 -20.78
CA PHE C 93 37.06 6.87 -21.59
C PHE C 93 36.33 6.64 -22.90
N ILE C 94 37.01 5.98 -23.83
CA ILE C 94 36.40 5.66 -25.12
C ILE C 94 37.03 4.38 -25.66
N GLU C 95 36.22 3.62 -26.42
CA GLU C 95 36.70 2.48 -27.18
C GLU C 95 36.78 2.85 -28.64
N VAL C 96 37.90 2.51 -29.27
CA VAL C 96 38.16 2.83 -30.67
C VAL C 96 38.56 1.53 -31.34
N GLY C 97 37.57 0.80 -31.87
CA GLY C 97 37.84 -0.40 -32.64
C GLY C 97 38.83 -1.37 -32.01
N GLY C 98 38.43 -2.03 -30.92
CA GLY C 98 39.22 -3.05 -30.29
C GLY C 98 40.01 -2.57 -29.09
N LYS C 99 40.51 -1.34 -29.14
CA LYS C 99 41.27 -0.75 -28.05
C LYS C 99 40.37 0.16 -27.22
N VAL C 100 40.80 0.42 -25.99
CA VAL C 100 40.09 1.33 -25.09
C VAL C 100 41.13 2.21 -24.41
N GLN C 101 40.78 3.46 -24.15
CA GLN C 101 41.73 4.38 -23.56
C GLN C 101 41.00 5.51 -22.83
N LEU C 102 41.79 6.30 -22.12
CA LEU C 102 41.35 7.50 -21.44
C LEU C 102 41.44 8.69 -22.38
N THR C 103 40.70 9.75 -22.05
CA THR C 103 40.65 10.96 -22.86
C THR C 103 40.91 12.18 -21.99
N ASN C 104 41.49 13.20 -22.62
CA ASN C 104 41.76 14.48 -21.94
C ASN C 104 40.59 15.43 -22.14
N VAL C 105 39.41 14.92 -21.79
CA VAL C 105 38.16 15.68 -21.80
C VAL C 105 37.53 15.50 -20.43
N ARG C 106 37.10 16.59 -19.82
CA ARG C 106 36.65 16.53 -18.44
C ARG C 106 35.50 17.51 -18.23
N PHE C 107 34.80 17.33 -17.13
CA PHE C 107 33.77 18.24 -16.69
C PHE C 107 34.34 19.16 -15.62
N ARG C 108 33.60 20.23 -15.35
CA ARG C 108 34.05 21.24 -14.39
C ARG C 108 33.66 20.84 -12.98
N ASP C 109 32.38 20.63 -12.75
CA ASP C 109 31.86 20.34 -11.42
C ASP C 109 30.74 19.32 -11.53
N ASN C 110 30.56 18.53 -10.46
CA ASN C 110 29.53 17.50 -10.48
C ASN C 110 28.17 18.10 -10.76
N LEU C 111 27.98 19.40 -10.49
CA LEU C 111 26.74 20.03 -10.91
C LEU C 111 26.60 19.99 -12.43
N GLN C 112 27.69 20.25 -13.15
CA GLN C 112 27.63 20.23 -14.61
C GLN C 112 27.23 18.85 -15.12
N LEU C 113 27.92 17.81 -14.67
CA LEU C 113 27.60 16.45 -15.11
C LEU C 113 26.19 16.05 -14.69
N MET C 114 25.80 16.38 -13.46
CA MET C 114 24.48 16.01 -13.00
C MET C 114 23.41 16.69 -13.84
N ASN C 115 23.59 17.97 -14.13
CA ASN C 115 22.61 18.70 -14.93
C ASN C 115 22.55 18.13 -16.34
N ILE C 116 23.71 17.78 -16.91
CA ILE C 116 23.73 17.21 -18.25
C ILE C 116 22.97 15.89 -18.28
N CYS C 117 23.18 15.06 -17.26
CA CYS C 117 22.45 13.80 -17.19
C CYS C 117 20.95 14.05 -17.07
N GLN C 118 20.55 14.98 -16.21
CA GLN C 118 19.14 15.27 -16.05
C GLN C 118 18.54 15.75 -17.37
N ARG C 119 19.28 16.57 -18.11
CA ARG C 119 18.78 17.07 -19.39
C ARG C 119 18.65 15.94 -20.40
N ILE C 120 19.70 15.14 -20.57
CA ILE C 120 19.68 14.09 -21.57
C ILE C 120 18.63 13.03 -21.26
N VAL C 121 18.30 12.81 -19.98
CA VAL C 121 17.19 11.92 -19.68
C VAL C 121 15.85 12.63 -19.80
N SER C 122 15.81 13.96 -19.69
CA SER C 122 14.58 14.69 -19.97
C SER C 122 14.25 14.69 -21.45
N GLN C 123 15.20 14.28 -22.30
CA GLN C 123 14.93 14.21 -23.73
C GLN C 123 13.81 13.22 -24.02
N VAL C 124 13.71 12.13 -23.25
CA VAL C 124 12.67 11.14 -23.44
C VAL C 124 11.81 11.06 -22.18
N GLY C 125 11.57 12.21 -21.56
CA GLY C 125 10.69 12.23 -20.40
C GLY C 125 11.19 11.38 -19.25
N ARG C 126 12.49 11.42 -18.98
CA ARG C 126 13.09 10.72 -17.85
C ARG C 126 13.81 11.71 -16.95
N ARG C 127 13.75 11.46 -15.65
CA ARG C 127 14.34 12.33 -14.65
C ARG C 127 15.05 11.49 -13.60
N VAL C 128 16.32 11.79 -13.37
CA VAL C 128 17.15 11.06 -12.41
C VAL C 128 17.64 12.07 -11.37
N ASP C 129 17.38 11.77 -10.10
CA ASP C 129 17.68 12.70 -9.02
C ASP C 129 17.80 11.91 -7.72
N GLU C 130 17.78 12.62 -6.59
CA GLU C 130 17.98 12.01 -5.29
C GLU C 130 16.76 11.26 -4.78
N SER C 131 15.69 11.16 -5.59
CA SER C 131 14.53 10.36 -5.23
C SER C 131 14.49 9.03 -5.97
N SER C 132 14.88 9.02 -7.24
CA SER C 132 14.97 7.79 -8.04
C SER C 132 16.36 7.78 -8.68
N PRO C 133 17.39 7.32 -7.95
CA PRO C 133 18.77 7.56 -8.36
C PRO C 133 19.25 6.71 -9.52
N ILE C 134 18.38 5.97 -10.20
CA ILE C 134 18.78 5.08 -11.29
C ILE C 134 17.90 5.37 -12.49
N CYS C 135 18.49 5.43 -13.68
CA CYS C 135 17.72 5.67 -14.89
C CYS C 135 18.40 5.01 -16.08
N ASP C 136 17.70 4.10 -16.74
CA ASP C 136 18.09 3.56 -18.03
C ASP C 136 17.11 4.04 -19.08
N ALA C 137 17.61 4.35 -20.28
CA ALA C 137 16.72 4.81 -21.33
C ALA C 137 17.39 4.61 -22.67
N ARG C 138 16.60 4.77 -23.72
CA ARG C 138 17.07 4.70 -25.11
C ARG C 138 16.61 5.98 -25.80
N LEU C 139 17.57 6.78 -26.24
CA LEU C 139 17.23 8.02 -26.92
C LEU C 139 16.67 7.74 -28.31
N PRO C 140 15.86 8.66 -28.84
CA PRO C 140 15.23 8.39 -30.14
C PRO C 140 16.23 8.12 -31.25
N ASP C 141 17.40 8.79 -31.22
CA ASP C 141 18.36 8.61 -32.29
C ASP C 141 18.81 7.17 -32.43
N GLY C 142 18.64 6.36 -31.38
CA GLY C 142 18.92 4.94 -31.46
C GLY C 142 19.83 4.41 -30.38
N SER C 143 20.81 5.21 -29.96
CA SER C 143 21.77 4.78 -28.95
C SER C 143 21.12 4.76 -27.57
N ARG C 144 21.75 4.03 -26.65
CA ARG C 144 21.23 3.79 -25.31
C ARG C 144 22.08 4.50 -24.27
N VAL C 145 21.43 4.87 -23.16
CA VAL C 145 22.03 5.67 -22.10
C VAL C 145 21.64 5.08 -20.76
N ASN C 146 22.58 5.11 -19.81
CA ASN C 146 22.31 4.73 -18.43
C ASN C 146 22.96 5.73 -17.50
N VAL C 147 22.33 5.97 -16.34
CA VAL C 147 22.75 7.01 -15.41
C VAL C 147 22.46 6.58 -13.97
N ILE C 148 23.41 6.85 -13.08
CA ILE C 148 23.28 6.59 -11.66
C ILE C 148 23.65 7.85 -10.90
N ALA C 149 22.97 8.04 -9.77
CA ALA C 149 22.90 9.30 -9.04
C ALA C 149 23.79 9.30 -7.81
N PRO C 150 24.00 10.47 -7.20
CA PRO C 150 24.96 10.59 -6.10
C PRO C 150 24.61 9.70 -4.92
N PRO C 151 23.34 9.58 -4.54
CA PRO C 151 23.03 8.83 -3.31
C PRO C 151 23.62 7.43 -3.29
N LEU C 152 23.65 6.75 -4.44
CA LEU C 152 24.31 5.45 -4.54
C LEU C 152 25.75 5.61 -5.02
N ALA C 153 25.94 6.06 -6.25
CA ALA C 153 27.28 6.20 -6.79
C ALA C 153 28.07 7.16 -5.92
N LEU C 154 29.08 6.64 -5.22
CA LEU C 154 29.86 7.46 -4.29
C LEU C 154 30.77 8.45 -5.00
N ASP C 155 30.92 8.34 -6.32
CA ASP C 155 31.80 9.23 -7.08
C ASP C 155 31.00 10.26 -7.86
N GLY C 156 29.87 10.73 -7.31
CA GLY C 156 28.97 11.57 -8.05
C GLY C 156 28.25 10.76 -9.10
N PRO C 157 27.64 11.43 -10.08
CA PRO C 157 26.90 10.70 -11.11
C PRO C 157 27.82 9.84 -11.96
N THR C 158 27.26 8.73 -12.46
CA THR C 158 27.98 7.86 -13.38
C THR C 158 27.11 7.55 -14.57
N LEU C 159 27.65 7.72 -15.77
CA LEU C 159 26.85 7.74 -16.98
C LEU C 159 27.56 6.96 -18.08
N THR C 160 26.80 6.17 -18.83
CA THR C 160 27.32 5.39 -19.94
C THR C 160 26.42 5.56 -21.15
N ILE C 161 27.02 5.79 -22.32
CA ILE C 161 26.29 5.92 -23.58
C ILE C 161 26.91 4.96 -24.57
N ARG C 162 26.10 4.05 -25.11
CA ARG C 162 26.61 3.01 -25.99
C ARG C 162 26.25 3.34 -27.44
N LYS C 163 27.26 3.34 -28.31
CA LYS C 163 27.05 3.70 -29.70
C LYS C 163 26.03 2.77 -30.34
N PHE C 164 25.17 3.35 -31.17
CA PHE C 164 24.17 2.56 -31.87
C PHE C 164 24.81 1.77 -33.01
N LYS C 165 24.23 0.61 -33.28
CA LYS C 165 24.73 -0.30 -34.31
C LYS C 165 23.55 -1.06 -34.89
N LYS C 166 23.76 -1.63 -36.07
CA LYS C 166 22.70 -2.28 -36.83
C LYS C 166 23.13 -3.69 -37.20
N ASP C 167 22.25 -4.67 -36.92
CA ASP C 167 22.54 -6.06 -37.22
C ASP C 167 21.81 -6.56 -38.47
N LYS C 168 20.47 -6.53 -38.46
CA LYS C 168 19.65 -6.96 -39.59
C LYS C 168 20.07 -8.34 -40.09
N LEU C 169 20.26 -9.26 -39.14
CA LEU C 169 20.62 -10.62 -39.50
C LEU C 169 19.48 -11.31 -40.22
N THR C 170 19.81 -12.32 -41.02
CA THR C 170 18.83 -13.10 -41.75
C THR C 170 19.03 -14.58 -41.48
N MET C 171 17.94 -15.34 -41.60
CA MET C 171 17.99 -16.76 -41.25
C MET C 171 18.98 -17.50 -42.11
N LYS C 172 19.15 -17.09 -43.36
CA LYS C 172 20.14 -17.75 -44.21
C LYS C 172 21.56 -17.42 -43.75
N ASN C 173 21.75 -16.27 -43.11
CA ASN C 173 23.08 -15.92 -42.61
C ASN C 173 23.35 -16.51 -41.23
N LEU C 174 22.31 -16.64 -40.40
CA LEU C 174 22.53 -17.17 -39.07
C LEU C 174 23.22 -18.53 -39.09
N VAL C 175 22.91 -19.36 -40.09
CA VAL C 175 23.51 -20.68 -40.16
C VAL C 175 25.02 -20.59 -40.35
N GLU C 176 25.47 -19.69 -41.23
CA GLU C 176 26.91 -19.50 -41.41
C GLU C 176 27.58 -19.05 -40.13
N PHE C 177 26.96 -18.11 -39.41
CA PHE C 177 27.49 -17.65 -38.13
C PHE C 177 27.40 -18.73 -37.06
N ALA C 178 26.88 -19.92 -37.39
CA ALA C 178 26.87 -21.06 -36.48
C ALA C 178 25.89 -20.87 -35.33
N SER C 179 24.98 -19.91 -35.47
CA SER C 179 23.98 -19.71 -34.43
C SER C 179 23.08 -20.93 -34.29
N ILE C 180 22.53 -21.41 -35.40
CA ILE C 180 21.61 -22.53 -35.42
C ILE C 180 21.97 -23.44 -36.58
N SER C 181 21.94 -24.75 -36.34
CA SER C 181 22.24 -25.71 -37.38
C SER C 181 21.13 -25.70 -38.43
N PRO C 182 21.45 -26.09 -39.68
CA PRO C 182 20.45 -25.99 -40.75
C PRO C 182 19.15 -26.72 -40.46
N GLU C 183 19.22 -27.88 -39.82
CA GLU C 183 17.99 -28.57 -39.42
C GLU C 183 17.16 -27.68 -38.50
N GLY C 184 17.80 -27.06 -37.52
CA GLY C 184 17.11 -26.08 -36.71
C GLY C 184 16.56 -24.95 -37.53
N ALA C 185 17.28 -24.53 -38.57
CA ALA C 185 16.80 -23.43 -39.40
C ALA C 185 15.49 -23.80 -40.10
N ARG C 186 15.43 -25.01 -40.66
CA ARG C 186 14.19 -25.43 -41.31
C ARG C 186 13.07 -25.58 -40.30
N VAL C 187 13.36 -26.15 -39.13
CA VAL C 187 12.32 -26.30 -38.12
C VAL C 187 11.77 -24.94 -37.73
N LEU C 188 12.65 -23.97 -37.51
CA LEU C 188 12.19 -22.63 -37.14
C LEU C 188 11.44 -21.98 -38.28
N GLY C 189 11.85 -22.18 -39.52
CA GLY C 189 11.07 -21.66 -40.62
C GLY C 189 9.65 -22.17 -40.59
N VAL C 190 9.50 -23.47 -40.34
CA VAL C 190 8.16 -24.05 -40.25
C VAL C 190 7.41 -23.48 -39.06
N ILE C 191 8.11 -23.28 -37.94
CA ILE C 191 7.46 -22.78 -36.74
C ILE C 191 7.00 -21.34 -36.92
N GLY C 192 7.71 -20.56 -37.73
CA GLY C 192 7.35 -19.19 -37.95
C GLY C 192 6.26 -19.03 -38.98
N ALA C 193 6.33 -19.79 -40.07
CA ALA C 193 5.32 -19.68 -41.12
C ALA C 193 4.00 -20.32 -40.74
N CYS C 194 3.95 -21.09 -39.64
CA CYS C 194 2.77 -21.86 -39.29
C CYS C 194 1.90 -21.16 -38.25
N ARG C 195 2.17 -19.89 -37.94
CA ARG C 195 1.38 -19.12 -36.98
C ARG C 195 1.33 -19.83 -35.62
N CYS C 196 2.49 -19.88 -34.97
CA CYS C 196 2.63 -20.53 -33.67
C CYS C 196 2.86 -19.48 -32.58
N ASN C 197 2.04 -19.53 -31.54
CA ASN C 197 2.14 -18.56 -30.45
C ASN C 197 3.43 -18.81 -29.69
N LEU C 198 4.46 -18.04 -29.98
CA LEU C 198 5.76 -18.25 -29.37
C LEU C 198 6.13 -17.03 -28.54
N VAL C 199 7.24 -17.17 -27.81
CA VAL C 199 7.78 -16.12 -26.94
C VAL C 199 9.28 -16.26 -26.94
N ILE C 200 9.99 -15.24 -27.41
CA ILE C 200 11.43 -15.31 -27.56
C ILE C 200 12.06 -14.73 -26.29
N SER C 201 12.35 -15.58 -25.32
CA SER C 201 13.05 -15.15 -24.12
C SER C 201 14.47 -14.74 -24.48
N GLY C 202 15.19 -14.28 -23.47
CA GLY C 202 16.58 -13.92 -23.67
C GLY C 202 17.17 -13.31 -22.42
N GLY C 203 18.49 -13.48 -22.29
CA GLY C 203 19.22 -12.96 -21.16
C GLY C 203 19.90 -11.64 -21.48
N THR C 204 20.64 -11.13 -20.50
CA THR C 204 21.30 -9.84 -20.65
C THR C 204 22.23 -9.86 -21.86
N GLY C 205 22.14 -8.80 -22.67
CA GLY C 205 23.00 -8.72 -23.83
C GLY C 205 22.93 -9.92 -24.73
N SER C 206 21.80 -10.62 -24.74
CA SER C 206 21.65 -11.78 -25.60
C SER C 206 21.37 -11.37 -27.04
N GLY C 207 20.61 -10.30 -27.25
CA GLY C 207 20.29 -9.84 -28.58
C GLY C 207 19.00 -10.45 -29.11
N LYS C 208 17.92 -10.31 -28.37
CA LYS C 208 16.65 -10.90 -28.78
C LYS C 208 16.12 -10.25 -30.06
N THR C 209 16.07 -8.92 -30.08
CA THR C 209 15.33 -8.22 -31.13
C THR C 209 15.79 -8.66 -32.51
N THR C 210 17.09 -8.91 -32.67
CA THR C 210 17.58 -9.41 -33.96
C THR C 210 16.92 -10.75 -34.28
N LEU C 211 16.84 -11.64 -33.29
CA LEU C 211 16.20 -12.92 -33.53
C LEU C 211 14.74 -12.75 -33.87
N LEU C 212 14.05 -11.84 -33.18
CA LEU C 212 12.62 -11.65 -33.43
C LEU C 212 12.38 -11.14 -34.84
N ASN C 213 13.20 -10.19 -35.29
CA ASN C 213 13.10 -9.72 -36.66
C ASN C 213 13.35 -10.86 -37.64
N THR C 214 14.40 -11.64 -37.39
CA THR C 214 14.74 -12.75 -38.28
C THR C 214 13.60 -13.74 -38.37
N MET C 215 12.89 -13.95 -37.26
CA MET C 215 11.76 -14.88 -37.26
C MET C 215 10.56 -14.30 -37.99
N THR C 216 10.19 -13.05 -37.71
CA THR C 216 9.03 -12.48 -38.38
C THR C 216 9.26 -12.32 -39.87
N ALA C 217 10.50 -12.41 -40.33
CA ALA C 217 10.73 -12.37 -41.77
C ALA C 217 10.08 -13.57 -42.48
N PHE C 218 9.48 -14.50 -41.72
CA PHE C 218 8.83 -15.67 -42.31
C PHE C 218 7.35 -15.47 -42.60
N ILE C 219 6.73 -14.39 -42.12
CA ILE C 219 5.28 -14.29 -42.18
C ILE C 219 4.82 -14.14 -43.63
N ASP C 220 3.63 -14.67 -43.91
CA ASP C 220 3.07 -14.57 -45.24
C ASP C 220 2.64 -13.13 -45.53
N PRO C 221 2.75 -12.69 -46.78
CA PRO C 221 2.54 -11.25 -47.05
C PRO C 221 1.19 -10.71 -46.62
N THR C 222 0.10 -11.33 -47.08
CA THR C 222 -1.21 -10.70 -46.97
C THR C 222 -1.64 -10.49 -45.53
N GLU C 223 -0.99 -11.14 -44.57
CA GLU C 223 -1.47 -11.10 -43.20
C GLU C 223 -1.29 -9.71 -42.60
N ARG C 224 -2.36 -9.16 -42.05
CA ARG C 224 -2.34 -7.82 -41.48
C ARG C 224 -1.68 -7.86 -40.10
N VAL C 225 -0.46 -7.34 -40.00
CA VAL C 225 0.35 -7.45 -38.80
C VAL C 225 0.25 -6.15 -38.02
N VAL C 226 0.53 -6.24 -36.72
CA VAL C 226 0.47 -5.08 -35.84
C VAL C 226 1.51 -5.21 -34.73
N THR C 227 2.42 -4.27 -34.63
CA THR C 227 3.45 -4.29 -33.61
C THR C 227 3.06 -3.36 -32.46
N CYS C 228 3.87 -3.37 -31.41
CA CYS C 228 3.69 -2.45 -30.28
C CYS C 228 5.05 -2.30 -29.60
N GLU C 229 5.76 -1.23 -29.92
CA GLU C 229 7.14 -1.07 -29.50
C GLU C 229 7.29 0.19 -28.66
N ASP C 230 8.49 0.39 -28.11
CA ASP C 230 8.81 1.58 -27.35
C ASP C 230 9.92 2.41 -27.98
N ALA C 231 10.55 1.92 -29.05
CA ALA C 231 11.70 2.60 -29.62
C ALA C 231 11.73 2.67 -31.14
N ALA C 232 10.86 1.95 -31.85
CA ALA C 232 10.85 1.96 -33.31
C ALA C 232 12.16 1.39 -33.86
N GLU C 233 12.43 0.14 -33.48
CA GLU C 233 13.65 -0.56 -33.84
C GLU C 233 13.47 -1.49 -35.03
N LEU C 234 12.43 -2.31 -35.01
CA LEU C 234 12.28 -3.37 -35.99
C LEU C 234 12.23 -2.81 -37.41
N GLN C 235 12.32 -3.72 -38.38
CA GLN C 235 12.22 -3.38 -39.79
C GLN C 235 11.51 -4.55 -40.47
N LEU C 236 10.19 -4.46 -40.54
CA LEU C 236 9.41 -5.53 -41.15
C LEU C 236 9.46 -5.41 -42.67
N GLN C 237 9.45 -6.55 -43.33
CA GLN C 237 9.59 -6.63 -44.78
C GLN C 237 8.32 -7.15 -45.43
N GLN C 238 7.17 -6.66 -44.98
CA GLN C 238 5.89 -7.11 -45.48
C GLN C 238 5.07 -5.91 -45.90
N PRO C 239 4.20 -6.06 -46.91
CA PRO C 239 3.45 -4.91 -47.43
C PRO C 239 2.41 -4.42 -46.44
N HIS C 240 1.68 -5.35 -45.84
CA HIS C 240 0.55 -5.00 -44.99
C HIS C 240 0.98 -5.03 -43.53
N VAL C 241 1.58 -3.93 -43.09
CA VAL C 241 2.08 -3.77 -41.74
C VAL C 241 1.51 -2.50 -41.14
N VAL C 242 1.14 -2.56 -39.86
CA VAL C 242 0.76 -1.38 -39.09
C VAL C 242 1.71 -1.29 -37.91
N ARG C 243 2.30 -0.11 -37.71
CA ARG C 243 3.28 0.09 -36.66
C ARG C 243 2.66 0.94 -35.56
N LEU C 244 3.32 0.95 -34.41
CA LEU C 244 2.82 1.72 -33.27
C LEU C 244 3.98 2.01 -32.33
N GLU C 245 3.67 2.78 -31.28
CA GLU C 245 4.66 3.17 -30.29
C GLU C 245 3.92 3.84 -29.14
N THR C 246 4.40 3.61 -27.92
CA THR C 246 3.80 4.26 -26.77
C THR C 246 4.30 5.70 -26.63
N ARG C 247 3.55 6.48 -25.87
CA ARG C 247 3.92 7.88 -25.60
C ARG C 247 4.11 8.04 -24.09
N PRO C 248 5.33 8.21 -23.60
CA PRO C 248 5.55 8.21 -22.15
C PRO C 248 4.82 9.36 -21.49
N PRO C 249 4.72 9.35 -20.17
CA PRO C 249 3.98 10.42 -19.48
C PRO C 249 4.58 11.79 -19.76
N ASN C 250 3.71 12.79 -19.80
CA ASN C 250 4.12 14.17 -20.03
C ASN C 250 4.97 14.67 -18.88
N LEU C 251 5.46 15.90 -19.00
CA LEU C 251 6.27 16.48 -17.93
C LEU C 251 5.52 16.47 -16.61
N GLU C 252 4.19 16.65 -16.67
CA GLU C 252 3.37 16.60 -15.47
C GLU C 252 3.03 15.17 -15.05
N GLY C 253 3.49 14.17 -15.78
CA GLY C 253 3.15 12.80 -15.44
C GLY C 253 1.70 12.45 -15.62
N SER C 254 1.10 12.89 -16.73
CA SER C 254 -0.32 12.67 -16.98
C SER C 254 -0.54 12.37 -18.46
N GLY C 255 -1.65 11.68 -18.74
CA GLY C 255 -1.97 11.34 -20.11
C GLY C 255 -0.95 10.43 -20.76
N ALA C 256 -0.54 9.38 -20.07
CA ALA C 256 0.44 8.45 -20.61
C ALA C 256 -0.27 7.29 -21.31
N VAL C 257 0.38 6.77 -22.34
CA VAL C 257 -0.15 5.66 -23.13
C VAL C 257 0.77 4.47 -22.86
N THR C 258 0.43 3.68 -21.86
CA THR C 258 1.24 2.51 -21.52
C THR C 258 1.00 1.39 -22.53
N MET C 259 2.05 0.60 -22.77
CA MET C 259 1.93 -0.51 -23.70
C MET C 259 0.67 -1.32 -23.46
N ARG C 260 0.20 -1.36 -22.22
CA ARG C 260 -1.04 -2.06 -21.95
C ARG C 260 -2.19 -1.50 -22.77
N ASP C 261 -2.31 -0.17 -22.81
CA ASP C 261 -3.39 0.45 -23.55
C ASP C 261 -3.24 0.22 -25.05
N LEU C 262 -2.00 0.29 -25.55
CA LEU C 262 -1.78 -0.01 -26.96
C LEU C 262 -2.24 -1.41 -27.29
N VAL C 263 -1.93 -2.39 -26.44
CA VAL C 263 -2.36 -3.77 -26.72
C VAL C 263 -3.88 -3.87 -26.64
N LYS C 264 -4.47 -3.31 -25.58
CA LYS C 264 -5.91 -3.40 -25.42
C LYS C 264 -6.64 -2.80 -26.60
N ASN C 265 -6.05 -1.80 -27.23
CA ASN C 265 -6.68 -1.21 -28.40
C ASN C 265 -6.37 -1.99 -29.68
N CYS C 266 -5.15 -2.51 -29.82
CA CYS C 266 -4.84 -3.35 -30.96
C CYS C 266 -5.72 -4.58 -31.01
N LEU C 267 -6.30 -4.97 -29.87
CA LEU C 267 -7.23 -6.08 -29.89
C LEU C 267 -8.45 -5.79 -30.76
N ARG C 268 -8.72 -4.52 -31.08
CA ARG C 268 -9.95 -4.15 -31.78
C ARG C 268 -9.73 -3.76 -33.23
N MET C 269 -8.52 -3.87 -33.76
CA MET C 269 -8.22 -3.41 -35.11
C MET C 269 -8.21 -4.54 -36.12
N ARG C 270 -8.65 -5.73 -35.75
CA ARG C 270 -8.66 -6.86 -36.65
C ARG C 270 -7.24 -7.24 -37.06
N PRO C 271 -6.31 -7.42 -36.13
CA PRO C 271 -4.98 -7.87 -36.50
C PRO C 271 -4.86 -9.38 -36.46
N GLU C 272 -3.98 -9.90 -37.31
CA GLU C 272 -3.73 -11.33 -37.36
C GLU C 272 -2.53 -11.75 -36.50
N ARG C 273 -1.50 -10.92 -36.43
CA ARG C 273 -0.38 -11.12 -35.53
C ARG C 273 -0.18 -9.86 -34.72
N ILE C 274 -0.08 -10.00 -33.41
CA ILE C 274 0.23 -8.88 -32.54
C ILE C 274 1.67 -9.09 -32.07
N ILE C 275 2.63 -8.63 -32.83
CA ILE C 275 4.01 -8.66 -32.39
C ILE C 275 4.16 -7.62 -31.29
N VAL C 276 5.07 -7.87 -30.36
CA VAL C 276 5.34 -6.94 -29.27
C VAL C 276 6.84 -6.73 -29.17
N GLY C 277 7.24 -5.50 -28.84
CA GLY C 277 8.66 -5.23 -28.72
C GLY C 277 9.28 -5.82 -27.48
N GLU C 278 8.53 -5.86 -26.39
CA GLU C 278 9.04 -6.38 -25.12
C GLU C 278 7.90 -6.45 -24.14
N VAL C 279 8.10 -7.17 -23.04
CA VAL C 279 7.10 -7.35 -22.01
C VAL C 279 7.69 -6.87 -20.69
N ARG C 280 7.06 -5.86 -20.08
CA ARG C 280 7.59 -5.25 -18.87
C ARG C 280 6.65 -5.28 -17.69
N GLY C 281 5.34 -5.37 -17.91
CA GLY C 281 4.38 -5.24 -16.85
C GLY C 281 3.15 -6.11 -17.09
N PRO C 282 2.00 -5.69 -16.57
CA PRO C 282 0.81 -6.52 -16.72
C PRO C 282 0.31 -6.63 -18.15
N GLU C 283 0.93 -5.93 -19.10
CA GLU C 283 0.46 -6.04 -20.48
C GLU C 283 0.52 -7.48 -20.96
N ALA C 284 1.45 -8.27 -20.44
CA ALA C 284 1.47 -9.69 -20.78
C ALA C 284 0.07 -10.26 -20.77
N PHE C 285 -0.68 -9.95 -19.70
CA PHE C 285 -2.06 -10.43 -19.60
C PHE C 285 -2.81 -10.21 -20.90
N ASP C 286 -2.95 -8.95 -21.32
CA ASP C 286 -3.66 -8.66 -22.54
C ASP C 286 -3.07 -9.45 -23.70
N LEU C 287 -1.74 -9.46 -23.82
CA LEU C 287 -1.13 -10.19 -24.91
C LEU C 287 -1.53 -11.65 -24.87
N LEU C 288 -1.56 -12.25 -23.68
CA LEU C 288 -1.96 -13.65 -23.59
C LEU C 288 -3.38 -13.83 -24.10
N GLN C 289 -4.28 -12.90 -23.77
CA GLN C 289 -5.61 -12.97 -24.35
C GLN C 289 -5.54 -12.93 -25.87
N ALA C 290 -4.70 -12.05 -26.41
CA ALA C 290 -4.49 -12.02 -27.85
C ALA C 290 -3.91 -13.34 -28.35
N MET C 291 -3.06 -13.99 -27.55
CA MET C 291 -2.54 -15.28 -27.96
C MET C 291 -3.64 -16.34 -28.02
N ASN C 292 -4.76 -16.10 -27.37
CA ASN C 292 -5.75 -17.14 -27.14
C ASN C 292 -7.04 -16.92 -27.93
N THR C 293 -7.47 -15.68 -28.12
CA THR C 293 -8.76 -15.41 -28.74
C THR C 293 -8.60 -15.15 -30.24
N GLY C 294 -8.05 -16.14 -30.92
CA GLY C 294 -8.04 -16.11 -32.37
C GLY C 294 -7.17 -15.04 -33.01
N HIS C 295 -5.97 -14.81 -32.47
CA HIS C 295 -4.93 -14.02 -33.14
C HIS C 295 -3.67 -14.89 -33.10
N ASP C 296 -3.64 -15.91 -33.93
CA ASP C 296 -2.63 -16.96 -33.83
C ASP C 296 -1.38 -16.53 -34.58
N GLY C 297 -0.30 -16.33 -33.84
CA GLY C 297 0.96 -15.91 -34.42
C GLY C 297 1.60 -14.80 -33.61
N SER C 298 0.96 -14.40 -32.52
CA SER C 298 1.48 -13.33 -31.71
C SER C 298 2.83 -13.72 -31.12
N MET C 299 3.81 -12.84 -31.27
CA MET C 299 5.13 -13.04 -30.73
C MET C 299 5.34 -12.08 -29.57
N GLY C 300 6.55 -12.05 -29.05
CA GLY C 300 6.86 -11.14 -27.97
C GLY C 300 8.13 -11.55 -27.28
N THR C 301 8.79 -10.62 -26.60
CA THR C 301 10.06 -10.89 -25.96
C THR C 301 10.00 -10.45 -24.52
N LEU C 302 10.58 -11.24 -23.64
CA LEU C 302 10.69 -10.89 -22.23
C LEU C 302 12.08 -11.28 -21.74
N HIS C 303 12.52 -10.63 -20.67
CA HIS C 303 13.89 -10.80 -20.20
C HIS C 303 13.94 -11.93 -19.19
N ALA C 304 14.35 -13.11 -19.63
CA ALA C 304 14.49 -14.27 -18.77
C ALA C 304 15.71 -15.07 -19.20
N ASN C 305 16.27 -15.80 -18.25
CA ASN C 305 17.51 -16.53 -18.48
C ASN C 305 17.28 -17.91 -19.09
N SER C 306 16.34 -18.67 -18.52
CA SER C 306 16.01 -20.00 -19.02
C SER C 306 14.50 -20.17 -19.03
N PRO C 307 13.97 -20.99 -19.94
CA PRO C 307 12.50 -21.04 -20.09
C PRO C 307 11.75 -21.29 -18.79
N ARG C 308 12.25 -22.19 -17.94
CA ARG C 308 11.57 -22.45 -16.68
C ARG C 308 11.70 -21.31 -15.71
N GLU C 309 12.44 -20.26 -16.05
CA GLU C 309 12.30 -18.98 -15.36
C GLU C 309 11.39 -18.03 -16.11
N ALA C 310 11.38 -18.09 -17.44
CA ALA C 310 10.51 -17.19 -18.20
C ALA C 310 9.06 -17.42 -17.83
N ILE C 311 8.67 -18.68 -17.67
CA ILE C 311 7.29 -18.97 -17.30
C ILE C 311 6.96 -18.38 -15.93
N SER C 312 7.87 -18.54 -14.97
CA SER C 312 7.64 -18.00 -13.64
C SER C 312 7.54 -16.48 -13.67
N ARG C 313 8.36 -15.82 -14.49
CA ARG C 313 8.29 -14.37 -14.58
C ARG C 313 6.97 -13.93 -15.21
N ILE C 314 6.50 -14.64 -16.22
CA ILE C 314 5.18 -14.31 -16.78
C ILE C 314 4.13 -14.39 -15.70
N GLU C 315 4.15 -15.48 -14.92
CA GLU C 315 3.15 -15.61 -13.86
C GLU C 315 3.28 -14.47 -12.84
N SER C 316 4.51 -14.11 -12.49
CA SER C 316 4.70 -13.05 -11.52
C SER C 316 4.15 -11.73 -12.04
N MET C 317 4.37 -11.44 -13.33
CA MET C 317 3.82 -10.22 -13.91
C MET C 317 2.31 -10.23 -13.82
N ILE C 318 1.68 -11.33 -14.25
CA ILE C 318 0.22 -11.38 -14.22
C ILE C 318 -0.29 -11.16 -12.81
N THR C 319 0.36 -11.78 -11.82
CA THR C 319 -0.04 -11.58 -10.44
C THR C 319 0.11 -10.12 -10.02
N MET C 320 1.24 -9.51 -10.38
CA MET C 320 1.48 -8.11 -10.05
C MET C 320 0.43 -7.21 -10.67
N GLY C 321 -0.20 -7.64 -11.76
CA GLY C 321 -1.21 -6.84 -12.40
C GLY C 321 -2.31 -6.40 -11.46
N GLY C 322 -2.48 -7.10 -10.35
CA GLY C 322 -3.48 -6.73 -9.38
C GLY C 322 -4.89 -7.14 -9.75
N TYR C 323 -5.04 -8.23 -10.50
CA TYR C 323 -6.36 -8.70 -10.88
C TYR C 323 -6.99 -9.64 -9.86
N GLY C 324 -6.19 -10.21 -8.96
CA GLY C 324 -6.73 -11.15 -8.00
C GLY C 324 -6.88 -12.56 -8.50
N LEU C 325 -6.27 -12.89 -9.64
CA LEU C 325 -6.37 -14.24 -10.16
C LEU C 325 -5.61 -15.21 -9.25
N PRO C 326 -6.19 -16.38 -8.95
CA PRO C 326 -5.41 -17.42 -8.27
C PRO C 326 -4.32 -17.95 -9.19
N SER C 327 -3.23 -18.41 -8.57
CA SER C 327 -2.07 -18.79 -9.38
C SER C 327 -2.43 -19.90 -10.37
N LYS C 328 -3.19 -20.88 -9.93
CA LYS C 328 -3.48 -22.02 -10.80
C LYS C 328 -4.17 -21.57 -12.07
N THR C 329 -5.03 -20.56 -11.98
CA THR C 329 -5.65 -20.01 -13.19
C THR C 329 -4.59 -19.45 -14.12
N ILE C 330 -3.60 -18.76 -13.55
CA ILE C 330 -2.54 -18.19 -14.38
C ILE C 330 -1.78 -19.29 -15.10
N LYS C 331 -1.47 -20.38 -14.39
CA LYS C 331 -0.76 -21.49 -15.01
C LYS C 331 -1.61 -22.12 -16.12
N GLU C 332 -2.89 -22.32 -15.86
CA GLU C 332 -3.76 -22.85 -16.91
C GLU C 332 -3.71 -21.95 -18.14
N MET C 333 -3.82 -20.65 -17.93
CA MET C 333 -3.85 -19.71 -19.04
C MET C 333 -2.57 -19.77 -19.84
N ILE C 334 -1.42 -19.77 -19.14
CA ILE C 334 -0.15 -19.83 -19.86
C ILE C 334 -0.04 -21.12 -20.65
N VAL C 335 -0.37 -22.24 -20.01
CA VAL C 335 -0.28 -23.53 -20.70
C VAL C 335 -1.14 -23.54 -21.93
N GLY C 336 -2.33 -22.94 -21.85
CA GLY C 336 -3.21 -22.87 -23.00
C GLY C 336 -2.68 -21.97 -24.11
N SER C 337 -2.07 -20.84 -23.74
CA SER C 337 -1.70 -19.86 -24.75
C SER C 337 -0.37 -20.19 -25.40
N VAL C 338 0.73 -20.07 -24.66
CA VAL C 338 2.06 -20.20 -25.24
C VAL C 338 2.16 -21.51 -26.01
N ASP C 339 3.00 -21.53 -27.03
CA ASP C 339 3.19 -22.75 -27.81
C ASP C 339 4.65 -23.13 -28.01
N VAL C 340 5.53 -22.15 -28.16
CA VAL C 340 6.96 -22.41 -28.31
C VAL C 340 7.72 -21.31 -27.60
N ILE C 341 8.85 -21.67 -27.00
CA ILE C 341 9.73 -20.71 -26.35
C ILE C 341 11.13 -20.94 -26.90
N ILE C 342 11.71 -19.90 -27.48
CA ILE C 342 13.07 -19.97 -28.00
C ILE C 342 13.94 -19.14 -27.08
N GLN C 343 14.78 -19.81 -26.30
CA GLN C 343 15.64 -19.13 -25.33
C GLN C 343 17.02 -19.00 -25.95
N ALA C 344 17.39 -17.76 -26.26
CA ALA C 344 18.72 -17.43 -26.76
C ALA C 344 19.51 -16.70 -25.69
N ALA C 345 20.82 -16.86 -25.74
CA ALA C 345 21.68 -16.25 -24.73
C ALA C 345 23.10 -16.17 -25.26
N ARG C 346 23.93 -15.43 -24.55
CA ARG C 346 25.33 -15.23 -24.90
C ARG C 346 26.16 -16.11 -23.98
N LEU C 347 26.98 -16.98 -24.56
CA LEU C 347 27.84 -17.83 -23.76
C LEU C 347 28.97 -17.01 -23.13
N ARG C 348 29.84 -17.70 -22.40
CA ARG C 348 30.92 -16.99 -21.69
C ARG C 348 31.85 -16.28 -22.67
N ASP C 349 32.26 -16.95 -23.74
CA ASP C 349 33.25 -16.42 -24.66
C ASP C 349 32.70 -15.33 -25.57
N GLY C 350 31.46 -14.87 -25.34
CA GLY C 350 30.92 -13.73 -26.04
C GLY C 350 30.08 -14.06 -27.26
N SER C 351 30.09 -15.30 -27.74
CA SER C 351 29.29 -15.64 -28.90
C SER C 351 27.81 -15.48 -28.58
N ARG C 352 26.98 -15.62 -29.62
CA ARG C 352 25.53 -15.64 -29.47
C ARG C 352 25.00 -16.90 -30.12
N ARG C 353 24.12 -17.61 -29.42
CA ARG C 353 23.59 -18.88 -29.88
C ARG C 353 22.09 -18.91 -29.57
N ILE C 354 21.46 -20.03 -29.91
CA ILE C 354 20.11 -20.33 -29.47
C ILE C 354 20.19 -21.60 -28.63
N THR C 355 19.98 -21.45 -27.33
CA THR C 355 20.21 -22.57 -26.43
C THR C 355 19.01 -23.50 -26.33
N HIS C 356 17.78 -22.98 -26.34
CA HIS C 356 16.63 -23.86 -26.17
C HIS C 356 15.54 -23.57 -27.19
N ILE C 357 14.90 -24.63 -27.67
CA ILE C 357 13.68 -24.56 -28.46
C ILE C 357 12.68 -25.49 -27.78
N THR C 358 11.87 -24.95 -26.88
CA THR C 358 11.01 -25.74 -26.03
C THR C 358 9.54 -25.56 -26.42
N GLU C 359 8.74 -26.58 -26.15
CA GLU C 359 7.30 -26.53 -26.38
C GLU C 359 6.56 -26.83 -25.09
N VAL C 360 5.62 -25.96 -24.73
CA VAL C 360 4.81 -26.19 -23.54
C VAL C 360 3.84 -27.33 -23.82
N VAL C 361 3.87 -28.37 -22.98
CA VAL C 361 3.11 -29.58 -23.24
C VAL C 361 1.75 -29.56 -22.55
N GLY C 362 1.71 -29.14 -21.29
CA GLY C 362 0.46 -29.13 -20.56
C GLY C 362 0.69 -28.81 -19.10
N LEU C 363 -0.36 -29.03 -18.31
CA LEU C 363 -0.29 -28.83 -16.86
C LEU C 363 -0.66 -30.13 -16.18
N GLU C 364 0.13 -30.52 -15.18
CA GLU C 364 -0.13 -31.73 -14.39
C GLU C 364 -0.03 -31.34 -12.92
N GLY C 365 -1.14 -30.87 -12.35
CA GLY C 365 -1.14 -30.40 -10.98
C GLY C 365 -0.66 -28.98 -10.85
N ASP C 366 0.51 -28.79 -10.23
CA ASP C 366 1.08 -27.46 -10.03
C ASP C 366 2.43 -27.32 -10.71
N VAL C 367 2.71 -28.15 -11.72
CA VAL C 367 3.97 -28.10 -12.46
C VAL C 367 3.66 -28.09 -13.94
N ILE C 368 4.23 -27.14 -14.66
CA ILE C 368 4.09 -27.10 -16.11
C ILE C 368 5.13 -28.03 -16.73
N VAL C 369 4.76 -28.67 -17.82
CA VAL C 369 5.59 -29.70 -18.44
C VAL C 369 6.15 -29.14 -19.74
N THR C 370 7.44 -29.37 -19.98
CA THR C 370 8.13 -28.90 -21.16
C THR C 370 8.92 -30.06 -21.77
N GLN C 371 9.09 -30.02 -23.09
CA GLN C 371 9.64 -31.14 -23.85
C GLN C 371 10.73 -30.66 -24.80
N ASP C 372 11.72 -29.94 -24.29
CA ASP C 372 12.74 -29.29 -25.11
C ASP C 372 13.13 -30.15 -26.29
N LEU C 373 12.95 -29.63 -27.49
CA LEU C 373 13.38 -30.35 -28.67
C LEU C 373 14.88 -30.29 -28.86
N PHE C 374 15.48 -29.13 -28.59
CA PHE C 374 16.90 -28.89 -28.82
C PHE C 374 17.52 -28.35 -27.55
N VAL C 375 18.82 -28.57 -27.41
CA VAL C 375 19.60 -27.97 -26.33
C VAL C 375 21.03 -27.83 -26.84
N TYR C 376 21.57 -26.61 -26.76
CA TYR C 376 22.93 -26.38 -27.25
C TYR C 376 23.90 -26.93 -26.22
N GLU C 377 24.11 -28.24 -26.29
CA GLU C 377 24.93 -28.94 -25.32
C GLU C 377 26.40 -28.58 -25.49
N ILE C 378 26.97 -27.95 -24.46
CA ILE C 378 28.35 -27.50 -24.53
C ILE C 378 29.28 -28.71 -24.55
N THR C 379 30.27 -28.70 -25.46
CA THR C 379 31.20 -29.79 -25.58
C THR C 379 32.61 -29.44 -25.15
N GLY C 380 33.05 -28.20 -25.35
CA GLY C 380 34.37 -27.80 -24.96
C GLY C 380 34.75 -26.48 -25.59
N GLU C 381 36.01 -26.10 -25.37
CA GLU C 381 36.56 -24.87 -25.92
C GLU C 381 37.82 -25.21 -26.69
N ASP C 382 38.01 -24.53 -27.82
CA ASP C 382 39.18 -24.76 -28.65
C ASP C 382 40.40 -24.07 -28.05
N GLU C 383 41.55 -24.30 -28.68
CA GLU C 383 42.78 -23.67 -28.25
C GLU C 383 42.84 -22.19 -28.63
N HIS C 384 42.05 -21.78 -29.61
CA HIS C 384 42.04 -20.39 -30.06
C HIS C 384 41.14 -19.50 -29.20
N GLY C 385 40.41 -20.06 -28.24
CA GLY C 385 39.70 -19.29 -27.25
C GLY C 385 38.19 -19.25 -27.39
N LYS C 386 37.60 -19.99 -28.32
CA LYS C 386 36.17 -19.95 -28.58
C LYS C 386 35.53 -21.27 -28.23
N VAL C 387 34.40 -21.19 -27.51
CA VAL C 387 33.71 -22.39 -27.04
C VAL C 387 33.25 -23.22 -28.22
N VAL C 388 32.93 -24.49 -27.96
CA VAL C 388 32.40 -25.40 -28.96
C VAL C 388 31.18 -26.11 -28.39
N GLY C 389 30.18 -26.31 -29.24
CA GLY C 389 28.98 -27.01 -28.84
C GLY C 389 28.34 -27.75 -29.99
N LYS C 390 27.13 -28.27 -29.76
CA LYS C 390 26.39 -28.96 -30.81
C LYS C 390 24.92 -28.89 -30.46
N HIS C 391 24.08 -28.86 -31.49
CA HIS C 391 22.64 -28.73 -31.32
C HIS C 391 22.04 -30.13 -31.23
N ARG C 392 22.10 -30.70 -30.04
CA ARG C 392 21.52 -32.01 -29.82
C ARG C 392 20.01 -31.95 -29.95
N SER C 393 19.41 -33.08 -30.33
CA SER C 393 17.97 -33.18 -30.56
C SER C 393 17.39 -34.28 -29.69
N THR C 394 16.36 -33.96 -28.92
CA THR C 394 15.65 -35.01 -28.20
C THR C 394 14.87 -35.90 -29.14
N GLY C 395 14.55 -35.42 -30.34
CA GLY C 395 13.95 -36.25 -31.36
C GLY C 395 12.55 -36.75 -31.05
N ILE C 396 11.69 -35.87 -30.54
CA ILE C 396 10.29 -36.25 -30.35
C ILE C 396 9.69 -36.55 -31.72
N ALA C 397 9.04 -37.70 -31.84
CA ALA C 397 8.54 -38.14 -33.14
C ALA C 397 7.51 -37.17 -33.71
N ARG C 398 6.68 -36.59 -32.85
CA ARG C 398 5.63 -35.68 -33.32
C ARG C 398 5.40 -34.56 -32.32
N PRO C 399 5.92 -33.36 -32.57
CA PRO C 399 5.74 -32.26 -31.60
C PRO C 399 4.28 -31.92 -31.41
N ARG C 400 4.02 -31.03 -30.45
CA ARG C 400 2.65 -30.68 -30.12
C ARG C 400 1.94 -30.02 -31.30
N PHE C 401 2.59 -29.08 -31.97
CA PHE C 401 1.94 -28.29 -32.99
C PHE C 401 1.80 -29.02 -34.32
N TRP C 402 1.98 -30.34 -34.33
CA TRP C 402 1.93 -31.08 -35.59
C TRP C 402 0.67 -30.73 -36.38
N ASP C 403 -0.48 -30.64 -35.70
CA ASP C 403 -1.72 -30.34 -36.39
C ASP C 403 -1.58 -29.11 -37.27
N ARG C 404 -1.04 -28.02 -36.71
CA ARG C 404 -0.89 -26.81 -37.50
C ARG C 404 -0.08 -27.09 -38.75
N ALA C 405 1.06 -27.77 -38.59
CA ALA C 405 1.88 -28.08 -39.76
C ALA C 405 1.04 -28.78 -40.82
N ARG C 406 0.15 -29.68 -40.40
CA ARG C 406 -0.69 -30.36 -41.36
C ARG C 406 -1.61 -29.37 -42.07
N TYR C 407 -2.27 -28.51 -41.31
CA TYR C 407 -3.27 -27.62 -41.88
C TYR C 407 -2.69 -26.76 -42.98
N TYR C 408 -1.39 -26.47 -42.93
CA TYR C 408 -0.70 -25.72 -43.97
C TYR C 408 0.09 -26.62 -44.90
N GLY C 409 0.00 -27.93 -44.74
CA GLY C 409 0.67 -28.82 -45.67
C GLY C 409 2.17 -28.72 -45.69
N LEU C 410 2.77 -28.09 -44.68
CA LEU C 410 4.22 -28.04 -44.54
C LEU C 410 4.76 -29.18 -43.70
N GLU C 411 3.89 -30.08 -43.25
CA GLU C 411 4.31 -31.10 -42.30
C GLU C 411 5.43 -31.97 -42.85
N ARG C 412 5.44 -32.23 -44.15
CA ARG C 412 6.41 -33.16 -44.70
C ARG C 412 7.83 -32.66 -44.50
N GLU C 413 8.06 -31.36 -44.75
CA GLU C 413 9.40 -30.82 -44.56
C GLU C 413 9.81 -30.84 -43.09
N LEU C 414 8.87 -30.54 -42.19
CA LEU C 414 9.19 -30.63 -40.78
C LEU C 414 9.56 -32.05 -40.39
N ALA C 415 8.85 -33.03 -40.94
CA ALA C 415 9.17 -34.43 -40.67
C ALA C 415 10.57 -34.76 -41.18
N GLU C 416 10.91 -34.29 -42.39
CA GLU C 416 12.25 -34.54 -42.91
C GLU C 416 13.32 -33.93 -41.99
N ALA C 417 13.09 -32.70 -41.54
CA ALA C 417 14.06 -32.06 -40.67
C ALA C 417 14.21 -32.82 -39.37
N LEU C 418 13.09 -33.30 -38.81
CA LEU C 418 13.17 -34.11 -37.61
C LEU C 418 13.97 -35.37 -37.86
N ASP C 419 13.70 -36.06 -38.97
CA ASP C 419 14.40 -37.31 -39.26
C ASP C 419 15.90 -37.08 -39.38
N ALA C 420 16.29 -36.00 -40.06
CA ALA C 420 17.72 -35.69 -40.17
C ALA C 420 18.30 -35.39 -38.79
N ALA C 421 17.59 -34.58 -38.00
CA ALA C 421 18.09 -34.20 -36.68
C ALA C 421 17.95 -35.31 -35.66
N GLU C 422 16.97 -36.22 -35.84
CA GLU C 422 16.75 -37.26 -34.86
C GLU C 422 17.96 -38.20 -34.76
N ALA C 423 18.56 -38.55 -35.88
CA ALA C 423 19.74 -39.41 -35.89
C ALA C 423 20.87 -38.79 -35.08
N ASP D 1 52.70 34.46 22.46
CA ASP D 1 52.23 35.49 23.37
C ASP D 1 51.35 36.50 22.65
N TYR D 2 51.95 37.27 21.75
CA TYR D 2 51.24 38.32 21.03
C TYR D 2 50.50 37.81 19.79
N TYR D 3 50.56 36.51 19.51
CA TYR D 3 49.93 35.98 18.31
C TYR D 3 48.41 36.14 18.37
N HIS D 4 47.81 35.86 19.53
CA HIS D 4 46.35 35.80 19.60
C HIS D 4 45.70 37.15 19.38
N ALA D 5 46.04 38.13 20.24
CA ALA D 5 45.41 39.44 20.13
C ALA D 5 45.77 40.11 18.82
N THR D 6 47.04 40.00 18.40
CA THR D 6 47.45 40.59 17.13
C THR D 6 46.70 39.97 15.96
N LYS D 7 46.50 38.65 15.99
CA LYS D 7 45.73 38.00 14.94
C LYS D 7 44.28 38.44 14.94
N THR D 8 43.68 38.59 16.12
CA THR D 8 42.31 39.08 16.19
C THR D 8 42.21 40.47 15.59
N THR D 9 43.16 41.34 15.94
CA THR D 9 43.16 42.69 15.40
C THR D 9 43.35 42.69 13.89
N ILE D 10 44.25 41.84 13.40
CA ILE D 10 44.47 41.75 11.95
C ILE D 10 43.20 41.29 11.27
N PHE D 11 42.52 40.30 11.85
CA PHE D 11 41.27 39.81 11.26
C PHE D 11 40.24 40.92 11.20
N ASN D 12 40.06 41.65 12.29
CA ASN D 12 39.08 42.73 12.31
C ASN D 12 39.43 43.81 11.29
N ALA D 13 40.70 44.19 11.24
CA ALA D 13 41.12 45.26 10.32
C ALA D 13 40.93 44.85 8.86
N LEU D 14 41.39 43.65 8.51
CA LEU D 14 41.25 43.18 7.14
C LEU D 14 39.78 43.03 6.76
N LEU D 15 38.96 42.49 7.66
CA LEU D 15 37.54 42.39 7.39
C LEU D 15 36.94 43.77 7.15
N ASN D 16 37.35 44.77 7.93
CA ASN D 16 36.89 46.12 7.69
C ASN D 16 37.32 46.61 6.31
N THR D 17 38.55 46.28 5.91
CA THR D 17 39.05 46.72 4.60
C THR D 17 38.55 45.79 3.49
N ILE D 18 38.93 44.52 3.55
CA ILE D 18 38.53 43.53 2.55
C ILE D 18 38.07 42.29 3.30
N ASP D 19 36.76 42.12 3.41
CA ASP D 19 36.17 41.00 4.14
C ASP D 19 35.85 39.85 3.21
N LEU D 20 35.37 38.76 3.80
CA LEU D 20 34.95 37.61 3.02
C LEU D 20 33.71 37.89 2.20
N SER D 21 32.97 38.96 2.51
CA SER D 21 31.78 39.30 1.74
C SER D 21 32.11 39.64 0.30
N GLN D 22 33.39 39.89 0.00
CA GLN D 22 33.85 40.12 -1.36
C GLN D 22 34.17 38.82 -2.08
N LEU D 23 33.58 37.71 -1.65
CA LEU D 23 33.80 36.43 -2.31
C LEU D 23 33.51 36.56 -3.81
N ALA D 24 34.31 35.87 -4.61
CA ALA D 24 34.38 35.97 -6.07
C ALA D 24 35.25 37.16 -6.48
N GLN D 25 35.76 37.94 -5.53
CA GLN D 25 36.65 39.05 -5.80
C GLN D 25 37.92 38.88 -4.97
N LEU D 26 39.02 39.43 -5.47
CA LEU D 26 40.34 39.24 -4.87
C LEU D 26 40.67 37.74 -4.81
N ASP D 27 40.83 37.18 -6.01
CA ASP D 27 40.99 35.74 -6.17
C ASP D 27 42.12 35.20 -5.30
N LEU D 28 42.12 33.89 -5.07
CA LEU D 28 42.98 33.28 -4.06
C LEU D 28 44.33 33.96 -3.97
N LYS D 29 45.05 34.04 -5.09
CA LYS D 29 46.33 34.73 -5.07
C LYS D 29 46.15 36.20 -4.72
N GLN D 30 45.13 36.83 -5.28
CA GLN D 30 44.90 38.24 -5.01
C GLN D 30 44.66 38.49 -3.53
N ALA D 31 43.75 37.70 -2.94
CA ALA D 31 43.46 37.87 -1.52
C ALA D 31 44.68 37.57 -0.66
N GLY D 32 45.44 36.53 -1.01
CA GLY D 32 46.63 36.21 -0.23
C GLY D 32 47.63 37.35 -0.23
N GLU D 33 47.91 37.89 -1.42
CA GLU D 33 48.88 38.99 -1.52
C GLU D 33 48.36 40.25 -0.81
N GLU D 34 47.09 40.59 -1.03
CA GLU D 34 46.53 41.78 -0.40
C GLU D 34 46.55 41.66 1.11
N ILE D 35 46.18 40.49 1.65
CA ILE D 35 46.19 40.31 3.09
C ILE D 35 47.61 40.36 3.63
N ARG D 36 48.57 39.78 2.92
CA ARG D 36 49.95 39.84 3.36
C ARG D 36 50.42 41.29 3.47
N ASP D 37 50.14 42.09 2.43
CA ASP D 37 50.53 43.49 2.46
C ASP D 37 49.80 44.24 3.57
N ILE D 38 48.51 43.97 3.76
CA ILE D 38 47.74 44.71 4.75
C ILE D 38 48.24 44.38 6.15
N VAL D 39 48.59 43.13 6.41
CA VAL D 39 49.12 42.76 7.72
C VAL D 39 50.49 43.38 7.93
N ALA D 40 51.32 43.40 6.88
CA ALA D 40 52.63 44.04 7.00
C ALA D 40 52.48 45.52 7.33
N GLU D 41 51.51 46.18 6.71
CA GLU D 41 51.28 47.60 6.95
C GLU D 41 50.66 47.84 8.33
N LEU D 42 49.79 46.93 8.77
CA LEU D 42 49.12 47.11 10.05
C LEU D 42 50.03 46.82 11.23
N VAL D 43 51.03 45.94 11.04
CA VAL D 43 51.97 45.66 12.11
C VAL D 43 52.67 46.93 12.58
N ALA D 44 52.88 47.88 11.68
CA ALA D 44 53.46 49.18 12.01
C ALA D 44 52.40 50.25 12.24
N ILE D 45 51.32 50.24 11.47
CA ILE D 45 50.25 51.22 11.65
C ILE D 45 49.65 51.09 13.04
N LYS D 46 49.43 49.86 13.48
CA LYS D 46 48.98 49.57 14.83
C LYS D 46 50.11 48.90 15.61
N ASN D 47 50.21 49.25 16.89
CA ASN D 47 51.24 48.68 17.74
C ASN D 47 51.16 47.16 17.68
N VAL D 48 52.20 46.53 17.14
CA VAL D 48 52.24 45.08 16.94
C VAL D 48 53.59 44.61 17.46
N SER D 49 53.59 43.89 18.59
CA SER D 49 54.83 43.31 19.11
C SER D 49 55.36 42.20 18.23
N MET D 50 54.59 41.73 17.26
CA MET D 50 55.04 40.71 16.32
C MET D 50 56.22 41.21 15.49
N SER D 51 57.36 40.54 15.60
CA SER D 51 58.55 40.90 14.84
C SER D 51 58.40 40.38 13.40
N VAL D 52 59.51 40.37 12.66
CA VAL D 52 59.46 39.93 11.27
C VAL D 52 59.01 38.47 11.19
N ALA D 53 59.56 37.62 12.05
CA ALA D 53 59.11 36.25 12.12
C ALA D 53 57.62 36.20 12.48
N GLU D 54 57.23 36.97 13.49
CA GLU D 54 55.82 37.06 13.85
C GLU D 54 55.01 37.74 12.75
N GLN D 55 55.65 38.59 11.95
CA GLN D 55 54.95 39.21 10.81
C GLN D 55 54.60 38.16 9.75
N GLU D 56 55.58 37.34 9.36
CA GLU D 56 55.30 36.26 8.42
C GLU D 56 54.31 35.28 9.01
N HIS D 57 54.40 35.02 10.32
CA HIS D 57 53.46 34.12 10.98
C HIS D 57 52.04 34.68 10.94
N LEU D 58 51.89 35.99 11.17
CA LEU D 58 50.56 36.59 11.11
C LEU D 58 50.01 36.55 9.69
N VAL D 59 50.86 36.78 8.70
CA VAL D 59 50.42 36.67 7.31
C VAL D 59 49.93 35.24 7.03
N GLN D 60 50.70 34.25 7.46
CA GLN D 60 50.31 32.86 7.25
C GLN D 60 49.00 32.55 7.98
N ASP D 61 48.84 33.07 9.19
CA ASP D 61 47.63 32.80 9.94
C ASP D 61 46.42 33.44 9.27
N ILE D 62 46.59 34.63 8.70
CA ILE D 62 45.49 35.25 7.96
C ILE D 62 45.14 34.42 6.74
N ILE D 63 46.15 33.94 6.03
CA ILE D 63 45.90 33.03 4.90
C ILE D 63 45.08 31.84 5.37
N ASN D 64 45.46 31.26 6.51
CA ASN D 64 44.76 30.10 7.03
C ASN D 64 43.30 30.43 7.36
N ASP D 65 43.09 31.50 8.13
CA ASP D 65 41.75 31.85 8.58
C ASP D 65 40.84 32.13 7.39
N VAL D 66 41.27 33.00 6.49
CA VAL D 66 40.42 33.31 5.34
C VAL D 66 40.25 32.07 4.46
N LEU D 67 41.33 31.31 4.25
CA LEU D 67 41.36 30.26 3.25
C LEU D 67 41.67 28.88 3.82
N GLY D 68 42.68 28.75 4.67
CA GLY D 68 43.24 27.47 5.01
C GLY D 68 42.53 26.75 6.15
N TYR D 69 43.04 25.56 6.46
CA TYR D 69 42.52 24.72 7.53
C TYR D 69 42.99 25.15 8.90
N GLY D 70 43.94 26.08 8.97
CA GLY D 70 44.42 26.58 10.24
C GLY D 70 45.14 25.52 11.06
N PRO D 71 44.67 25.26 12.28
CA PRO D 71 45.46 24.42 13.18
C PRO D 71 45.73 23.02 12.65
N LEU D 72 44.96 22.54 11.68
CA LEU D 72 45.20 21.20 11.15
C LEU D 72 46.28 21.17 10.07
N GLU D 73 46.61 22.31 9.47
CA GLU D 73 47.60 22.31 8.40
C GLU D 73 48.91 21.65 8.80
N PRO D 74 49.47 21.90 9.97
CA PRO D 74 50.69 21.19 10.37
C PRO D 74 50.50 19.68 10.40
N LEU D 75 49.52 19.22 11.19
CA LEU D 75 49.35 17.78 11.36
C LEU D 75 48.98 17.10 10.05
N LEU D 76 48.10 17.73 9.26
CA LEU D 76 47.78 17.18 7.95
C LEU D 76 49.01 17.06 7.07
N ALA D 77 50.06 17.81 7.36
CA ALA D 77 51.29 17.77 6.58
C ALA D 77 52.23 16.66 7.07
N ARG D 78 52.51 16.63 8.38
CA ARG D 78 53.50 15.72 8.92
C ARG D 78 53.27 14.30 8.41
N ASP D 79 54.37 13.59 8.16
CA ASP D 79 54.29 12.23 7.62
C ASP D 79 54.31 11.16 8.69
N ASP D 80 54.56 11.52 9.94
CA ASP D 80 54.59 10.55 11.03
C ASP D 80 53.23 10.33 11.67
N ILE D 81 52.19 10.98 11.15
CA ILE D 81 50.84 10.90 11.71
C ILE D 81 49.94 10.35 10.62
N ALA D 82 49.41 9.14 10.82
CA ALA D 82 48.54 8.53 9.82
C ALA D 82 47.07 8.88 10.05
N ASP D 83 46.64 9.01 11.32
CA ASP D 83 45.25 9.27 11.64
C ASP D 83 45.14 10.39 12.67
N ILE D 84 44.15 11.25 12.45
CA ILE D 84 43.91 12.42 13.29
C ILE D 84 42.49 12.34 13.84
N MET D 85 42.35 12.60 15.13
CA MET D 85 41.05 12.44 15.79
C MET D 85 40.81 13.65 16.68
N VAL D 86 39.82 14.47 16.32
CA VAL D 86 39.49 15.68 17.07
C VAL D 86 38.18 15.42 17.81
N ASN D 87 38.22 15.52 19.13
CA ASN D 87 37.05 15.27 19.98
C ASN D 87 36.64 16.60 20.58
N GLY D 88 35.76 17.32 19.89
CA GLY D 88 35.44 18.67 20.29
C GLY D 88 36.56 19.63 19.93
N ALA D 89 36.27 20.91 20.08
CA ALA D 89 37.21 21.93 19.63
C ALA D 89 38.47 21.98 20.48
N HIS D 90 38.52 21.31 21.61
CA HIS D 90 39.67 21.44 22.51
C HIS D 90 40.73 20.37 22.29
N ARG D 91 40.34 19.10 22.16
CA ARG D 91 41.28 18.00 22.23
C ARG D 91 41.51 17.39 20.85
N VAL D 92 42.78 17.22 20.50
CA VAL D 92 43.20 16.64 19.25
C VAL D 92 44.20 15.54 19.56
N PHE D 93 44.05 14.39 18.90
CA PHE D 93 44.94 13.26 19.09
C PHE D 93 45.42 12.77 17.73
N ILE D 94 46.55 12.09 17.73
CA ILE D 94 47.18 11.63 16.51
C ILE D 94 47.75 10.23 16.73
N GLU D 95 47.74 9.43 15.67
CA GLU D 95 48.30 8.08 15.72
C GLU D 95 49.72 8.12 15.17
N VAL D 96 50.70 8.12 16.06
CA VAL D 96 52.12 8.12 15.70
C VAL D 96 52.69 6.78 16.12
N GLY D 97 53.26 6.06 15.15
CA GLY D 97 53.86 4.78 15.44
C GLY D 97 52.88 3.77 15.99
N GLY D 98 51.70 3.69 15.39
CA GLY D 98 50.73 2.68 15.76
C GLY D 98 50.18 2.85 17.16
N LYS D 99 50.16 4.06 17.69
CA LYS D 99 49.61 4.29 19.02
C LYS D 99 49.10 5.73 19.11
N VAL D 100 48.00 5.90 19.84
CA VAL D 100 47.37 7.21 19.95
C VAL D 100 48.14 8.05 20.95
N GLN D 101 48.23 9.35 20.68
CA GLN D 101 48.83 10.28 21.62
C GLN D 101 48.12 11.62 21.52
N LEU D 102 48.27 12.41 22.56
CA LEU D 102 47.59 13.70 22.68
C LEU D 102 48.58 14.82 22.44
N THR D 103 48.26 15.72 21.52
CA THR D 103 49.03 16.93 21.29
C THR D 103 48.07 18.11 21.29
N ASN D 104 48.39 19.13 22.08
CA ASN D 104 47.48 20.24 22.30
C ASN D 104 47.50 21.17 21.10
N VAL D 105 46.52 21.03 20.22
CA VAL D 105 46.27 22.01 19.18
C VAL D 105 44.78 22.32 19.19
N ARG D 106 44.40 23.35 19.94
CA ARG D 106 43.00 23.67 20.12
C ARG D 106 42.48 24.49 18.95
N PHE D 107 41.16 24.56 18.85
CA PHE D 107 40.49 25.44 17.91
C PHE D 107 39.90 26.61 18.65
N ARG D 108 39.69 27.72 17.93
CA ARG D 108 39.22 28.94 18.59
C ARG D 108 37.93 28.67 19.36
N ASP D 109 36.98 27.98 18.73
CA ASP D 109 35.76 27.58 19.41
C ASP D 109 34.99 26.64 18.49
N ASN D 110 33.80 26.23 18.93
CA ASN D 110 33.05 25.22 18.19
C ASN D 110 32.66 25.72 16.81
N LEU D 111 32.31 27.01 16.69
CA LEU D 111 31.94 27.52 15.39
C LEU D 111 33.07 27.34 14.39
N GLN D 112 34.31 27.63 14.80
CA GLN D 112 35.43 27.47 13.90
C GLN D 112 35.55 26.04 13.42
N LEU D 113 35.43 25.09 14.34
CA LEU D 113 35.56 23.69 13.96
C LEU D 113 34.43 23.27 13.01
N MET D 114 33.20 23.68 13.32
CA MET D 114 32.06 23.29 12.49
C MET D 114 32.08 23.96 11.13
N ASN D 115 32.86 25.05 10.99
CA ASN D 115 33.06 25.61 9.66
C ASN D 115 34.19 24.91 8.92
N ILE D 116 35.27 24.60 9.63
CA ILE D 116 36.38 23.89 9.00
C ILE D 116 35.92 22.55 8.46
N CYS D 117 35.03 21.88 9.19
CA CYS D 117 34.56 20.57 8.73
C CYS D 117 33.85 20.69 7.39
N GLN D 118 32.97 21.68 7.24
CA GLN D 118 32.29 21.86 5.97
C GLN D 118 33.28 22.22 4.87
N ARG D 119 34.23 23.11 5.17
CA ARG D 119 35.22 23.46 4.16
C ARG D 119 35.99 22.23 3.71
N ILE D 120 36.21 21.28 4.61
CA ILE D 120 36.96 20.08 4.27
C ILE D 120 36.12 19.16 3.40
N VAL D 121 34.91 18.81 3.86
CA VAL D 121 34.15 17.79 3.16
C VAL D 121 33.68 18.30 1.79
N SER D 122 33.27 19.57 1.71
CA SER D 122 32.74 20.06 0.44
C SER D 122 33.78 20.06 -0.67
N GLN D 123 35.04 19.72 -0.38
CA GLN D 123 36.07 19.68 -1.39
C GLN D 123 35.82 18.61 -2.45
N VAL D 124 34.92 17.67 -2.20
CA VAL D 124 34.55 16.68 -3.21
C VAL D 124 33.03 16.65 -3.36
N GLY D 125 32.39 17.78 -3.08
CA GLY D 125 30.97 17.91 -3.37
C GLY D 125 30.09 17.30 -2.30
N ARG D 126 30.44 17.50 -1.04
CA ARG D 126 29.62 17.10 0.08
C ARG D 126 29.34 18.33 0.95
N ARG D 127 28.61 18.11 2.03
CA ARG D 127 28.37 19.17 3.00
C ARG D 127 27.71 18.57 4.23
N VAL D 128 28.17 18.97 5.39
CA VAL D 128 27.66 18.49 6.66
C VAL D 128 27.20 19.69 7.47
N ASP D 129 25.98 19.62 8.01
CA ASP D 129 25.45 20.70 8.83
C ASP D 129 24.41 20.11 9.77
N GLU D 130 23.65 20.99 10.42
CA GLU D 130 22.72 20.57 11.46
C GLU D 130 21.52 19.81 10.92
N SER D 131 21.31 19.77 9.60
CA SER D 131 20.23 19.01 9.00
C SER D 131 20.70 17.66 8.46
N SER D 132 21.96 17.32 8.66
CA SER D 132 22.50 16.01 8.30
C SER D 132 23.79 15.79 9.07
N PRO D 133 23.72 15.55 10.38
CA PRO D 133 24.91 15.65 11.24
C PRO D 133 25.91 14.52 11.06
N ILE D 134 25.72 13.65 10.07
CA ILE D 134 26.65 12.57 9.76
C ILE D 134 27.30 12.90 8.43
N CYS D 135 28.58 12.58 8.30
CA CYS D 135 29.18 12.65 6.97
C CYS D 135 30.38 11.72 6.90
N ASP D 136 30.56 11.12 5.72
CA ASP D 136 31.74 10.33 5.39
C ASP D 136 32.17 10.73 3.99
N ALA D 137 33.46 10.61 3.72
CA ALA D 137 33.94 10.97 2.39
C ALA D 137 35.30 10.34 2.13
N ARG D 138 35.62 10.23 0.84
CA ARG D 138 36.90 9.74 0.36
C ARG D 138 37.48 10.81 -0.54
N LEU D 139 38.80 10.93 -0.55
CA LEU D 139 39.46 12.03 -1.26
C LEU D 139 40.46 11.49 -2.26
N PRO D 140 40.99 12.33 -3.15
CA PRO D 140 41.98 11.83 -4.12
C PRO D 140 43.26 11.32 -3.51
N ASP D 141 43.61 11.75 -2.30
CA ASP D 141 44.87 11.33 -1.68
C ASP D 141 44.74 10.03 -0.90
N GLY D 142 43.74 9.22 -1.21
CA GLY D 142 43.58 7.94 -0.56
C GLY D 142 43.11 8.05 0.87
N SER D 143 42.75 9.25 1.30
CA SER D 143 42.33 9.47 2.67
C SER D 143 40.85 9.18 2.83
N ARG D 144 40.38 9.22 4.06
CA ARG D 144 38.96 9.08 4.36
C ARG D 144 38.63 9.95 5.56
N VAL D 145 37.56 10.73 5.44
CA VAL D 145 37.15 11.70 6.45
C VAL D 145 35.78 11.32 6.97
N ASN D 146 35.59 11.44 8.28
CA ASN D 146 34.30 11.16 8.92
C ASN D 146 34.00 12.23 9.95
N VAL D 147 32.83 12.86 9.84
CA VAL D 147 32.49 14.04 10.61
C VAL D 147 31.13 13.84 11.27
N ILE D 148 31.02 14.22 12.54
CA ILE D 148 29.74 14.23 13.24
C ILE D 148 29.57 15.57 13.93
N ALA D 149 28.33 16.06 13.92
CA ALA D 149 27.99 17.43 14.31
C ALA D 149 27.52 17.51 15.76
N PRO D 150 27.18 18.69 16.27
CA PRO D 150 26.79 18.82 17.67
C PRO D 150 25.37 18.37 17.96
N PRO D 151 24.48 18.24 16.97
CA PRO D 151 23.14 17.76 17.31
C PRO D 151 23.15 16.40 18.00
N LEU D 152 24.00 15.48 17.53
CA LEU D 152 24.15 14.18 18.17
C LEU D 152 25.30 14.19 19.16
N ALA D 153 26.52 14.35 18.66
CA ALA D 153 27.68 14.35 19.53
C ALA D 153 27.51 15.40 20.61
N LEU D 154 27.52 14.99 21.87
CA LEU D 154 27.34 15.96 22.95
C LEU D 154 28.53 16.89 23.07
N ASP D 155 29.74 16.33 23.08
CA ASP D 155 30.91 17.14 23.40
C ASP D 155 31.06 18.31 22.45
N GLY D 156 30.89 18.07 21.15
CA GLY D 156 31.17 19.04 20.13
C GLY D 156 31.59 18.32 18.88
N PRO D 157 31.64 19.04 17.75
CA PRO D 157 31.90 18.37 16.48
C PRO D 157 33.11 17.45 16.57
N THR D 158 32.91 16.19 16.17
CA THR D 158 33.94 15.16 16.28
C THR D 158 34.38 14.74 14.90
N LEU D 159 35.69 14.74 14.67
CA LEU D 159 36.24 14.49 13.36
C LEU D 159 37.26 13.36 13.43
N THR D 160 37.27 12.52 12.41
CA THR D 160 38.27 11.48 12.27
C THR D 160 38.80 11.47 10.84
N ILE D 161 40.10 11.35 10.70
CA ILE D 161 40.75 11.36 9.39
C ILE D 161 41.75 10.24 9.36
N ARG D 162 41.69 9.41 8.31
CA ARG D 162 42.72 8.42 8.04
C ARG D 162 43.40 8.81 6.72
N LYS D 163 44.67 9.17 6.80
CA LYS D 163 45.38 9.70 5.65
C LYS D 163 45.92 8.56 4.78
N PHE D 164 46.80 8.92 3.86
CA PHE D 164 47.18 8.02 2.77
C PHE D 164 47.65 6.69 3.32
N LYS D 165 47.15 5.61 2.73
CA LYS D 165 47.72 4.29 2.89
C LYS D 165 48.32 3.85 1.56
N LYS D 166 49.57 3.41 1.60
CA LYS D 166 50.30 2.98 0.41
C LYS D 166 50.71 1.52 0.46
N ASP D 167 51.06 1.00 1.62
CA ASP D 167 51.45 -0.39 1.78
C ASP D 167 50.23 -1.26 2.09
N LYS D 168 49.29 -1.27 1.14
CA LYS D 168 48.12 -2.11 1.29
C LYS D 168 48.58 -3.54 1.56
N LEU D 169 47.70 -4.35 2.16
CA LEU D 169 48.10 -5.69 2.60
C LEU D 169 48.25 -6.57 1.38
N THR D 170 49.36 -6.37 0.67
CA THR D 170 49.64 -7.19 -0.49
C THR D 170 49.93 -8.63 -0.07
N MET D 171 50.14 -9.48 -1.07
CA MET D 171 50.22 -10.92 -0.80
C MET D 171 51.36 -11.23 0.15
N LYS D 172 52.52 -10.59 -0.05
CA LYS D 172 53.69 -10.94 0.75
C LYS D 172 53.42 -10.81 2.24
N ASN D 173 52.57 -9.88 2.64
CA ASN D 173 52.17 -9.79 4.04
C ASN D 173 51.44 -11.06 4.47
N LEU D 174 50.56 -11.58 3.61
CA LEU D 174 49.91 -12.85 3.92
C LEU D 174 50.93 -13.97 4.02
N VAL D 175 51.86 -14.03 3.07
CA VAL D 175 52.80 -15.14 3.02
C VAL D 175 53.66 -15.16 4.28
N GLU D 176 54.39 -14.07 4.52
CA GLU D 176 55.34 -14.04 5.62
C GLU D 176 54.66 -14.14 6.98
N PHE D 177 53.39 -13.76 7.08
CA PHE D 177 52.68 -13.82 8.35
C PHE D 177 52.00 -15.18 8.57
N ALA D 178 52.48 -16.22 7.90
CA ALA D 178 52.06 -17.59 8.17
C ALA D 178 50.54 -17.75 7.99
N SER D 179 50.08 -17.41 6.79
CA SER D 179 48.69 -17.64 6.43
C SER D 179 48.52 -18.17 5.01
N ILE D 180 49.60 -18.34 4.24
CA ILE D 180 49.51 -18.87 2.89
C ILE D 180 50.92 -19.25 2.43
N SER D 181 51.02 -20.31 1.62
CA SER D 181 52.30 -20.79 1.13
C SER D 181 52.77 -19.97 -0.06
N PRO D 182 54.05 -20.02 -0.37
CA PRO D 182 54.57 -19.27 -1.52
C PRO D 182 54.05 -19.78 -2.86
N GLU D 183 54.17 -21.10 -3.08
CA GLU D 183 53.68 -21.65 -4.34
C GLU D 183 52.17 -21.48 -4.46
N GLY D 184 51.44 -21.65 -3.36
CA GLY D 184 50.04 -21.29 -3.36
C GLY D 184 49.84 -19.83 -3.71
N ALA D 185 50.74 -18.96 -3.24
CA ALA D 185 50.62 -17.55 -3.56
C ALA D 185 50.74 -17.31 -5.06
N ARG D 186 51.68 -18.00 -5.70
CA ARG D 186 51.83 -17.84 -7.15
C ARG D 186 50.63 -18.43 -7.89
N VAL D 187 50.11 -19.55 -7.41
CA VAL D 187 48.91 -20.12 -8.02
C VAL D 187 47.76 -19.13 -7.94
N LEU D 188 47.61 -18.47 -6.78
CA LEU D 188 46.57 -17.46 -6.65
C LEU D 188 46.83 -16.30 -7.60
N GLY D 189 48.08 -15.89 -7.73
CA GLY D 189 48.40 -14.83 -8.67
C GLY D 189 47.94 -15.17 -10.08
N VAL D 190 48.17 -16.41 -10.50
CA VAL D 190 47.72 -16.82 -11.83
C VAL D 190 46.20 -16.90 -11.89
N ILE D 191 45.57 -17.43 -10.84
CA ILE D 191 44.12 -17.55 -10.83
C ILE D 191 43.47 -16.18 -10.95
N GLY D 192 44.14 -15.17 -10.44
CA GLY D 192 43.60 -13.82 -10.56
C GLY D 192 43.88 -13.21 -11.90
N ALA D 193 45.09 -13.41 -12.43
CA ALA D 193 45.44 -12.80 -13.71
C ALA D 193 44.61 -13.37 -14.84
N CYS D 194 44.30 -14.66 -14.81
CA CYS D 194 43.63 -15.33 -15.91
C CYS D 194 42.13 -15.09 -15.96
N ARG D 195 41.63 -14.10 -15.21
CA ARG D 195 40.21 -13.77 -15.17
C ARG D 195 39.36 -15.03 -15.04
N CYS D 196 39.69 -15.84 -14.05
CA CYS D 196 38.91 -17.00 -13.69
C CYS D 196 38.08 -16.66 -12.46
N ASN D 197 36.76 -16.83 -12.56
CA ASN D 197 35.85 -16.42 -11.49
C ASN D 197 36.31 -16.97 -10.16
N LEU D 198 35.79 -16.45 -9.06
CA LEU D 198 36.06 -17.07 -7.77
C LEU D 198 35.03 -16.60 -6.77
N VAL D 199 34.84 -17.40 -5.73
CA VAL D 199 33.92 -17.09 -4.65
C VAL D 199 34.61 -17.39 -3.33
N ILE D 200 34.48 -16.50 -2.37
CA ILE D 200 35.20 -16.60 -1.11
C ILE D 200 34.19 -16.89 0.00
N SER D 201 34.51 -17.85 0.86
CA SER D 201 33.67 -18.22 1.97
C SER D 201 34.50 -18.40 3.21
N GLY D 202 34.06 -17.81 4.33
CA GLY D 202 34.82 -17.95 5.55
C GLY D 202 33.98 -17.82 6.80
N GLY D 203 34.30 -18.64 7.80
CA GLY D 203 33.57 -18.62 9.05
C GLY D 203 33.62 -17.26 9.72
N THR D 204 32.84 -17.09 10.80
CA THR D 204 32.73 -15.78 11.44
C THR D 204 34.12 -15.30 11.84
N GLY D 205 34.43 -14.06 11.47
CA GLY D 205 35.71 -13.46 11.75
C GLY D 205 36.82 -13.86 10.80
N SER D 206 36.53 -14.71 9.83
CA SER D 206 37.56 -15.14 8.90
C SER D 206 38.15 -13.99 8.12
N GLY D 207 37.46 -12.86 8.07
CA GLY D 207 37.98 -11.70 7.36
C GLY D 207 37.81 -11.83 5.86
N LYS D 208 36.56 -12.01 5.42
CA LYS D 208 36.30 -12.17 3.99
C LYS D 208 36.82 -10.98 3.21
N THR D 209 36.51 -9.77 3.66
CA THR D 209 36.87 -8.58 2.91
C THR D 209 38.36 -8.54 2.63
N THR D 210 39.18 -8.47 3.68
CA THR D 210 40.62 -8.35 3.50
C THR D 210 41.10 -9.25 2.37
N LEU D 211 40.69 -10.51 2.40
CA LEU D 211 41.09 -11.42 1.33
C LEU D 211 40.56 -10.95 -0.02
N LEU D 212 39.30 -10.53 -0.07
CA LEU D 212 38.73 -10.13 -1.36
C LEU D 212 39.48 -8.94 -1.92
N ASN D 213 39.86 -8.00 -1.06
CA ASN D 213 40.64 -6.84 -1.49
C ASN D 213 42.01 -7.26 -2.01
N THR D 214 42.69 -8.17 -1.29
CA THR D 214 43.98 -8.64 -1.78
C THR D 214 43.83 -9.26 -3.14
N MET D 215 42.71 -9.94 -3.38
CA MET D 215 42.50 -10.54 -4.70
C MET D 215 42.22 -9.49 -5.77
N THR D 216 41.35 -8.51 -5.48
CA THR D 216 41.08 -7.47 -6.46
C THR D 216 42.35 -6.77 -6.88
N ALA D 217 43.31 -6.63 -5.97
CA ALA D 217 44.57 -5.99 -6.33
C ALA D 217 45.23 -6.63 -7.56
N PHE D 218 44.78 -7.81 -7.98
CA PHE D 218 45.41 -8.52 -9.08
C PHE D 218 44.95 -8.06 -10.46
N ILE D 219 43.75 -7.49 -10.58
CA ILE D 219 43.17 -7.27 -11.91
C ILE D 219 44.09 -6.39 -12.74
N ASP D 220 44.17 -6.69 -14.02
CA ASP D 220 44.90 -5.84 -14.94
C ASP D 220 44.19 -4.49 -15.04
N PRO D 221 44.90 -3.36 -14.98
CA PRO D 221 44.21 -2.06 -14.95
C PRO D 221 43.27 -1.81 -16.12
N THR D 222 43.58 -2.30 -17.32
CA THR D 222 42.77 -1.97 -18.47
C THR D 222 41.35 -2.52 -18.37
N GLU D 223 41.08 -3.41 -17.43
CA GLU D 223 39.78 -4.05 -17.31
C GLU D 223 38.86 -3.19 -16.45
N ARG D 224 37.80 -2.67 -17.05
CA ARG D 224 36.83 -1.88 -16.31
C ARG D 224 36.20 -2.72 -15.21
N VAL D 225 35.95 -2.10 -14.07
CA VAL D 225 35.46 -2.80 -12.90
C VAL D 225 34.24 -2.08 -12.36
N VAL D 226 33.41 -2.82 -11.64
CA VAL D 226 32.24 -2.25 -10.98
C VAL D 226 32.04 -3.00 -9.67
N THR D 227 32.23 -2.32 -8.55
CA THR D 227 32.16 -2.97 -7.25
C THR D 227 30.87 -2.55 -6.57
N CYS D 228 29.94 -3.49 -6.43
CA CYS D 228 28.65 -3.23 -5.81
C CYS D 228 28.71 -3.69 -4.36
N GLU D 229 29.23 -2.84 -3.50
CA GLU D 229 29.48 -3.19 -2.10
C GLU D 229 28.29 -2.82 -1.24
N ASP D 230 28.25 -3.37 -0.03
CA ASP D 230 27.18 -3.06 0.89
C ASP D 230 27.54 -1.86 1.77
N ALA D 231 28.78 -1.81 2.23
CA ALA D 231 29.34 -0.63 2.86
C ALA D 231 30.72 -0.38 2.29
N ALA D 232 31.10 0.89 2.17
CA ALA D 232 32.32 1.24 1.45
C ALA D 232 33.52 0.75 2.27
N GLU D 233 33.89 -0.50 2.04
CA GLU D 233 35.01 -1.12 2.72
C GLU D 233 36.15 -1.50 1.78
N LEU D 234 35.85 -1.86 0.54
CA LEU D 234 36.88 -2.23 -0.42
C LEU D 234 37.66 -1.00 -0.86
N GLN D 235 38.98 -1.13 -0.91
CA GLN D 235 39.88 -0.06 -1.30
C GLN D 235 40.71 -0.57 -2.46
N LEU D 236 40.20 -0.40 -3.66
CA LEU D 236 40.88 -0.88 -4.85
C LEU D 236 42.02 0.07 -5.22
N GLN D 237 42.88 -0.40 -6.12
CA GLN D 237 44.08 0.33 -6.52
C GLN D 237 44.08 0.76 -7.98
N GLN D 238 43.12 0.30 -8.76
CA GLN D 238 43.11 0.57 -10.19
C GLN D 238 42.69 1.99 -10.48
N PRO D 239 42.94 2.48 -11.68
CA PRO D 239 42.40 3.78 -12.08
C PRO D 239 40.95 3.71 -12.54
N HIS D 240 40.51 2.55 -13.03
CA HIS D 240 39.23 2.48 -13.74
C HIS D 240 38.06 2.05 -12.87
N VAL D 241 38.24 1.91 -11.56
CA VAL D 241 37.17 1.41 -10.71
C VAL D 241 35.92 2.25 -10.86
N VAL D 242 34.80 1.70 -10.37
CA VAL D 242 33.56 2.43 -10.19
C VAL D 242 32.88 1.91 -8.93
N ARG D 243 32.61 2.80 -7.98
CA ARG D 243 32.05 2.36 -6.71
C ARG D 243 30.52 2.31 -6.78
N LEU D 244 29.92 1.82 -5.69
CA LEU D 244 28.47 1.82 -5.54
C LEU D 244 28.16 1.62 -4.06
N GLU D 245 26.87 1.46 -3.76
CA GLU D 245 26.40 1.17 -2.41
C GLU D 245 24.89 1.03 -2.47
N THR D 246 24.32 0.39 -1.46
CA THR D 246 22.87 0.26 -1.35
C THR D 246 22.30 1.39 -0.49
N ARG D 247 20.99 1.34 -0.24
CA ARG D 247 20.34 2.33 0.61
C ARG D 247 19.28 1.62 1.45
N PRO D 248 19.24 1.86 2.76
CA PRO D 248 18.28 1.14 3.61
C PRO D 248 16.93 1.82 3.60
N PRO D 249 15.96 1.27 4.34
CA PRO D 249 14.64 1.90 4.40
C PRO D 249 14.71 3.28 5.04
N ASN D 250 13.82 4.17 4.61
CA ASN D 250 13.71 5.50 5.20
C ASN D 250 12.74 5.45 6.37
N LEU D 251 12.49 6.62 6.98
CA LEU D 251 11.64 6.67 8.16
C LEU D 251 10.22 6.20 7.84
N GLU D 252 9.78 6.36 6.59
CA GLU D 252 8.44 5.99 6.18
C GLU D 252 8.37 4.55 5.66
N GLY D 253 9.39 3.75 5.91
CA GLY D 253 9.38 2.36 5.46
C GLY D 253 9.40 2.21 3.96
N SER D 254 10.21 3.00 3.26
CA SER D 254 10.30 2.95 1.81
C SER D 254 11.62 3.55 1.38
N GLY D 255 11.75 3.82 0.09
CA GLY D 255 12.97 4.42 -0.44
C GLY D 255 14.20 3.56 -0.27
N ALA D 256 14.05 2.25 -0.35
CA ALA D 256 15.17 1.33 -0.19
C ALA D 256 15.56 0.74 -1.54
N VAL D 257 16.86 0.55 -1.73
CA VAL D 257 17.41 -0.06 -2.94
C VAL D 257 18.29 -1.21 -2.47
N THR D 258 17.71 -2.40 -2.41
CA THR D 258 18.45 -3.57 -1.96
C THR D 258 19.47 -3.98 -3.01
N MET D 259 20.48 -4.73 -2.56
CA MET D 259 21.61 -5.01 -3.43
C MET D 259 21.20 -5.74 -4.69
N ARG D 260 20.04 -6.40 -4.68
CA ARG D 260 19.58 -7.06 -5.89
C ARG D 260 19.48 -6.07 -7.05
N ASP D 261 18.89 -4.90 -6.79
CA ASP D 261 18.74 -3.91 -7.85
C ASP D 261 20.09 -3.42 -8.35
N LEU D 262 21.04 -3.20 -7.45
CA LEU D 262 22.36 -2.75 -7.86
C LEU D 262 23.03 -3.79 -8.74
N VAL D 263 22.96 -5.06 -8.35
CA VAL D 263 23.60 -6.09 -9.16
C VAL D 263 22.91 -6.22 -10.50
N LYS D 264 21.59 -6.01 -10.56
CA LYS D 264 20.91 -6.01 -11.85
C LYS D 264 21.40 -4.85 -12.72
N ASN D 265 21.54 -3.66 -12.12
CA ASN D 265 21.87 -2.49 -12.92
C ASN D 265 23.31 -2.50 -13.38
N CYS D 266 24.21 -3.14 -12.62
CA CYS D 266 25.60 -3.21 -13.06
C CYS D 266 25.72 -3.90 -14.40
N LEU D 267 24.73 -4.70 -14.80
CA LEU D 267 24.80 -5.38 -16.08
C LEU D 267 24.90 -4.38 -17.23
N ARG D 268 24.18 -3.27 -17.15
CA ARG D 268 24.13 -2.35 -18.28
C ARG D 268 25.47 -1.69 -18.53
N MET D 269 26.18 -1.30 -17.47
CA MET D 269 27.30 -0.38 -17.63
C MET D 269 28.54 -1.07 -18.14
N ARG D 270 28.38 -1.90 -19.18
CA ARG D 270 29.47 -2.56 -19.88
C ARG D 270 30.63 -2.91 -18.94
N PRO D 271 30.39 -3.64 -17.86
CA PRO D 271 31.49 -3.99 -16.97
C PRO D 271 32.31 -5.13 -17.55
N GLU D 272 33.39 -5.46 -16.84
CA GLU D 272 34.15 -6.67 -17.12
C GLU D 272 34.66 -7.35 -15.87
N ARG D 273 34.18 -6.95 -14.68
CA ARG D 273 34.47 -7.66 -13.45
C ARG D 273 33.47 -7.15 -12.41
N ILE D 274 32.31 -7.79 -12.32
CA ILE D 274 31.24 -7.32 -11.43
C ILE D 274 31.55 -7.83 -10.03
N ILE D 275 32.28 -7.05 -9.26
CA ILE D 275 32.70 -7.46 -7.93
C ILE D 275 31.60 -7.13 -6.95
N VAL D 276 31.48 -7.92 -5.89
CA VAL D 276 30.41 -7.77 -4.92
C VAL D 276 31.00 -7.76 -3.52
N GLY D 277 30.21 -7.29 -2.57
CA GLY D 277 30.65 -7.18 -1.20
C GLY D 277 30.20 -8.33 -0.32
N GLU D 278 28.95 -8.76 -0.45
CA GLU D 278 28.47 -9.90 0.31
C GLU D 278 27.16 -10.38 -0.29
N VAL D 279 26.90 -11.67 -0.14
CA VAL D 279 25.82 -12.36 -0.85
C VAL D 279 24.92 -13.02 0.18
N ARG D 280 23.82 -12.35 0.55
CA ARG D 280 22.87 -12.86 1.53
C ARG D 280 21.49 -13.08 0.96
N GLY D 281 20.95 -12.11 0.24
CA GLY D 281 19.62 -12.24 -0.32
C GLY D 281 19.66 -13.06 -1.60
N PRO D 282 18.65 -12.92 -2.45
CA PRO D 282 18.65 -13.65 -3.72
C PRO D 282 19.68 -13.14 -4.71
N GLU D 283 20.37 -12.04 -4.41
CA GLU D 283 21.31 -11.46 -5.38
C GLU D 283 22.24 -12.52 -5.95
N ALA D 284 22.54 -13.57 -5.17
CA ALA D 284 23.38 -14.64 -5.67
C ALA D 284 23.01 -14.97 -7.12
N PHE D 285 21.74 -15.29 -7.35
CA PHE D 285 21.28 -15.61 -8.70
C PHE D 285 21.86 -14.64 -9.71
N ASP D 286 21.49 -13.36 -9.59
CA ASP D 286 21.95 -12.38 -10.55
C ASP D 286 23.46 -12.45 -10.73
N LEU D 287 24.19 -12.43 -9.61
CA LEU D 287 25.64 -12.48 -9.70
C LEU D 287 26.08 -13.64 -10.57
N LEU D 288 25.56 -14.84 -10.29
CA LEU D 288 26.00 -16.00 -11.06
C LEU D 288 25.69 -15.83 -12.53
N GLN D 289 24.51 -15.32 -12.86
CA GLN D 289 24.21 -15.10 -14.26
C GLN D 289 25.20 -14.11 -14.87
N ALA D 290 25.53 -13.06 -14.12
CA ALA D 290 26.52 -12.11 -14.62
C ALA D 290 27.85 -12.82 -14.89
N MET D 291 28.18 -13.82 -14.08
CA MET D 291 29.42 -14.55 -14.31
C MET D 291 29.40 -15.29 -15.63
N ASN D 292 28.22 -15.73 -16.06
CA ASN D 292 28.11 -16.63 -17.20
C ASN D 292 27.96 -15.88 -18.52
N THR D 293 27.26 -14.77 -18.53
CA THR D 293 26.91 -14.10 -19.78
C THR D 293 28.07 -13.35 -20.40
N GLY D 294 29.33 -13.52 -19.98
CA GLY D 294 30.42 -12.82 -20.64
C GLY D 294 31.08 -11.76 -19.78
N HIS D 295 31.22 -12.02 -18.48
CA HIS D 295 31.92 -11.12 -17.57
C HIS D 295 33.00 -11.88 -16.84
N ASP D 296 33.78 -12.68 -17.56
CA ASP D 296 34.74 -13.57 -16.94
C ASP D 296 35.66 -12.80 -16.01
N GLY D 297 35.54 -13.06 -14.71
CA GLY D 297 36.45 -12.48 -13.75
C GLY D 297 35.78 -11.82 -12.57
N SER D 298 34.48 -12.04 -12.37
CA SER D 298 33.81 -11.48 -11.21
C SER D 298 34.36 -12.11 -9.93
N MET D 299 33.81 -11.67 -8.80
CA MET D 299 34.23 -12.20 -7.51
C MET D 299 33.02 -12.17 -6.58
N GLY D 300 33.26 -12.31 -5.29
CA GLY D 300 32.17 -12.28 -4.34
C GLY D 300 32.60 -12.85 -3.01
N THR D 301 31.65 -12.87 -2.08
CA THR D 301 31.87 -13.46 -0.77
C THR D 301 30.55 -14.01 -0.26
N LEU D 302 30.63 -14.91 0.71
CA LEU D 302 29.45 -15.41 1.39
C LEU D 302 29.90 -16.07 2.68
N HIS D 303 28.93 -16.47 3.50
CA HIS D 303 29.20 -17.02 4.83
C HIS D 303 28.96 -18.52 4.82
N ALA D 304 30.03 -19.29 5.04
CA ALA D 304 29.94 -20.74 5.11
C ALA D 304 31.32 -21.26 5.48
N ASN D 305 31.34 -22.46 6.06
CA ASN D 305 32.58 -22.99 6.64
C ASN D 305 33.35 -23.85 5.65
N SER D 306 32.77 -24.91 5.20
CA SER D 306 33.46 -25.77 4.25
C SER D 306 32.90 -25.53 2.85
N PRO D 307 33.73 -25.65 1.80
CA PRO D 307 33.25 -25.26 0.47
C PRO D 307 31.94 -25.90 0.09
N ARG D 308 31.75 -27.18 0.43
CA ARG D 308 30.50 -27.84 0.08
C ARG D 308 29.33 -27.17 0.77
N GLU D 309 29.51 -26.75 2.03
CA GLU D 309 28.49 -25.93 2.66
C GLU D 309 28.27 -24.64 1.89
N ALA D 310 29.32 -24.10 1.28
CA ALA D 310 29.14 -22.88 0.50
C ALA D 310 28.24 -23.14 -0.71
N ILE D 311 28.45 -24.26 -1.39
CA ILE D 311 27.61 -24.58 -2.54
C ILE D 311 26.17 -24.78 -2.09
N SER D 312 25.98 -25.49 -0.97
CA SER D 312 24.62 -25.68 -0.47
C SER D 312 23.98 -24.35 -0.12
N ARG D 313 24.76 -23.43 0.47
CA ARG D 313 24.22 -22.12 0.79
C ARG D 313 23.79 -21.38 -0.46
N ILE D 314 24.61 -21.43 -1.52
CA ILE D 314 24.24 -20.74 -2.74
C ILE D 314 22.94 -21.30 -3.30
N GLU D 315 22.82 -22.63 -3.31
CA GLU D 315 21.58 -23.22 -3.82
C GLU D 315 20.39 -22.81 -2.96
N SER D 316 20.56 -22.76 -1.64
CA SER D 316 19.48 -22.31 -0.78
C SER D 316 19.11 -20.86 -1.10
N MET D 317 20.11 -20.01 -1.35
CA MET D 317 19.83 -18.63 -1.70
C MET D 317 18.99 -18.55 -2.96
N ILE D 318 19.40 -19.27 -4.00
CA ILE D 318 18.66 -19.24 -5.25
C ILE D 318 17.23 -19.74 -5.05
N THR D 319 17.07 -20.82 -4.28
CA THR D 319 15.73 -21.34 -4.01
C THR D 319 14.89 -20.28 -3.29
N MET D 320 15.48 -19.59 -2.32
CA MET D 320 14.79 -18.46 -1.69
C MET D 320 14.49 -17.38 -2.71
N GLY D 321 15.17 -17.40 -3.86
CA GLY D 321 14.90 -16.45 -4.91
C GLY D 321 13.48 -16.50 -5.43
N GLY D 322 12.76 -17.59 -5.19
CA GLY D 322 11.37 -17.66 -5.59
C GLY D 322 11.13 -17.80 -7.07
N TYR D 323 12.04 -18.45 -7.79
CA TYR D 323 11.88 -18.67 -9.23
C TYR D 323 11.47 -20.10 -9.56
N GLY D 324 11.65 -21.04 -8.63
CA GLY D 324 11.11 -22.37 -8.81
C GLY D 324 11.84 -23.24 -9.79
N LEU D 325 13.10 -22.95 -10.08
CA LEU D 325 13.84 -23.80 -11.00
C LEU D 325 14.06 -25.18 -10.40
N PRO D 326 14.22 -26.20 -11.23
CA PRO D 326 14.51 -27.53 -10.71
C PRO D 326 15.88 -27.58 -10.06
N SER D 327 16.02 -28.52 -9.12
CA SER D 327 17.27 -28.64 -8.37
C SER D 327 18.44 -29.04 -9.25
N LYS D 328 18.20 -29.47 -10.49
CA LYS D 328 19.30 -29.83 -11.37
C LYS D 328 19.82 -28.64 -12.17
N THR D 329 18.94 -27.77 -12.65
CA THR D 329 19.40 -26.65 -13.45
C THR D 329 20.29 -25.72 -12.63
N ILE D 330 19.94 -25.49 -11.36
CA ILE D 330 20.74 -24.60 -10.53
C ILE D 330 22.14 -25.17 -10.37
N LYS D 331 22.24 -26.47 -10.13
CA LYS D 331 23.55 -27.08 -9.98
C LYS D 331 24.34 -27.02 -11.27
N GLU D 332 23.67 -27.23 -12.40
CA GLU D 332 24.37 -27.09 -13.68
C GLU D 332 24.93 -25.68 -13.84
N MET D 333 24.12 -24.68 -13.49
CA MET D 333 24.57 -23.29 -13.60
C MET D 333 25.80 -23.05 -12.72
N ILE D 334 25.75 -23.51 -11.48
CA ILE D 334 26.89 -23.31 -10.59
C ILE D 334 28.13 -23.98 -11.16
N VAL D 335 27.98 -25.21 -11.66
CA VAL D 335 29.13 -25.90 -12.22
C VAL D 335 29.67 -25.19 -13.45
N GLY D 336 28.80 -24.51 -14.20
CA GLY D 336 29.25 -23.83 -15.39
C GLY D 336 29.91 -22.50 -15.10
N SER D 337 29.55 -21.85 -13.99
CA SER D 337 30.05 -20.52 -13.71
C SER D 337 31.30 -20.54 -12.83
N VAL D 338 31.18 -21.05 -11.62
CA VAL D 338 32.26 -20.94 -10.65
C VAL D 338 33.48 -21.71 -11.13
N ASP D 339 34.65 -21.20 -10.78
CA ASP D 339 35.92 -21.83 -11.18
C ASP D 339 36.86 -22.06 -10.01
N VAL D 340 36.75 -21.27 -8.95
CA VAL D 340 37.51 -21.50 -7.72
C VAL D 340 36.67 -20.98 -6.57
N ILE D 341 36.66 -21.72 -5.46
CA ILE D 341 35.99 -21.29 -4.24
C ILE D 341 37.04 -21.26 -3.15
N ILE D 342 37.77 -20.16 -3.04
CA ILE D 342 38.77 -20.05 -2.01
C ILE D 342 38.11 -20.15 -0.65
N GLN D 343 38.89 -20.48 0.37
CA GLN D 343 38.39 -20.59 1.73
C GLN D 343 39.22 -19.68 2.64
N ALA D 344 38.62 -19.31 3.77
CA ALA D 344 39.30 -18.57 4.81
C ALA D 344 38.61 -18.87 6.12
N ALA D 345 39.38 -19.04 7.19
CA ALA D 345 38.80 -19.39 8.47
C ALA D 345 39.69 -18.90 9.59
N ARG D 346 39.08 -18.68 10.75
CA ARG D 346 39.79 -18.31 11.97
C ARG D 346 39.92 -19.54 12.85
N LEU D 347 41.15 -19.86 13.23
CA LEU D 347 41.41 -21.01 14.07
C LEU D 347 41.46 -20.62 15.54
N ARG D 348 41.44 -21.62 16.41
CA ARG D 348 41.34 -21.36 17.84
C ARG D 348 42.51 -20.56 18.36
N ASP D 349 43.67 -20.60 17.69
CA ASP D 349 44.83 -19.87 18.16
C ASP D 349 44.71 -18.37 17.95
N GLY D 350 43.63 -17.90 17.33
CA GLY D 350 43.44 -16.50 17.06
C GLY D 350 44.06 -16.01 15.77
N SER D 351 44.76 -16.85 15.03
CA SER D 351 45.35 -16.46 13.76
C SER D 351 44.27 -16.51 12.67
N ARG D 352 44.71 -16.45 11.42
CA ARG D 352 43.80 -16.53 10.28
C ARG D 352 44.51 -17.27 9.15
N ARG D 353 43.88 -18.33 8.66
CA ARG D 353 44.50 -19.21 7.68
C ARG D 353 43.56 -19.46 6.51
N ILE D 354 44.14 -19.73 5.35
CA ILE D 354 43.39 -20.13 4.16
C ILE D 354 43.41 -21.64 4.13
N THR D 355 42.36 -22.26 4.63
CA THR D 355 42.36 -23.71 4.81
C THR D 355 42.34 -24.44 3.47
N HIS D 356 41.47 -24.03 2.54
CA HIS D 356 41.27 -24.76 1.30
C HIS D 356 41.41 -23.83 0.10
N ILE D 357 41.75 -24.42 -1.04
CA ILE D 357 41.66 -23.75 -2.34
C ILE D 357 40.99 -24.76 -3.26
N THR D 358 39.67 -24.70 -3.35
CA THR D 358 38.89 -25.74 -4.00
C THR D 358 38.49 -25.29 -5.40
N GLU D 359 38.38 -26.24 -6.32
CA GLU D 359 37.85 -25.97 -7.64
C GLU D 359 36.42 -26.49 -7.74
N VAL D 360 35.87 -26.43 -8.95
CA VAL D 360 34.60 -27.07 -9.28
C VAL D 360 34.85 -27.90 -10.53
N VAL D 361 35.11 -29.19 -10.33
CA VAL D 361 35.55 -30.04 -11.44
C VAL D 361 34.43 -30.23 -12.45
N GLY D 362 33.22 -30.53 -11.99
CA GLY D 362 32.14 -30.72 -12.92
C GLY D 362 30.90 -31.21 -12.20
N LEU D 363 29.97 -31.75 -12.98
CA LEU D 363 28.71 -32.28 -12.48
C LEU D 363 28.65 -33.77 -12.74
N GLU D 364 28.24 -34.54 -11.73
CA GLU D 364 28.08 -35.99 -11.87
C GLU D 364 26.90 -36.40 -11.01
N GLY D 365 25.84 -36.90 -11.64
CA GLY D 365 24.66 -37.26 -10.89
C GLY D 365 24.13 -36.04 -10.16
N ASP D 366 23.94 -36.18 -8.85
CA ASP D 366 23.50 -35.09 -8.01
C ASP D 366 24.64 -34.51 -7.17
N VAL D 367 25.89 -34.85 -7.49
CA VAL D 367 27.05 -34.35 -6.77
C VAL D 367 27.88 -33.49 -7.73
N ILE D 368 28.26 -32.31 -7.28
CA ILE D 368 29.15 -31.44 -8.03
C ILE D 368 30.57 -31.81 -7.63
N VAL D 369 31.27 -32.50 -8.53
CA VAL D 369 32.60 -33.01 -8.24
C VAL D 369 33.58 -31.86 -8.18
N THR D 370 34.33 -31.79 -7.08
CA THR D 370 35.34 -30.78 -6.83
C THR D 370 36.67 -31.45 -6.54
N GLN D 371 37.76 -30.77 -6.86
CA GLN D 371 39.08 -31.22 -6.46
C GLN D 371 39.81 -30.04 -5.81
N ASP D 372 40.76 -30.36 -4.95
CA ASP D 372 41.47 -29.34 -4.19
C ASP D 372 42.89 -29.19 -4.70
N LEU D 373 43.36 -27.95 -4.72
CA LEU D 373 44.73 -27.63 -5.13
C LEU D 373 45.69 -27.52 -3.96
N PHE D 374 45.19 -27.15 -2.78
CA PHE D 374 46.00 -27.08 -1.58
C PHE D 374 45.07 -27.27 -0.39
N VAL D 375 45.66 -27.59 0.76
CA VAL D 375 44.90 -27.75 1.99
C VAL D 375 45.81 -27.42 3.17
N TYR D 376 45.20 -27.22 4.33
CA TYR D 376 45.90 -26.85 5.55
C TYR D 376 45.82 -28.04 6.50
N GLU D 377 46.93 -28.78 6.62
CA GLU D 377 46.99 -29.97 7.46
C GLU D 377 47.71 -29.60 8.76
N ILE D 378 46.98 -29.64 9.88
CA ILE D 378 47.57 -29.29 11.16
C ILE D 378 48.55 -30.37 11.60
N THR D 379 49.53 -29.98 12.42
CA THR D 379 50.44 -30.93 13.04
C THR D 379 50.30 -30.99 14.56
N GLY D 380 49.92 -29.88 15.19
CA GLY D 380 49.77 -29.87 16.63
C GLY D 380 49.60 -28.46 17.14
N GLU D 381 49.53 -28.36 18.47
CA GLU D 381 49.35 -27.10 19.16
C GLU D 381 50.51 -26.90 20.13
N ASP D 382 51.03 -25.69 20.19
CA ASP D 382 52.24 -25.38 20.93
C ASP D 382 51.92 -24.92 22.35
N GLU D 383 52.98 -24.74 23.14
CA GLU D 383 52.80 -24.37 24.54
C GLU D 383 52.34 -22.93 24.69
N HIS D 384 52.70 -22.06 23.75
CA HIS D 384 52.34 -20.65 23.83
C HIS D 384 50.88 -20.39 23.51
N GLY D 385 50.13 -21.43 23.14
CA GLY D 385 48.74 -21.27 22.78
C GLY D 385 48.48 -21.16 21.29
N LYS D 386 49.37 -21.70 20.46
CA LYS D 386 49.25 -21.62 19.01
C LYS D 386 48.74 -22.92 18.42
N VAL D 387 48.36 -22.84 17.15
CA VAL D 387 48.05 -24.01 16.33
C VAL D 387 48.90 -23.92 15.06
N VAL D 388 49.65 -24.97 14.78
CA VAL D 388 50.63 -24.96 13.69
C VAL D 388 50.33 -26.11 12.74
N GLY D 389 50.48 -25.85 11.45
CA GLY D 389 50.25 -26.85 10.44
C GLY D 389 51.14 -26.67 9.24
N LYS D 390 50.69 -27.11 8.08
CA LYS D 390 51.45 -26.97 6.85
C LYS D 390 50.50 -26.98 5.66
N HIS D 391 50.89 -26.26 4.62
CA HIS D 391 50.09 -26.18 3.39
C HIS D 391 50.49 -27.32 2.47
N ARG D 392 49.66 -28.34 2.42
CA ARG D 392 49.94 -29.54 1.64
C ARG D 392 49.32 -29.42 0.25
N SER D 393 50.05 -29.93 -0.74
CA SER D 393 49.66 -29.89 -2.14
C SER D 393 49.08 -31.23 -2.54
N THR D 394 48.74 -31.36 -3.82
CA THR D 394 48.19 -32.60 -4.35
C THR D 394 48.76 -32.92 -5.72
N GLY D 395 49.93 -32.37 -6.04
CA GLY D 395 50.64 -32.70 -7.26
C GLY D 395 49.81 -32.74 -8.52
N ILE D 396 48.69 -32.02 -8.54
CA ILE D 396 47.82 -32.04 -9.71
C ILE D 396 48.57 -31.51 -10.92
N ALA D 397 48.47 -32.23 -12.04
CA ALA D 397 49.20 -31.85 -13.23
C ALA D 397 48.49 -30.74 -14.00
N ARG D 398 47.16 -30.80 -14.07
CA ARG D 398 46.41 -29.80 -14.84
C ARG D 398 45.06 -29.50 -14.20
N PRO D 399 44.81 -28.25 -13.79
CA PRO D 399 43.46 -27.88 -13.33
C PRO D 399 42.47 -27.82 -14.49
N ARG D 400 41.20 -27.54 -14.18
CA ARG D 400 40.19 -27.47 -15.24
C ARG D 400 40.42 -26.29 -16.17
N PHE D 401 41.07 -25.22 -15.71
CA PHE D 401 41.21 -24.00 -16.47
C PHE D 401 42.54 -23.90 -17.20
N TRP D 402 43.28 -25.00 -17.32
CA TRP D 402 44.62 -24.93 -17.90
C TRP D 402 44.58 -24.26 -19.27
N ASP D 403 43.53 -24.51 -20.04
CA ASP D 403 43.42 -23.87 -21.36
C ASP D 403 43.39 -22.36 -21.22
N ARG D 404 42.58 -21.84 -20.29
CA ARG D 404 42.49 -20.41 -20.11
C ARG D 404 43.85 -19.83 -19.73
N ALA D 405 44.53 -20.43 -18.76
CA ALA D 405 45.85 -19.98 -18.38
C ALA D 405 46.82 -20.04 -19.55
N ARG D 406 46.61 -20.98 -20.48
CA ARG D 406 47.39 -20.99 -21.70
C ARG D 406 47.05 -19.80 -22.58
N TYR D 407 45.78 -19.39 -22.58
CA TYR D 407 45.35 -18.30 -23.44
C TYR D 407 45.97 -16.97 -22.98
N TYR D 408 45.68 -16.55 -21.76
CA TYR D 408 46.13 -15.25 -21.30
C TYR D 408 47.63 -15.19 -21.09
N GLY D 409 48.37 -16.22 -21.49
CA GLY D 409 49.81 -16.09 -21.60
C GLY D 409 50.59 -16.25 -20.32
N LEU D 410 50.11 -17.05 -19.38
CA LEU D 410 50.84 -17.36 -18.16
C LEU D 410 50.74 -18.85 -17.87
N GLU D 411 50.98 -19.66 -18.91
CA GLU D 411 50.80 -21.11 -18.78
C GLU D 411 51.83 -21.71 -17.84
N ARG D 412 53.11 -21.39 -18.05
CA ARG D 412 54.16 -22.11 -17.32
C ARG D 412 54.02 -21.91 -15.82
N GLU D 413 53.80 -20.68 -15.38
CA GLU D 413 53.85 -20.37 -13.97
C GLU D 413 53.00 -21.33 -13.15
N LEU D 414 51.81 -21.66 -13.66
CA LEU D 414 50.91 -22.54 -12.91
C LEU D 414 51.57 -23.88 -12.64
N ALA D 415 52.08 -24.53 -13.70
CA ALA D 415 52.71 -25.84 -13.53
C ALA D 415 53.96 -25.74 -12.68
N GLU D 416 54.77 -24.69 -12.90
CA GLU D 416 55.96 -24.52 -12.09
C GLU D 416 55.61 -24.51 -10.61
N ALA D 417 54.63 -23.69 -10.23
CA ALA D 417 54.26 -23.59 -8.83
C ALA D 417 53.70 -24.90 -8.31
N LEU D 418 52.77 -25.51 -9.04
CA LEU D 418 52.13 -26.72 -8.55
C LEU D 418 53.15 -27.84 -8.36
N ASP D 419 54.08 -27.99 -9.30
CA ASP D 419 55.08 -29.05 -9.19
C ASP D 419 56.09 -28.73 -8.10
N ALA D 420 56.58 -27.48 -8.04
CA ALA D 420 57.61 -27.13 -7.07
C ALA D 420 57.08 -27.08 -5.65
N ALA D 421 55.77 -27.04 -5.46
CA ALA D 421 55.22 -27.04 -4.11
C ALA D 421 55.74 -28.21 -3.30
N GLU D 422 56.00 -29.34 -3.96
CA GLU D 422 56.52 -30.52 -3.27
C GLU D 422 57.86 -30.25 -2.61
N ALA D 423 58.57 -29.22 -3.04
CA ALA D 423 59.82 -28.84 -2.40
C ALA D 423 59.61 -28.59 -0.91
N ASP E 1 2.23 38.16 53.12
CA ASP E 1 1.01 38.95 53.04
C ASP E 1 1.28 40.27 52.33
N TYR E 2 1.74 41.27 53.09
CA TYR E 2 2.03 42.57 52.50
C TYR E 2 3.13 42.52 51.45
N TYR E 3 3.90 41.44 51.41
CA TYR E 3 4.90 41.29 50.35
C TYR E 3 4.25 41.26 48.98
N HIS E 4 3.07 40.64 48.88
CA HIS E 4 2.36 40.59 47.60
C HIS E 4 1.97 41.98 47.12
N ALA E 5 1.31 42.76 47.99
CA ALA E 5 0.87 44.09 47.60
C ALA E 5 2.07 45.02 47.36
N THR E 6 3.07 44.96 48.24
CA THR E 6 4.25 45.80 48.07
C THR E 6 4.97 45.45 46.77
N LYS E 7 5.06 44.16 46.45
CA LYS E 7 5.68 43.74 45.20
C LYS E 7 4.86 44.22 44.00
N THR E 8 3.53 44.17 44.10
CA THR E 8 2.70 44.67 43.01
C THR E 8 2.95 46.15 42.76
N THR E 9 2.94 46.95 43.82
CA THR E 9 3.18 48.39 43.67
C THR E 9 4.57 48.66 43.12
N ILE E 10 5.58 47.97 43.65
CA ILE E 10 6.95 48.19 43.19
C ILE E 10 7.11 47.74 41.75
N PHE E 11 6.44 46.66 41.36
CA PHE E 11 6.55 46.17 39.98
C PHE E 11 5.91 47.16 39.02
N ASN E 12 4.75 47.71 39.38
CA ASN E 12 4.14 48.75 38.55
C ASN E 12 5.07 49.96 38.45
N ALA E 13 5.68 50.35 39.56
CA ALA E 13 6.62 51.47 39.54
C ALA E 13 7.80 51.18 38.62
N LEU E 14 8.32 49.96 38.68
CA LEU E 14 9.45 49.59 37.82
C LEU E 14 9.05 49.62 36.35
N LEU E 15 7.88 49.06 36.03
CA LEU E 15 7.40 49.09 34.66
C LEU E 15 7.32 50.53 34.16
N ASN E 16 6.79 51.42 35.00
CA ASN E 16 6.78 52.83 34.64
C ASN E 16 8.20 53.37 34.45
N THR E 17 9.14 52.89 35.26
CA THR E 17 10.53 53.34 35.16
C THR E 17 11.23 52.67 33.98
N ILE E 18 11.32 51.35 34.00
CA ILE E 18 11.88 50.57 32.90
C ILE E 18 10.86 49.50 32.54
N ASP E 19 10.52 49.40 31.26
CA ASP E 19 9.55 48.44 30.76
C ASP E 19 10.27 47.19 30.27
N LEU E 20 9.58 46.06 30.33
CA LEU E 20 10.18 44.80 29.85
C LEU E 20 10.59 44.93 28.39
N SER E 21 9.95 45.81 27.64
CA SER E 21 10.41 46.12 26.29
C SER E 21 11.81 46.71 26.30
N GLN E 22 12.26 47.21 27.45
CA GLN E 22 13.62 47.74 27.60
C GLN E 22 14.65 46.64 27.80
N LEU E 23 14.31 45.40 27.43
CA LEU E 23 15.27 44.31 27.52
C LEU E 23 16.52 44.64 26.71
N ALA E 24 17.68 44.41 27.32
CA ALA E 24 19.00 44.76 26.82
C ALA E 24 19.26 46.25 26.95
N GLN E 25 18.27 47.06 27.33
CA GLN E 25 18.50 48.43 27.75
C GLN E 25 18.68 48.44 29.25
N LEU E 26 19.71 49.14 29.73
CA LEU E 26 20.16 48.98 31.11
C LEU E 26 20.57 47.54 31.36
N ASP E 27 21.63 47.14 30.66
CA ASP E 27 22.08 45.76 30.61
C ASP E 27 22.29 45.17 32.01
N LEU E 28 22.44 43.85 32.08
CA LEU E 28 22.24 43.09 33.30
C LEU E 28 22.70 43.84 34.55
N LYS E 29 23.98 44.21 34.62
CA LYS E 29 24.45 45.01 35.75
C LYS E 29 23.73 46.36 35.79
N GLN E 30 23.54 46.96 34.62
CA GLN E 30 22.83 48.23 34.56
C GLN E 30 21.40 48.08 35.06
N ALA E 31 20.73 46.98 34.71
CA ALA E 31 19.39 46.73 35.23
C ALA E 31 19.42 46.56 36.75
N GLY E 32 20.29 45.68 37.25
CA GLY E 32 20.36 45.46 38.68
C GLY E 32 20.62 46.74 39.44
N GLU E 33 21.32 47.69 38.84
CA GLU E 33 21.58 48.96 39.50
C GLU E 33 20.37 49.90 39.40
N GLU E 34 19.90 50.16 38.18
CA GLU E 34 18.88 51.18 37.98
C GLU E 34 17.54 50.76 38.61
N ILE E 35 17.11 49.53 38.34
CA ILE E 35 15.84 49.08 38.91
C ILE E 35 15.94 49.02 40.43
N ARG E 36 17.10 48.60 40.96
CA ARG E 36 17.27 48.58 42.41
C ARG E 36 17.13 49.97 42.99
N ASP E 37 17.75 50.97 42.36
CA ASP E 37 17.63 52.33 42.84
C ASP E 37 16.18 52.82 42.76
N ILE E 38 15.50 52.49 41.67
CA ILE E 38 14.12 52.92 41.50
C ILE E 38 13.24 52.32 42.59
N VAL E 39 13.46 51.04 42.89
CA VAL E 39 12.67 50.39 43.94
C VAL E 39 13.00 51.01 45.31
N ALA E 40 14.27 51.30 45.56
CA ALA E 40 14.64 51.92 46.83
C ALA E 40 13.94 53.27 47.00
N GLU E 41 13.92 54.08 45.94
CA GLU E 41 13.25 55.37 46.02
C GLU E 41 11.74 55.21 46.19
N LEU E 42 11.14 54.28 45.45
CA LEU E 42 9.70 54.10 45.53
C LEU E 42 9.29 53.52 46.88
N VAL E 43 10.24 52.90 47.60
CA VAL E 43 9.94 52.43 48.94
C VAL E 43 9.51 53.60 49.83
N ALA E 44 10.18 54.74 49.71
CA ALA E 44 9.81 55.94 50.45
C ALA E 44 8.74 56.77 49.76
N ILE E 45 8.75 56.82 48.43
CA ILE E 45 7.75 57.59 47.71
C ILE E 45 6.35 57.05 48.01
N LYS E 46 6.20 55.73 48.00
CA LYS E 46 4.96 55.06 48.36
C LYS E 46 5.21 54.28 49.66
N ASN E 47 4.41 54.59 50.68
CA ASN E 47 4.59 53.95 51.98
C ASN E 47 4.40 52.44 51.87
N VAL E 48 5.25 51.69 52.57
CA VAL E 48 5.17 50.23 52.58
C VAL E 48 5.76 49.74 53.89
N SER E 49 5.27 48.59 54.36
CA SER E 49 5.78 47.98 55.58
C SER E 49 7.17 47.38 55.41
N MET E 50 7.66 47.29 54.17
CA MET E 50 8.97 46.67 53.91
C MET E 50 10.11 47.57 54.41
N SER E 51 11.00 46.98 55.20
CA SER E 51 12.18 47.67 55.70
C SER E 51 13.33 47.50 54.71
N VAL E 52 14.53 47.86 55.16
CA VAL E 52 15.70 47.79 54.29
C VAL E 52 15.94 46.36 53.81
N ALA E 53 15.85 45.39 54.72
CA ALA E 53 15.94 43.99 54.32
C ALA E 53 14.80 43.65 53.37
N GLU E 54 13.59 44.11 53.68
CA GLU E 54 12.47 43.90 52.78
C GLU E 54 12.71 44.59 51.44
N GLN E 55 13.31 45.79 51.47
CA GLN E 55 13.62 46.48 50.22
C GLN E 55 14.58 45.65 49.37
N GLU E 56 15.61 45.10 49.99
CA GLU E 56 16.56 44.27 49.23
C GLU E 56 15.88 43.02 48.68
N HIS E 57 15.06 42.37 49.50
CA HIS E 57 14.39 41.14 49.05
C HIS E 57 13.46 41.44 47.88
N LEU E 58 12.69 42.52 47.97
CA LEU E 58 11.78 42.87 46.87
C LEU E 58 12.54 43.34 45.65
N VAL E 59 13.70 43.98 45.83
CA VAL E 59 14.55 44.31 44.70
C VAL E 59 15.00 43.04 43.99
N GLN E 60 15.42 42.04 44.76
CA GLN E 60 15.80 40.76 44.15
C GLN E 60 14.64 40.13 43.41
N ASP E 61 13.45 40.16 44.02
CA ASP E 61 12.29 39.58 43.37
C ASP E 61 11.97 40.29 42.05
N ILE E 62 12.05 41.62 42.05
CA ILE E 62 11.83 42.38 40.83
C ILE E 62 12.86 41.98 39.78
N ILE E 63 14.12 41.83 40.18
CA ILE E 63 15.17 41.44 39.25
C ILE E 63 14.84 40.10 38.62
N ASN E 64 14.45 39.13 39.43
CA ASN E 64 14.09 37.81 38.90
C ASN E 64 12.90 37.91 37.96
N ASP E 65 11.89 38.67 38.33
CA ASP E 65 10.75 38.86 37.42
C ASP E 65 11.17 39.53 36.12
N VAL E 66 12.23 40.31 36.13
CA VAL E 66 12.70 40.95 34.91
C VAL E 66 13.36 39.92 33.99
N LEU E 67 14.25 39.11 34.53
CA LEU E 67 14.99 38.11 33.77
C LEU E 67 15.00 36.75 34.46
N GLY E 68 14.75 36.73 35.78
CA GLY E 68 14.93 35.52 36.57
C GLY E 68 13.93 34.43 36.22
N TYR E 69 14.11 33.28 36.86
CA TYR E 69 13.22 32.14 36.69
C TYR E 69 12.10 32.13 37.72
N GLY E 70 12.01 33.15 38.58
CA GLY E 70 10.97 33.22 39.56
C GLY E 70 11.21 32.27 40.71
N PRO E 71 10.13 31.86 41.37
CA PRO E 71 10.27 30.98 42.54
C PRO E 71 10.88 29.61 42.24
N LEU E 72 11.29 29.37 40.99
CA LEU E 72 12.09 28.19 40.71
C LEU E 72 13.50 28.32 41.25
N GLU E 73 14.06 29.52 41.21
CA GLU E 73 15.47 29.69 41.52
C GLU E 73 15.85 29.21 42.91
N PRO E 74 15.09 29.48 43.97
CA PRO E 74 15.47 28.96 45.28
C PRO E 74 15.63 27.45 45.31
N LEU E 75 14.91 26.73 44.48
CA LEU E 75 15.03 25.27 44.39
C LEU E 75 16.17 24.86 43.46
N LEU E 76 16.12 25.30 42.21
CA LEU E 76 17.15 24.92 41.25
C LEU E 76 18.53 25.28 41.76
N ALA E 77 18.65 26.35 42.54
CA ALA E 77 19.92 26.69 43.15
C ALA E 77 20.41 25.60 44.10
N ARG E 78 19.49 24.87 44.73
CA ARG E 78 19.88 23.84 45.66
C ARG E 78 20.37 22.59 44.92
N ASP E 79 21.03 21.71 45.65
CA ASP E 79 21.59 20.49 45.09
C ASP E 79 20.88 19.22 45.54
N ASP E 80 20.35 19.20 46.75
CA ASP E 80 19.67 18.02 47.29
C ASP E 80 18.24 17.87 46.79
N ILE E 81 17.88 18.59 45.72
CA ILE E 81 16.58 18.48 45.09
C ILE E 81 16.79 17.85 43.72
N ALA E 82 16.22 16.66 43.52
CA ALA E 82 16.52 15.88 42.32
C ALA E 82 15.67 16.31 41.12
N ASP E 83 14.35 16.18 41.24
CA ASP E 83 13.44 16.50 40.15
C ASP E 83 12.47 17.59 40.58
N ILE E 84 12.09 18.41 39.61
CA ILE E 84 11.06 19.42 39.78
C ILE E 84 9.93 19.11 38.81
N MET E 85 8.70 19.10 39.32
CA MET E 85 7.53 18.76 38.52
C MET E 85 6.49 19.85 38.73
N VAL E 86 6.17 20.62 37.68
CA VAL E 86 5.24 21.73 37.79
C VAL E 86 4.01 21.41 36.97
N ASN E 87 2.85 21.37 37.63
CA ASN E 87 1.56 21.16 36.99
C ASN E 87 0.66 22.33 37.37
N GLY E 88 0.11 23.01 36.37
CA GLY E 88 -0.70 24.16 36.67
C GLY E 88 0.15 25.30 37.21
N ALA E 89 -0.51 26.20 37.93
CA ALA E 89 0.15 27.37 38.50
C ALA E 89 0.27 27.31 40.01
N HIS E 90 -0.56 26.52 40.68
CA HIS E 90 -0.60 26.48 42.14
C HIS E 90 -0.10 25.16 42.69
N ARG E 91 0.81 24.49 41.98
CA ARG E 91 1.35 23.22 42.46
C ARG E 91 2.72 22.99 41.86
N VAL E 92 3.71 22.80 42.71
CA VAL E 92 5.06 22.40 42.31
C VAL E 92 5.53 21.32 43.25
N PHE E 93 5.86 20.15 42.70
CA PHE E 93 6.36 19.02 43.46
C PHE E 93 7.88 18.95 43.33
N ILE E 94 8.54 18.60 44.43
CA ILE E 94 9.98 18.44 44.46
C ILE E 94 10.31 17.05 45.00
N GLU E 95 11.25 16.37 44.35
CA GLU E 95 11.68 15.07 44.84
C GLU E 95 12.90 15.25 45.74
N VAL E 96 12.87 14.59 46.90
CA VAL E 96 13.95 14.68 47.88
C VAL E 96 14.28 13.25 48.31
N GLY E 97 15.29 12.65 47.68
CA GLY E 97 15.74 11.34 48.07
C GLY E 97 14.67 10.27 48.06
N GLY E 98 14.14 9.96 46.88
CA GLY E 98 13.21 8.85 46.75
C GLY E 98 11.78 9.13 47.16
N LYS E 99 11.43 10.39 47.40
CA LYS E 99 10.06 10.73 47.78
C LYS E 99 9.70 12.08 47.18
N VAL E 100 8.40 12.31 47.04
CA VAL E 100 7.87 13.53 46.46
C VAL E 100 7.19 14.32 47.57
N GLN E 101 7.41 15.64 47.58
CA GLN E 101 6.70 16.50 48.51
C GLN E 101 6.17 17.72 47.76
N LEU E 102 4.97 18.13 48.15
CA LEU E 102 4.32 19.27 47.52
C LEU E 102 4.87 20.56 48.09
N THR E 103 5.27 21.46 47.21
CA THR E 103 5.90 22.69 47.64
C THR E 103 4.87 23.70 48.14
N ASN E 104 5.33 24.58 49.03
CA ASN E 104 4.56 25.76 49.38
C ASN E 104 4.69 26.86 48.33
N VAL E 105 5.52 26.65 47.32
CA VAL E 105 5.70 27.66 46.29
C VAL E 105 4.45 27.75 45.43
N ARG E 106 4.29 28.90 44.78
CA ARG E 106 3.10 29.21 44.01
C ARG E 106 3.52 29.94 42.73
N PHE E 107 2.55 30.53 42.05
CA PHE E 107 2.81 31.42 40.93
C PHE E 107 1.66 32.42 40.85
N ARG E 108 1.72 33.28 39.83
CA ARG E 108 0.70 34.30 39.61
C ARG E 108 -0.43 33.77 38.73
N ASP E 109 -0.11 33.33 37.53
CA ASP E 109 -1.11 32.84 36.59
C ASP E 109 -0.44 31.86 35.64
N ASN E 110 -1.23 31.35 34.69
CA ASN E 110 -0.72 30.35 33.76
C ASN E 110 0.13 30.98 32.65
N LEU E 111 -0.25 32.15 32.16
CA LEU E 111 0.53 32.78 31.09
C LEU E 111 1.93 33.12 31.58
N GLN E 112 2.05 33.65 32.80
CA GLN E 112 3.33 33.82 33.46
C GLN E 112 4.18 32.56 33.32
N LEU E 113 3.64 31.45 33.80
CA LEU E 113 4.41 30.21 33.82
C LEU E 113 4.75 29.75 32.42
N MET E 114 3.84 29.97 31.46
CA MET E 114 4.09 29.52 30.09
C MET E 114 5.23 30.33 29.45
N ASN E 115 5.25 31.63 29.69
CA ASN E 115 6.39 32.43 29.23
C ASN E 115 7.68 31.99 29.91
N ILE E 116 7.60 31.66 31.21
CA ILE E 116 8.79 31.19 31.91
C ILE E 116 9.31 29.91 31.28
N CYS E 117 8.41 28.98 30.96
CA CYS E 117 8.82 27.73 30.33
C CYS E 117 9.42 27.99 28.95
N GLN E 118 8.85 28.93 28.20
CA GLN E 118 9.42 29.28 26.90
C GLN E 118 10.83 29.81 27.07
N ARG E 119 11.06 30.66 28.07
CA ARG E 119 12.42 31.13 28.35
C ARG E 119 13.33 29.95 28.67
N ILE E 120 12.87 29.04 29.51
CA ILE E 120 13.73 27.93 29.93
C ILE E 120 14.13 27.08 28.73
N VAL E 121 13.18 26.77 27.85
CA VAL E 121 13.49 25.91 26.70
C VAL E 121 14.13 26.66 25.55
N SER E 122 14.19 27.99 25.59
CA SER E 122 14.88 28.72 24.53
C SER E 122 16.37 28.38 24.49
N GLN E 123 16.94 27.93 25.60
CA GLN E 123 18.38 27.78 25.70
C GLN E 123 18.95 26.78 24.71
N VAL E 124 18.12 25.89 24.16
CA VAL E 124 18.59 24.87 23.23
C VAL E 124 17.96 25.09 21.87
N GLY E 125 17.59 26.34 21.57
CA GLY E 125 17.00 26.66 20.28
C GLY E 125 15.60 26.14 20.06
N ARG E 126 15.13 25.20 20.88
CA ARG E 126 13.78 24.67 20.73
C ARG E 126 12.75 25.76 21.01
N ARG E 127 11.51 25.50 20.64
CA ARG E 127 10.42 26.44 20.87
C ARG E 127 9.16 25.67 21.21
N VAL E 128 8.50 26.08 22.30
CA VAL E 128 7.23 25.50 22.74
C VAL E 128 6.15 26.55 22.60
N ASP E 129 5.01 26.15 22.05
CA ASP E 129 3.91 27.09 21.78
C ASP E 129 2.67 26.28 21.42
N GLU E 130 1.61 27.01 21.06
CA GLU E 130 0.37 26.37 20.65
C GLU E 130 0.49 25.66 19.31
N SER E 131 1.58 25.85 18.58
CA SER E 131 1.77 25.19 17.30
C SER E 131 2.71 23.99 17.37
N SER E 132 3.53 23.90 18.41
CA SER E 132 4.38 22.72 18.65
C SER E 132 4.41 22.47 20.15
N PRO E 133 3.31 21.98 20.72
CA PRO E 133 3.15 21.98 22.18
C PRO E 133 3.95 20.94 22.93
N ILE E 134 4.84 20.20 22.27
CA ILE E 134 5.66 19.18 22.90
C ILE E 134 7.12 19.61 22.77
N CYS E 135 7.83 19.65 23.90
CA CYS E 135 9.25 19.98 23.88
C CYS E 135 9.99 19.01 24.78
N ASP E 136 11.09 18.44 24.28
CA ASP E 136 11.93 17.55 25.07
C ASP E 136 13.37 17.76 24.63
N ALA E 137 14.18 18.35 25.51
CA ALA E 137 15.55 18.65 25.11
C ALA E 137 16.46 18.65 26.33
N ARG E 138 17.74 18.48 26.07
CA ARG E 138 18.76 18.42 27.11
C ARG E 138 19.39 19.79 27.25
N LEU E 139 19.16 20.44 28.37
CA LEU E 139 19.75 21.75 28.60
C LEU E 139 21.27 21.63 28.63
N PRO E 140 21.99 22.68 28.22
CA PRO E 140 23.45 22.56 28.15
C PRO E 140 24.08 22.14 29.45
N ASP E 141 23.57 22.58 30.60
CA ASP E 141 24.21 22.20 31.85
C ASP E 141 24.12 20.70 32.09
N GLY E 142 23.27 19.98 31.35
CA GLY E 142 23.18 18.53 31.43
C GLY E 142 21.79 18.04 31.79
N SER E 143 20.99 18.87 32.43
CA SER E 143 19.66 18.45 32.83
C SER E 143 18.79 18.22 31.60
N ARG E 144 17.65 17.56 31.83
CA ARG E 144 16.72 17.19 30.76
C ARG E 144 15.37 17.80 31.06
N VAL E 145 14.80 18.51 30.09
CA VAL E 145 13.57 19.26 30.28
C VAL E 145 12.52 18.74 29.31
N ASN E 146 11.33 18.46 29.84
CA ASN E 146 10.20 18.02 29.04
C ASN E 146 8.99 18.87 29.40
N VAL E 147 8.40 19.52 28.41
CA VAL E 147 7.30 20.45 28.62
C VAL E 147 6.17 20.15 27.64
N ILE E 148 4.96 20.07 28.17
CA ILE E 148 3.75 19.93 27.37
C ILE E 148 2.89 21.15 27.61
N ALA E 149 2.38 21.74 26.53
CA ALA E 149 1.71 23.02 26.62
C ALA E 149 0.24 22.85 27.04
N PRO E 150 -0.39 23.89 27.57
CA PRO E 150 -1.78 23.78 28.04
C PRO E 150 -2.76 23.45 26.92
N PRO E 151 -2.42 23.68 25.66
CA PRO E 151 -3.30 23.17 24.60
C PRO E 151 -3.55 21.67 24.69
N LEU E 152 -2.56 20.88 25.12
CA LEU E 152 -2.76 19.46 25.39
C LEU E 152 -3.18 19.24 26.83
N ALA E 153 -2.35 19.65 27.77
CA ALA E 153 -2.73 19.56 29.17
C ALA E 153 -4.02 20.34 29.40
N LEU E 154 -4.54 20.24 30.62
CA LEU E 154 -5.75 20.95 31.00
C LEU E 154 -5.52 21.93 32.14
N ASP E 155 -4.98 21.47 33.27
CA ASP E 155 -4.86 22.33 34.43
C ASP E 155 -3.99 23.55 34.16
N GLY E 156 -3.01 23.43 33.27
CA GLY E 156 -2.11 24.52 32.97
C GLY E 156 -0.86 24.02 32.27
N PRO E 157 0.19 24.84 32.25
CA PRO E 157 1.45 24.38 31.65
C PRO E 157 1.99 23.17 32.40
N THR E 158 2.50 22.20 31.66
CA THR E 158 3.06 20.99 32.25
C THR E 158 4.56 21.00 32.03
N LEU E 159 5.32 20.95 33.12
CA LEU E 159 6.76 21.08 33.08
C LEU E 159 7.36 19.98 33.94
N THR E 160 8.41 19.34 33.42
CA THR E 160 9.16 18.36 34.18
C THR E 160 10.63 18.58 33.92
N ILE E 161 11.39 18.88 34.96
CA ILE E 161 12.81 19.13 34.86
C ILE E 161 13.53 18.07 35.68
N ARG E 162 14.35 17.28 34.99
CA ARG E 162 15.06 16.14 35.56
C ARG E 162 16.53 16.50 35.61
N LYS E 163 17.12 16.43 36.80
CA LYS E 163 18.50 16.80 37.00
C LYS E 163 19.41 15.58 36.85
N PHE E 164 20.62 15.82 36.41
CA PHE E 164 21.58 14.76 36.14
C PHE E 164 22.20 14.32 37.45
N LYS E 165 21.90 13.09 37.86
CA LYS E 165 22.47 12.56 39.09
C LYS E 165 23.98 12.41 38.93
N LYS E 166 24.69 12.60 40.03
CA LYS E 166 26.14 12.41 40.06
C LYS E 166 26.56 11.24 40.92
N ASP E 167 25.60 10.50 41.50
CA ASP E 167 25.88 9.40 42.42
C ASP E 167 25.69 8.10 41.68
N LYS E 168 26.77 7.61 41.08
CA LYS E 168 26.79 6.33 40.40
C LYS E 168 27.78 5.41 41.10
N LEU E 169 27.31 4.23 41.49
CA LEU E 169 28.06 3.36 42.39
C LEU E 169 29.30 2.82 41.71
N THR E 170 30.34 2.59 42.51
CA THR E 170 31.50 1.81 42.10
C THR E 170 31.37 0.40 42.64
N MET E 171 32.28 -0.48 42.20
CA MET E 171 32.19 -1.87 42.62
C MET E 171 32.24 -2.00 44.12
N LYS E 172 32.94 -1.10 44.80
CA LYS E 172 33.08 -1.19 46.25
C LYS E 172 31.71 -1.22 46.92
N ASN E 173 30.83 -0.30 46.54
CA ASN E 173 29.50 -0.24 47.15
C ASN E 173 28.71 -1.52 46.87
N LEU E 174 28.76 -2.00 45.64
CA LEU E 174 28.01 -3.20 45.31
C LEU E 174 28.48 -4.40 46.11
N VAL E 175 29.80 -4.56 46.24
CA VAL E 175 30.32 -5.70 47.00
C VAL E 175 29.95 -5.58 48.47
N GLU E 176 30.14 -4.39 49.04
CA GLU E 176 29.89 -4.23 50.47
C GLU E 176 28.43 -4.47 50.82
N PHE E 177 27.51 -4.12 49.93
CA PHE E 177 26.09 -4.09 50.25
C PHE E 177 25.33 -5.24 49.62
N ALA E 178 25.93 -6.43 49.63
CA ALA E 178 25.26 -7.67 49.22
C ALA E 178 24.75 -7.55 47.78
N SER E 179 25.70 -7.38 46.88
CA SER E 179 25.42 -7.51 45.46
C SER E 179 26.31 -8.53 44.78
N ILE E 180 27.58 -8.62 45.19
CA ILE E 180 28.47 -9.66 44.72
C ILE E 180 29.60 -9.80 45.72
N SER E 181 29.92 -11.03 46.08
CA SER E 181 31.01 -11.31 46.98
C SER E 181 32.34 -10.96 46.33
N PRO E 182 33.38 -10.68 47.12
CA PRO E 182 34.67 -10.33 46.52
C PRO E 182 35.12 -11.30 45.45
N GLU E 183 34.63 -12.55 45.49
CA GLU E 183 34.97 -13.51 44.45
C GLU E 183 34.41 -13.07 43.11
N GLY E 184 33.09 -12.94 43.02
CA GLY E 184 32.51 -12.46 41.78
C GLY E 184 32.97 -11.06 41.42
N ALA E 185 33.20 -10.21 42.43
CA ALA E 185 33.67 -8.86 42.14
C ALA E 185 35.02 -8.91 41.42
N ARG E 186 35.95 -9.70 41.93
CA ARG E 186 37.26 -9.77 41.30
C ARG E 186 37.18 -10.47 39.95
N VAL E 187 36.30 -11.47 39.81
CA VAL E 187 36.13 -12.12 38.51
C VAL E 187 35.64 -11.11 37.47
N LEU E 188 34.62 -10.31 37.83
CA LEU E 188 34.13 -9.31 36.91
C LEU E 188 35.17 -8.25 36.63
N GLY E 189 35.93 -7.86 37.64
CA GLY E 189 36.99 -6.89 37.42
C GLY E 189 38.02 -7.40 36.44
N VAL E 190 38.36 -8.68 36.53
CA VAL E 190 39.26 -9.28 35.55
C VAL E 190 38.60 -9.31 34.18
N ILE E 191 37.29 -9.56 34.13
CA ILE E 191 36.59 -9.65 32.85
C ILE E 191 36.55 -8.29 32.17
N GLY E 192 36.46 -7.22 32.95
CA GLY E 192 36.31 -5.89 32.39
C GLY E 192 37.51 -5.41 31.60
N ALA E 193 38.64 -5.24 32.28
CA ALA E 193 39.84 -4.75 31.60
C ALA E 193 40.38 -5.74 30.59
N CYS E 194 40.03 -7.02 30.70
CA CYS E 194 40.57 -8.04 29.82
C CYS E 194 40.07 -7.88 28.40
N ARG E 195 39.25 -6.87 28.13
CA ARG E 195 38.65 -6.67 26.81
C ARG E 195 37.93 -7.94 26.36
N CYS E 196 36.88 -8.29 27.10
CA CYS E 196 36.00 -9.38 26.74
C CYS E 196 34.63 -8.81 26.38
N ASN E 197 34.16 -9.11 25.19
CA ASN E 197 32.80 -8.72 24.83
C ASN E 197 31.85 -9.16 25.92
N LEU E 198 30.69 -8.53 25.99
CA LEU E 198 29.70 -9.00 26.94
C LEU E 198 28.35 -8.40 26.57
N VAL E 199 27.30 -9.04 27.05
CA VAL E 199 25.92 -8.60 26.82
C VAL E 199 25.20 -8.70 28.15
N ILE E 200 25.11 -7.59 28.87
CA ILE E 200 24.48 -7.56 30.19
C ILE E 200 22.98 -7.69 29.98
N SER E 201 22.41 -8.82 30.40
CA SER E 201 20.97 -8.97 30.41
C SER E 201 20.40 -8.50 31.74
N GLY E 202 19.18 -7.97 31.69
CA GLY E 202 18.55 -7.52 32.92
C GLY E 202 17.05 -7.66 32.90
N GLY E 203 16.48 -7.74 34.11
CA GLY E 203 15.06 -7.81 34.30
C GLY E 203 14.46 -6.48 34.73
N THR E 204 13.14 -6.40 34.61
CA THR E 204 12.42 -5.15 34.86
C THR E 204 12.90 -4.51 36.14
N GLY E 205 13.46 -3.31 36.02
CA GLY E 205 14.00 -2.66 37.18
C GLY E 205 15.18 -3.37 37.80
N SER E 206 15.85 -4.25 37.06
CA SER E 206 17.00 -4.95 37.60
C SER E 206 18.22 -4.05 37.73
N GLY E 207 18.16 -2.80 37.27
CA GLY E 207 19.28 -1.90 37.41
C GLY E 207 20.45 -2.31 36.54
N LYS E 208 20.26 -2.25 35.23
CA LYS E 208 21.31 -2.67 34.31
C LYS E 208 22.36 -1.58 34.16
N THR E 209 21.94 -0.33 34.02
CA THR E 209 22.87 0.74 33.69
C THR E 209 23.91 0.92 34.78
N THR E 210 23.53 0.76 36.04
CA THR E 210 24.50 0.92 37.12
C THR E 210 25.60 -0.13 37.01
N LEU E 211 25.21 -1.38 36.78
CA LEU E 211 26.19 -2.44 36.61
C LEU E 211 27.09 -2.15 35.41
N LEU E 212 26.50 -1.71 34.30
CA LEU E 212 27.28 -1.43 33.11
C LEU E 212 28.29 -0.33 33.36
N ASN E 213 27.88 0.73 34.02
CA ASN E 213 28.80 1.81 34.34
C ASN E 213 29.94 1.32 35.22
N THR E 214 29.61 0.55 36.24
CA THR E 214 30.66 0.02 37.11
C THR E 214 31.66 -0.82 36.32
N MET E 215 31.16 -1.69 35.43
CA MET E 215 32.07 -2.51 34.64
C MET E 215 32.96 -1.65 33.76
N THR E 216 32.38 -0.65 33.08
CA THR E 216 33.19 0.20 32.23
C THR E 216 34.21 0.99 33.03
N ALA E 217 33.99 1.17 34.33
CA ALA E 217 34.95 1.93 35.12
C ALA E 217 36.36 1.37 34.99
N PHE E 218 36.51 0.07 34.73
CA PHE E 218 37.80 -0.58 34.69
C PHE E 218 38.49 -0.48 33.33
N ILE E 219 37.84 0.08 32.31
CA ILE E 219 38.40 0.06 30.98
C ILE E 219 39.73 0.81 30.96
N ASP E 220 40.60 0.44 30.01
CA ASP E 220 41.92 1.04 29.92
C ASP E 220 41.81 2.50 29.50
N PRO E 221 42.47 3.43 30.21
CA PRO E 221 42.31 4.86 29.85
C PRO E 221 42.61 5.21 28.40
N THR E 222 43.65 4.63 27.81
CA THR E 222 44.10 5.06 26.49
C THR E 222 43.35 4.40 25.34
N GLU E 223 42.13 3.92 25.56
CA GLU E 223 41.34 3.30 24.50
C GLU E 223 40.23 4.25 24.07
N ARG E 224 40.09 4.43 22.77
CA ARG E 224 39.15 5.40 22.21
C ARG E 224 37.75 4.83 22.28
N VAL E 225 37.05 5.06 23.39
CA VAL E 225 35.72 4.52 23.64
C VAL E 225 34.70 5.40 22.93
N VAL E 226 33.63 4.80 22.44
CA VAL E 226 32.63 5.51 21.65
C VAL E 226 31.26 5.05 22.09
N THR E 227 30.65 5.76 23.04
CA THR E 227 29.38 5.30 23.58
C THR E 227 28.29 5.44 22.52
N CYS E 228 27.06 5.18 22.94
CA CYS E 228 25.86 5.34 22.12
C CYS E 228 24.67 5.19 23.05
N GLU E 229 23.70 6.09 22.98
CA GLU E 229 22.61 6.07 23.95
C GLU E 229 21.37 6.73 23.38
N ASP E 230 20.23 6.44 24.00
CA ASP E 230 18.98 7.13 23.69
C ASP E 230 18.72 8.31 24.61
N ALA E 231 19.46 8.43 25.71
CA ALA E 231 19.31 9.55 26.63
C ALA E 231 20.49 9.53 27.58
N ALA E 232 21.22 10.64 27.65
CA ALA E 232 22.47 10.66 28.40
C ALA E 232 22.28 10.14 29.82
N GLU E 233 22.85 8.98 30.12
CA GLU E 233 22.83 8.45 31.48
C GLU E 233 24.17 7.93 31.97
N LEU E 234 25.10 7.56 31.09
CA LEU E 234 26.35 6.97 31.55
C LEU E 234 27.33 8.06 31.95
N GLN E 235 28.34 7.65 32.70
CA GLN E 235 29.31 8.58 33.26
C GLN E 235 30.66 7.86 33.32
N LEU E 236 31.61 8.30 32.50
CA LEU E 236 32.92 7.68 32.44
C LEU E 236 33.99 8.73 32.68
N GLN E 237 35.09 8.29 33.29
CA GLN E 237 36.18 9.16 33.67
C GLN E 237 37.40 9.04 32.76
N GLN E 238 37.38 8.11 31.81
CA GLN E 238 38.53 7.93 30.95
C GLN E 238 38.79 9.21 30.16
N PRO E 239 40.05 9.54 29.88
CA PRO E 239 40.32 10.77 29.12
C PRO E 239 39.66 10.78 27.76
N HIS E 240 39.68 9.66 27.06
CA HIS E 240 39.27 9.60 25.66
C HIS E 240 37.89 8.97 25.57
N VAL E 241 36.87 9.81 25.43
CA VAL E 241 35.50 9.31 25.32
C VAL E 241 34.71 10.20 24.39
N VAL E 242 34.21 9.63 23.30
CA VAL E 242 33.28 10.31 22.43
C VAL E 242 31.88 9.85 22.80
N ARG E 243 30.97 10.79 23.01
CA ARG E 243 29.62 10.48 23.46
C ARG E 243 28.65 10.86 22.36
N LEU E 244 27.83 9.91 21.94
CA LEU E 244 26.83 10.14 20.91
C LEU E 244 25.46 9.84 21.49
N GLU E 245 24.44 10.36 20.84
CA GLU E 245 23.07 10.22 21.34
C GLU E 245 22.12 10.25 20.15
N THR E 246 21.06 9.46 20.22
CA THR E 246 20.10 9.47 19.13
C THR E 246 19.28 10.75 19.16
N ARG E 247 18.58 10.99 18.05
CA ARG E 247 17.73 12.17 17.93
C ARG E 247 16.30 11.72 17.69
N PRO E 248 15.40 11.84 18.67
CA PRO E 248 14.04 11.32 18.50
C PRO E 248 13.35 11.99 17.33
N PRO E 249 12.53 11.25 16.56
CA PRO E 249 11.83 11.87 15.44
C PRO E 249 10.90 12.97 15.91
N ASN E 250 10.75 13.99 15.07
CA ASN E 250 9.85 15.09 15.35
C ASN E 250 8.43 14.74 14.90
N LEU E 251 7.47 15.58 15.33
CA LEU E 251 6.07 15.33 15.00
C LEU E 251 5.86 15.30 13.49
N GLU E 252 6.52 16.20 12.77
CA GLU E 252 6.31 16.29 11.33
C GLU E 252 6.67 14.98 10.63
N GLY E 253 7.60 14.22 11.21
CA GLY E 253 7.97 12.93 10.67
C GLY E 253 9.17 12.98 9.73
N SER E 254 10.26 13.59 10.18
CA SER E 254 11.48 13.64 9.38
C SER E 254 12.65 13.96 10.30
N GLY E 255 13.85 13.72 9.78
CA GLY E 255 15.08 14.05 10.48
C GLY E 255 15.30 13.25 11.75
N ALA E 256 15.36 11.93 11.63
CA ALA E 256 15.55 11.03 12.76
C ALA E 256 16.79 10.20 12.53
N VAL E 257 17.64 10.09 13.56
CA VAL E 257 18.86 9.30 13.51
C VAL E 257 18.77 8.26 14.63
N THR E 258 18.51 7.02 14.25
CA THR E 258 18.28 5.95 15.22
C THR E 258 19.60 5.36 15.67
N MET E 259 19.53 4.53 16.71
CA MET E 259 20.74 3.88 17.22
C MET E 259 21.45 3.09 16.12
N ARG E 260 20.69 2.54 15.18
CA ARG E 260 21.29 1.74 14.12
C ARG E 260 22.29 2.57 13.32
N ASP E 261 21.89 3.76 12.90
CA ASP E 261 22.78 4.61 12.14
C ASP E 261 24.00 4.99 12.97
N LEU E 262 23.79 5.30 14.25
CA LEU E 262 24.90 5.70 15.10
C LEU E 262 25.93 4.59 15.21
N VAL E 263 25.50 3.35 15.39
CA VAL E 263 26.48 2.26 15.48
C VAL E 263 27.13 2.04 14.12
N LYS E 264 26.35 2.10 13.05
CA LYS E 264 26.94 1.98 11.72
C LYS E 264 28.09 2.96 11.58
N ASN E 265 27.90 4.19 12.04
CA ASN E 265 28.95 5.18 11.91
C ASN E 265 30.08 4.95 12.89
N CYS E 266 29.78 4.56 14.13
CA CYS E 266 30.84 4.26 15.08
C CYS E 266 31.75 3.15 14.58
N LEU E 267 31.26 2.33 13.66
CA LEU E 267 32.13 1.34 13.05
C LEU E 267 33.17 1.95 12.12
N ARG E 268 33.07 3.24 11.81
CA ARG E 268 33.94 3.86 10.82
C ARG E 268 34.74 5.02 11.41
N MET E 269 34.90 5.07 12.73
CA MET E 269 35.65 6.15 13.36
C MET E 269 36.93 5.64 14.00
N ARG E 270 37.45 4.51 13.53
CA ARG E 270 38.64 3.89 14.11
C ARG E 270 38.53 3.85 15.64
N PRO E 271 37.47 3.25 16.17
CA PRO E 271 37.37 3.09 17.62
C PRO E 271 38.28 1.97 18.11
N GLU E 272 38.19 1.70 19.40
CA GLU E 272 38.75 0.51 20.00
C GLU E 272 37.78 -0.15 20.96
N ARG E 273 36.56 0.37 21.05
CA ARG E 273 35.51 -0.19 21.88
C ARG E 273 34.18 0.36 21.37
N ILE E 274 33.10 -0.20 21.88
CA ILE E 274 31.77 0.37 21.68
C ILE E 274 30.97 0.04 22.91
N ILE E 275 30.17 1.01 23.37
CA ILE E 275 29.38 0.85 24.59
C ILE E 275 27.97 1.30 24.27
N VAL E 276 27.13 0.39 23.86
CA VAL E 276 25.76 0.72 23.48
C VAL E 276 24.95 0.92 24.75
N GLY E 277 24.10 1.95 24.76
CA GLY E 277 23.30 2.21 25.93
C GLY E 277 22.27 1.13 26.19
N GLU E 278 21.60 0.67 25.14
CA GLU E 278 20.68 -0.46 25.26
C GLU E 278 20.34 -0.94 23.87
N VAL E 279 20.36 -2.25 23.68
CA VAL E 279 20.21 -2.87 22.37
C VAL E 279 18.77 -3.32 22.23
N ARG E 280 17.95 -2.56 21.51
CA ARG E 280 16.55 -2.91 21.34
C ARG E 280 16.19 -3.20 19.89
N GLY E 281 16.56 -2.34 18.96
CA GLY E 281 16.24 -2.56 17.57
C GLY E 281 17.10 -3.65 16.97
N PRO E 282 17.24 -3.67 15.64
CA PRO E 282 18.15 -4.62 15.00
C PRO E 282 19.62 -4.26 15.16
N GLU E 283 19.94 -3.09 15.70
CA GLU E 283 21.33 -2.66 15.81
C GLU E 283 22.22 -3.74 16.38
N ALA E 284 21.65 -4.73 17.08
CA ALA E 284 22.46 -5.80 17.64
C ALA E 284 23.42 -6.36 16.60
N PHE E 285 22.92 -6.63 15.39
CA PHE E 285 23.80 -7.20 14.37
C PHE E 285 25.05 -6.34 14.21
N ASP E 286 24.85 -5.04 13.99
CA ASP E 286 26.00 -4.16 13.82
C ASP E 286 26.91 -4.23 15.03
N LEU E 287 26.33 -4.22 16.23
CA LEU E 287 27.15 -4.34 17.42
C LEU E 287 28.00 -5.59 17.36
N LEU E 288 27.42 -6.71 16.92
CA LEU E 288 28.20 -7.94 16.84
C LEU E 288 29.37 -7.78 15.90
N GLN E 289 29.17 -7.06 14.79
CA GLN E 289 30.30 -6.76 13.92
C GLN E 289 31.46 -6.18 14.72
N ALA E 290 31.15 -5.23 15.61
CA ALA E 290 32.19 -4.64 16.43
C ALA E 290 32.80 -5.66 17.36
N MET E 291 31.98 -6.56 17.92
CA MET E 291 32.54 -7.63 18.73
C MET E 291 33.45 -8.54 17.91
N ASN E 292 33.32 -8.51 16.60
CA ASN E 292 34.00 -9.46 15.72
C ASN E 292 35.24 -8.84 15.07
N THR E 293 35.06 -7.75 14.32
CA THR E 293 36.13 -7.19 13.49
C THR E 293 37.06 -6.34 14.34
N GLY E 294 37.77 -7.02 15.24
CA GLY E 294 38.89 -6.40 15.93
C GLY E 294 38.57 -5.13 16.68
N HIS E 295 37.42 -5.07 17.34
CA HIS E 295 37.11 -4.03 18.31
C HIS E 295 36.84 -4.67 19.66
N ASP E 296 37.63 -5.68 20.01
CA ASP E 296 37.35 -6.49 21.18
C ASP E 296 37.19 -5.62 22.41
N GLY E 297 35.99 -5.62 22.96
CA GLY E 297 35.69 -4.79 24.11
C GLY E 297 34.34 -4.14 24.02
N SER E 298 33.55 -4.50 23.01
CA SER E 298 32.21 -3.96 22.91
C SER E 298 31.43 -4.28 24.18
N MET E 299 30.22 -3.75 24.26
CA MET E 299 29.35 -4.02 25.39
C MET E 299 27.91 -3.92 24.91
N GLY E 300 27.00 -3.71 25.84
CA GLY E 300 25.59 -3.63 25.52
C GLY E 300 24.77 -3.91 26.75
N THR E 301 23.47 -3.75 26.59
CA THR E 301 22.53 -4.13 27.63
C THR E 301 21.23 -4.49 26.94
N LEU E 302 20.58 -5.55 27.41
CA LEU E 302 19.30 -5.93 26.84
C LEU E 302 18.38 -6.45 27.93
N HIS E 303 17.12 -6.62 27.58
CA HIS E 303 16.08 -6.96 28.54
C HIS E 303 15.78 -8.45 28.45
N ALA E 304 15.93 -9.15 29.57
CA ALA E 304 15.70 -10.59 29.62
C ALA E 304 15.83 -11.02 31.07
N ASN E 305 15.51 -12.28 31.31
CA ASN E 305 15.57 -12.86 32.65
C ASN E 305 16.56 -14.01 32.77
N SER E 306 16.62 -14.87 31.76
CA SER E 306 17.48 -16.05 31.80
C SER E 306 18.47 -16.01 30.65
N PRO E 307 19.78 -16.15 30.90
CA PRO E 307 20.75 -16.03 29.81
C PRO E 307 20.33 -16.71 28.53
N ARG E 308 19.72 -17.90 28.62
CA ARG E 308 19.19 -18.51 27.40
C ARG E 308 18.11 -17.64 26.79
N GLU E 309 17.24 -17.06 27.63
CA GLU E 309 16.26 -16.11 27.12
C GLU E 309 16.96 -14.91 26.50
N ALA E 310 18.08 -14.47 27.08
CA ALA E 310 18.81 -13.34 26.51
C ALA E 310 19.31 -13.66 25.12
N ILE E 311 19.87 -14.86 24.94
CA ILE E 311 20.38 -15.24 23.63
C ILE E 311 19.23 -15.39 22.63
N SER E 312 18.09 -15.89 23.08
CA SER E 312 16.91 -15.94 22.21
C SER E 312 16.49 -14.54 21.79
N ARG E 313 16.52 -13.59 22.71
CA ARG E 313 16.19 -12.21 22.36
C ARG E 313 17.16 -11.66 21.33
N ILE E 314 18.45 -11.95 21.50
CA ILE E 314 19.43 -11.45 20.55
C ILE E 314 19.17 -12.03 19.17
N GLU E 315 18.86 -13.32 19.09
CA GLU E 315 18.53 -13.91 17.80
C GLU E 315 17.31 -13.24 17.19
N SER E 316 16.28 -12.97 18.01
CA SER E 316 15.11 -12.30 17.48
C SER E 316 15.47 -10.92 16.94
N MET E 317 16.30 -10.18 17.65
CA MET E 317 16.69 -8.86 17.18
C MET E 317 17.41 -8.96 15.86
N ILE E 318 18.39 -9.86 15.75
CA ILE E 318 19.13 -9.96 14.50
C ILE E 318 18.20 -10.33 13.36
N THR E 319 17.23 -11.22 13.61
CA THR E 319 16.28 -11.56 12.55
C THR E 319 15.37 -10.39 12.20
N MET E 320 15.15 -9.47 13.15
CA MET E 320 14.24 -8.36 12.88
C MET E 320 14.73 -7.53 11.71
N GLY E 321 16.05 -7.39 11.57
CA GLY E 321 16.59 -6.53 10.53
C GLY E 321 16.18 -6.93 9.13
N GLY E 322 15.76 -8.18 8.94
CA GLY E 322 15.31 -8.61 7.64
C GLY E 322 16.41 -8.82 6.63
N TYR E 323 17.66 -8.96 7.08
CA TYR E 323 18.74 -9.18 6.14
C TYR E 323 18.58 -10.50 5.40
N GLY E 324 17.76 -11.40 5.90
CA GLY E 324 17.57 -12.68 5.27
C GLY E 324 18.51 -13.77 5.76
N LEU E 325 19.22 -13.54 6.85
CA LEU E 325 20.14 -14.55 7.37
C LEU E 325 19.33 -15.79 7.77
N PRO E 326 19.88 -16.98 7.57
CA PRO E 326 19.18 -18.18 8.04
C PRO E 326 19.09 -18.19 9.56
N SER E 327 18.59 -19.28 10.14
CA SER E 327 18.50 -19.36 11.59
C SER E 327 19.69 -20.07 12.23
N LYS E 328 20.54 -20.72 11.44
CA LYS E 328 21.75 -21.32 12.00
C LYS E 328 22.95 -20.39 11.93
N THR E 329 23.06 -19.60 10.86
CA THR E 329 24.16 -18.65 10.79
C THR E 329 24.06 -17.61 11.89
N ILE E 330 22.85 -17.23 12.28
CA ILE E 330 22.70 -16.29 13.38
C ILE E 330 23.31 -16.88 14.65
N LYS E 331 23.03 -18.16 14.91
CA LYS E 331 23.58 -18.80 16.09
C LYS E 331 25.10 -18.91 15.99
N GLU E 332 25.62 -19.23 14.81
CA GLU E 332 27.07 -19.25 14.65
C GLU E 332 27.67 -17.89 14.99
N MET E 333 27.05 -16.83 14.48
CA MET E 333 27.54 -15.48 14.72
C MET E 333 27.53 -15.14 16.20
N ILE E 334 26.42 -15.46 16.87
CA ILE E 334 26.32 -15.14 18.29
C ILE E 334 27.27 -15.98 19.12
N VAL E 335 27.53 -17.22 18.73
CA VAL E 335 28.48 -18.03 19.47
C VAL E 335 29.90 -17.53 19.28
N GLY E 336 30.23 -17.06 18.06
CA GLY E 336 31.57 -16.56 17.82
C GLY E 336 31.81 -15.15 18.31
N SER E 337 30.75 -14.40 18.60
CA SER E 337 30.91 -13.01 19.03
C SER E 337 30.94 -12.87 20.54
N VAL E 338 29.86 -13.27 21.21
CA VAL E 338 29.74 -13.03 22.65
C VAL E 338 30.79 -13.83 23.40
N ASP E 339 31.18 -13.32 24.57
CA ASP E 339 32.10 -14.05 25.44
C ASP E 339 31.77 -13.94 26.91
N VAL E 340 30.71 -13.22 27.29
CA VAL E 340 30.20 -13.21 28.65
C VAL E 340 28.77 -12.72 28.58
N ILE E 341 27.87 -13.31 29.36
CA ILE E 341 26.48 -12.88 29.43
C ILE E 341 26.11 -12.80 30.91
N ILE E 342 26.29 -11.64 31.50
CA ILE E 342 25.99 -11.44 32.91
C ILE E 342 24.50 -11.20 33.06
N GLN E 343 23.90 -11.81 34.09
CA GLN E 343 22.49 -11.65 34.39
C GLN E 343 22.34 -11.06 35.77
N ALA E 344 21.71 -9.90 35.86
CA ALA E 344 21.39 -9.24 37.11
C ALA E 344 19.87 -9.12 37.23
N ALA E 345 19.36 -9.31 38.44
CA ALA E 345 17.91 -9.40 38.63
C ALA E 345 17.51 -8.70 39.91
N ARG E 346 16.19 -8.53 40.06
CA ARG E 346 15.57 -8.00 41.26
C ARG E 346 14.94 -9.15 42.04
N LEU E 347 15.31 -9.25 43.32
CA LEU E 347 14.73 -10.29 44.15
C LEU E 347 13.23 -10.09 44.29
N ARG E 348 12.51 -11.20 44.49
CA ARG E 348 11.08 -11.09 44.74
C ARG E 348 10.76 -10.18 45.91
N ASP E 349 11.59 -10.20 46.95
CA ASP E 349 11.30 -9.46 48.17
C ASP E 349 11.29 -7.96 47.98
N GLY E 350 12.06 -7.45 47.02
CA GLY E 350 12.17 -6.01 46.83
C GLY E 350 13.60 -5.52 46.92
N SER E 351 14.54 -6.41 46.60
CA SER E 351 15.97 -6.08 46.62
C SER E 351 16.61 -6.64 45.36
N ARG E 352 17.79 -6.12 45.04
CA ARG E 352 18.51 -6.49 43.83
C ARG E 352 19.76 -7.29 44.16
N ARG E 353 20.06 -8.28 43.32
CA ARG E 353 21.25 -9.10 43.45
C ARG E 353 21.76 -9.43 42.05
N ILE E 354 23.04 -9.76 41.99
CA ILE E 354 23.69 -10.23 40.75
C ILE E 354 23.64 -11.74 40.75
N THR E 355 23.16 -12.33 39.66
CA THR E 355 22.83 -13.74 39.68
C THR E 355 23.77 -14.60 38.84
N HIS E 356 23.95 -14.31 37.56
CA HIS E 356 24.71 -15.22 36.71
C HIS E 356 25.87 -14.52 36.03
N ILE E 357 26.98 -15.24 35.88
CA ILE E 357 28.14 -14.74 35.15
C ILE E 357 28.46 -15.74 34.04
N THR E 358 27.41 -16.33 33.49
CA THR E 358 27.52 -17.33 32.43
C THR E 358 28.45 -16.89 31.31
N GLU E 359 28.96 -17.85 30.55
CA GLU E 359 29.72 -17.62 29.33
C GLU E 359 29.02 -18.26 28.15
N VAL E 360 29.71 -18.30 27.02
CA VAL E 360 29.27 -19.03 25.84
C VAL E 360 30.40 -19.97 25.45
N VAL E 361 30.10 -21.27 25.40
CA VAL E 361 31.10 -22.29 25.15
C VAL E 361 31.21 -22.64 23.67
N GLY E 362 30.08 -22.86 23.01
CA GLY E 362 30.11 -23.16 21.60
C GLY E 362 28.73 -23.49 21.09
N LEU E 363 28.67 -24.00 19.87
CA LEU E 363 27.42 -24.41 19.23
C LEU E 363 27.52 -25.90 18.94
N GLU E 364 26.73 -26.70 19.65
CA GLU E 364 26.71 -28.15 19.48
C GLU E 364 25.43 -28.52 18.73
N GLY E 365 25.54 -28.75 17.43
CA GLY E 365 24.38 -29.09 16.65
C GLY E 365 23.59 -27.85 16.25
N ASP E 366 22.51 -27.57 16.98
CA ASP E 366 21.69 -26.40 16.72
C ASP E 366 21.34 -25.66 18.01
N VAL E 367 22.02 -25.94 19.12
CA VAL E 367 21.73 -25.32 20.40
C VAL E 367 23.00 -24.73 20.96
N ILE E 368 22.86 -23.67 21.72
CA ILE E 368 23.99 -22.98 22.33
C ILE E 368 24.20 -23.53 23.73
N VAL E 369 25.44 -23.54 24.18
CA VAL E 369 25.82 -24.13 25.45
C VAL E 369 26.42 -23.07 26.36
N THR E 370 26.30 -23.29 27.66
CA THR E 370 26.79 -22.36 28.66
C THR E 370 27.50 -23.13 29.77
N GLN E 371 28.37 -22.44 30.49
CA GLN E 371 29.18 -23.05 31.54
C GLN E 371 29.19 -22.16 32.78
N ASP E 372 27.99 -21.80 33.27
CA ASP E 372 27.83 -20.74 34.26
C ASP E 372 28.87 -20.83 35.36
N LEU E 373 29.74 -19.82 35.43
CA LEU E 373 30.82 -19.84 36.41
C LEU E 373 30.26 -19.64 37.82
N PHE E 374 29.68 -18.48 38.07
CA PHE E 374 29.13 -18.16 39.38
C PHE E 374 27.61 -18.19 39.32
N VAL E 375 27.00 -18.32 40.49
CA VAL E 375 25.56 -18.31 40.62
C VAL E 375 25.20 -17.81 42.00
N TYR E 376 23.91 -17.55 42.19
CA TYR E 376 23.36 -17.11 43.46
C TYR E 376 22.09 -17.91 43.70
N GLU E 377 22.06 -18.64 44.81
CA GLU E 377 20.97 -19.56 45.11
C GLU E 377 20.17 -19.04 46.29
N ILE E 378 18.85 -19.18 46.21
CA ILE E 378 17.95 -18.64 47.22
C ILE E 378 17.79 -19.68 48.32
N THR E 379 18.45 -19.45 49.46
CA THR E 379 18.32 -20.40 50.57
C THR E 379 16.90 -20.43 51.12
N GLY E 380 16.35 -19.26 51.41
CA GLY E 380 15.04 -19.19 52.02
C GLY E 380 14.70 -17.79 52.50
N GLU E 381 14.25 -17.67 53.73
CA GLU E 381 13.84 -16.38 54.28
C GLU E 381 14.38 -16.24 55.70
N ASP E 382 14.50 -14.99 56.12
CA ASP E 382 14.91 -14.65 57.47
C ASP E 382 13.66 -14.45 58.33
N GLU E 383 13.87 -14.21 59.62
CA GLU E 383 12.72 -13.98 60.50
C GLU E 383 11.95 -12.74 60.10
N HIS E 384 12.59 -11.79 59.41
CA HIS E 384 11.91 -10.60 58.94
C HIS E 384 11.24 -10.81 57.59
N GLY E 385 11.72 -11.77 56.79
CA GLY E 385 11.13 -12.09 55.52
C GLY E 385 12.00 -11.82 54.31
N LYS E 386 13.14 -11.15 54.47
CA LYS E 386 14.01 -10.86 53.35
C LYS E 386 14.69 -12.13 52.86
N VAL E 387 14.76 -12.29 51.54
CA VAL E 387 15.42 -13.45 50.97
C VAL E 387 16.91 -13.42 51.31
N VAL E 388 17.51 -14.60 51.45
CA VAL E 388 18.94 -14.73 51.72
C VAL E 388 19.50 -15.82 50.82
N GLY E 389 20.79 -15.73 50.57
CA GLY E 389 21.43 -16.69 49.69
C GLY E 389 22.94 -16.59 49.78
N LYS E 390 23.61 -17.33 48.91
CA LYS E 390 25.07 -17.39 48.89
C LYS E 390 25.55 -17.30 47.45
N HIS E 391 26.65 -16.58 47.26
CA HIS E 391 27.31 -16.48 45.96
C HIS E 391 28.29 -17.63 45.83
N ARG E 392 28.09 -18.47 44.83
CA ARG E 392 28.82 -19.73 44.72
C ARG E 392 29.49 -19.82 43.38
N SER E 393 30.68 -20.41 43.35
CA SER E 393 31.40 -20.67 42.12
C SER E 393 31.33 -22.16 41.81
N THR E 394 30.89 -22.50 40.61
CA THR E 394 30.77 -23.91 40.27
C THR E 394 32.13 -24.61 40.27
N GLY E 395 33.23 -23.86 40.25
CA GLY E 395 34.54 -24.46 40.38
C GLY E 395 35.23 -24.80 39.09
N ILE E 396 34.89 -24.14 37.98
CA ILE E 396 35.57 -24.41 36.73
C ILE E 396 37.03 -23.98 36.82
N ALA E 397 37.90 -24.65 36.08
CA ALA E 397 39.33 -24.46 36.22
C ALA E 397 39.86 -23.38 35.28
N ARG E 398 39.70 -23.57 33.98
CA ARG E 398 40.17 -22.62 32.97
C ARG E 398 38.99 -22.13 32.14
N PRO E 399 38.47 -20.94 32.41
CA PRO E 399 37.37 -20.42 31.61
C PRO E 399 37.79 -20.24 30.16
N ARG E 400 36.79 -20.07 29.29
CA ARG E 400 37.06 -19.90 27.87
C ARG E 400 37.92 -18.67 27.61
N PHE E 401 37.57 -17.55 28.23
CA PHE E 401 38.30 -16.31 27.99
C PHE E 401 39.68 -16.31 28.62
N TRP E 402 40.03 -17.37 29.37
CA TRP E 402 41.32 -17.41 30.04
C TRP E 402 42.45 -17.11 29.08
N ASP E 403 42.43 -17.74 27.90
CA ASP E 403 43.48 -17.49 26.92
C ASP E 403 43.65 -16.00 26.68
N ARG E 404 42.54 -15.30 26.45
CA ARG E 404 42.62 -13.87 26.25
C ARG E 404 43.25 -13.18 27.46
N ALA E 405 42.77 -13.53 28.65
CA ALA E 405 43.34 -12.95 29.86
C ALA E 405 44.82 -13.25 30.00
N ARG E 406 45.31 -14.28 29.32
CA ARG E 406 46.74 -14.57 29.38
C ARG E 406 47.55 -13.40 28.84
N TYR E 407 47.04 -12.73 27.80
CA TYR E 407 47.79 -11.64 27.21
C TYR E 407 48.04 -10.52 28.19
N TYR E 408 47.02 -10.15 28.98
CA TYR E 408 47.09 -8.99 29.85
C TYR E 408 47.60 -9.33 31.24
N GLY E 409 48.23 -10.49 31.41
CA GLY E 409 48.85 -10.81 32.68
C GLY E 409 47.88 -10.86 33.83
N LEU E 410 46.58 -11.01 33.57
CA LEU E 410 45.60 -11.13 34.64
C LEU E 410 45.39 -12.56 35.09
N GLU E 411 45.93 -13.53 34.36
CA GLU E 411 45.60 -14.93 34.58
C GLU E 411 45.78 -15.35 36.04
N ARG E 412 46.88 -14.92 36.66
CA ARG E 412 47.11 -15.30 38.05
C ARG E 412 45.99 -14.80 38.95
N GLU E 413 45.55 -13.56 38.75
CA GLU E 413 44.51 -13.00 39.61
C GLU E 413 43.21 -13.79 39.45
N LEU E 414 42.83 -14.09 38.21
CA LEU E 414 41.62 -14.85 37.98
C LEU E 414 41.70 -16.23 38.63
N ALA E 415 42.85 -16.89 38.48
CA ALA E 415 43.02 -18.20 39.10
C ALA E 415 42.88 -18.09 40.62
N GLU E 416 43.51 -17.07 41.21
CA GLU E 416 43.44 -16.92 42.66
C GLU E 416 42.01 -16.68 43.11
N ALA E 417 41.27 -15.82 42.40
CA ALA E 417 39.90 -15.53 42.81
C ALA E 417 39.03 -16.77 42.72
N LEU E 418 39.14 -17.50 41.62
CA LEU E 418 38.35 -18.72 41.48
C LEU E 418 38.73 -19.74 42.55
N ASP E 419 40.03 -19.82 42.88
CA ASP E 419 40.45 -20.76 43.92
C ASP E 419 39.87 -20.39 45.27
N ALA E 420 39.92 -19.10 45.62
CA ALA E 420 39.34 -18.67 46.89
C ALA E 420 37.84 -18.97 46.92
N ALA E 421 37.17 -18.78 45.78
CA ALA E 421 35.75 -19.13 45.70
C ALA E 421 35.57 -20.63 45.93
N GLU E 422 36.41 -21.46 45.31
CA GLU E 422 36.27 -22.90 45.42
C GLU E 422 36.54 -23.40 46.83
N ALA E 423 37.32 -22.65 47.61
CA ALA E 423 37.63 -23.05 48.97
C ALA E 423 36.42 -22.86 49.87
N ASP F 1 -50.37 29.36 15.71
CA ASP F 1 -50.11 28.80 14.39
C ASP F 1 -49.38 29.80 13.50
N TYR F 2 -49.24 31.04 13.99
CA TYR F 2 -48.58 32.08 13.22
C TYR F 2 -47.06 31.92 13.18
N TYR F 3 -46.51 30.99 13.97
CA TYR F 3 -45.06 30.89 14.07
C TYR F 3 -44.43 30.61 12.71
N HIS F 4 -44.91 29.57 12.02
CA HIS F 4 -44.25 29.14 10.79
C HIS F 4 -44.37 30.20 9.70
N ALA F 5 -45.59 30.71 9.46
CA ALA F 5 -45.79 31.70 8.41
C ALA F 5 -45.04 32.99 8.72
N THR F 6 -45.15 33.47 9.96
CA THR F 6 -44.43 34.69 10.33
C THR F 6 -42.93 34.48 10.20
N LYS F 7 -42.43 33.29 10.55
CA LYS F 7 -41.00 33.03 10.44
C LYS F 7 -40.56 33.05 8.99
N THR F 8 -41.37 32.45 8.11
CA THR F 8 -41.04 32.50 6.69
C THR F 8 -40.99 33.95 6.21
N THR F 9 -41.97 34.75 6.63
CA THR F 9 -42.00 36.16 6.21
C THR F 9 -40.78 36.91 6.71
N ILE F 10 -40.41 36.70 7.98
CA ILE F 10 -39.26 37.41 8.55
C ILE F 10 -37.97 36.95 7.88
N PHE F 11 -37.86 35.66 7.59
CA PHE F 11 -36.68 35.17 6.89
C PHE F 11 -36.58 35.80 5.51
N ASN F 12 -37.70 35.91 4.80
CA ASN F 12 -37.68 36.56 3.50
C ASN F 12 -37.27 38.02 3.64
N ALA F 13 -37.78 38.71 4.67
CA ALA F 13 -37.41 40.11 4.87
C ALA F 13 -35.92 40.25 5.14
N LEU F 14 -35.36 39.38 6.00
CA LEU F 14 -33.94 39.44 6.28
C LEU F 14 -33.12 39.15 5.04
N LEU F 15 -33.56 38.17 4.24
CA LEU F 15 -32.83 37.82 3.02
C LEU F 15 -32.84 38.97 2.03
N ASN F 16 -33.98 39.64 1.88
CA ASN F 16 -34.04 40.83 1.03
C ASN F 16 -33.12 41.91 1.57
N THR F 17 -33.10 42.09 2.89
CA THR F 17 -32.20 43.07 3.50
C THR F 17 -30.76 42.56 3.47
N ILE F 18 -30.50 41.43 4.12
CA ILE F 18 -29.18 40.81 4.16
C ILE F 18 -29.35 39.33 3.81
N ASP F 19 -29.04 38.97 2.57
CA ASP F 19 -29.20 37.61 2.10
C ASP F 19 -27.91 36.81 2.34
N LEU F 20 -28.08 35.49 2.47
CA LEU F 20 -26.95 34.61 2.71
C LEU F 20 -25.96 34.62 1.55
N SER F 21 -26.38 35.11 0.38
CA SER F 21 -25.46 35.25 -0.74
C SER F 21 -24.39 36.30 -0.48
N GLN F 22 -24.55 37.11 0.57
CA GLN F 22 -23.58 38.12 0.95
C GLN F 22 -22.51 37.59 1.89
N LEU F 23 -22.23 36.29 1.84
CA LEU F 23 -21.23 35.69 2.71
C LEU F 23 -19.92 36.47 2.63
N ALA F 24 -19.14 36.39 3.71
CA ALA F 24 -17.91 37.14 3.96
C ALA F 24 -18.22 38.58 4.33
N GLN F 25 -19.48 38.99 4.35
CA GLN F 25 -19.90 40.29 4.85
C GLN F 25 -21.00 40.07 5.87
N LEU F 26 -21.12 41.00 6.82
CA LEU F 26 -22.01 40.83 7.96
C LEU F 26 -21.59 39.60 8.76
N ASP F 27 -20.42 39.72 9.36
CA ASP F 27 -19.76 38.59 10.01
C ASP F 27 -20.43 38.28 11.34
N LEU F 28 -19.77 37.48 12.17
CA LEU F 28 -20.34 37.01 13.42
C LEU F 28 -21.05 38.11 14.20
N LYS F 29 -20.31 39.14 14.63
CA LYS F 29 -20.92 40.23 15.40
C LYS F 29 -21.75 41.14 14.51
N GLN F 30 -21.25 41.45 13.31
CA GLN F 30 -22.03 42.27 12.40
C GLN F 30 -23.37 41.62 12.11
N ALA F 31 -23.38 40.30 11.89
CA ALA F 31 -24.64 39.59 11.70
C ALA F 31 -25.48 39.62 12.98
N GLY F 32 -24.86 39.30 14.13
CA GLY F 32 -25.62 39.28 15.37
C GLY F 32 -26.30 40.60 15.65
N GLU F 33 -25.79 41.69 15.11
CA GLU F 33 -26.43 42.99 15.25
C GLU F 33 -27.45 43.26 14.14
N GLU F 34 -27.05 43.09 12.88
CA GLU F 34 -27.88 43.49 11.76
C GLU F 34 -29.12 42.60 11.63
N ILE F 35 -28.98 41.28 11.86
CA ILE F 35 -30.12 40.39 11.77
C ILE F 35 -31.15 40.77 12.82
N ARG F 36 -30.71 41.02 14.05
CA ARG F 36 -31.63 41.43 15.09
C ARG F 36 -32.30 42.76 14.75
N ASP F 37 -31.52 43.70 14.22
CA ASP F 37 -32.09 45.00 13.88
C ASP F 37 -33.16 44.86 12.80
N ILE F 38 -32.88 44.08 11.76
CA ILE F 38 -33.85 43.89 10.68
C ILE F 38 -35.08 43.16 11.20
N VAL F 39 -34.88 42.21 12.12
CA VAL F 39 -36.00 41.49 12.70
C VAL F 39 -36.90 42.44 13.48
N ALA F 40 -36.29 43.32 14.29
CA ALA F 40 -37.07 44.29 15.05
C ALA F 40 -37.81 45.23 14.12
N GLU F 41 -37.14 45.69 13.06
CA GLU F 41 -37.80 46.58 12.11
C GLU F 41 -38.98 45.90 11.44
N LEU F 42 -38.82 44.65 11.02
CA LEU F 42 -39.91 43.93 10.38
C LEU F 42 -41.06 43.70 11.35
N VAL F 43 -40.75 43.33 12.60
CA VAL F 43 -41.80 43.11 13.59
C VAL F 43 -42.54 44.39 13.89
N ALA F 44 -41.85 45.53 13.87
CA ALA F 44 -42.51 46.81 14.08
C ALA F 44 -43.40 47.17 12.88
N ILE F 45 -42.82 47.20 11.68
CA ILE F 45 -43.59 47.56 10.49
C ILE F 45 -44.56 46.44 10.14
N LYS F 46 -44.09 45.19 10.16
CA LYS F 46 -44.91 44.04 9.80
C LYS F 46 -45.55 43.47 11.05
N ASN F 47 -46.87 43.63 11.16
CA ASN F 47 -47.58 43.17 12.35
C ASN F 47 -47.42 41.66 12.49
N VAL F 48 -46.76 41.24 13.55
CA VAL F 48 -46.56 39.83 13.85
C VAL F 48 -47.06 39.57 15.26
N SER F 49 -47.92 38.56 15.40
CA SER F 49 -48.47 38.23 16.70
C SER F 49 -47.42 37.73 17.68
N MET F 50 -46.23 37.39 17.21
CA MET F 50 -45.16 36.99 18.10
C MET F 50 -44.85 38.12 19.09
N SER F 51 -44.64 37.76 20.35
CA SER F 51 -44.37 38.71 21.41
C SER F 51 -42.87 38.99 21.49
N VAL F 52 -42.46 39.66 22.57
CA VAL F 52 -41.04 39.95 22.76
C VAL F 52 -40.25 38.65 22.89
N ALA F 53 -40.76 37.71 23.68
CA ALA F 53 -40.12 36.40 23.75
C ALA F 53 -40.17 35.70 22.40
N GLU F 54 -41.32 35.76 21.73
CA GLU F 54 -41.44 35.18 20.40
C GLU F 54 -40.58 35.94 19.39
N GLN F 55 -40.46 37.26 19.57
CA GLN F 55 -39.59 38.03 18.69
C GLN F 55 -38.13 37.59 18.86
N GLU F 56 -37.71 37.35 20.11
CA GLU F 56 -36.36 36.86 20.34
C GLU F 56 -36.18 35.45 19.80
N HIS F 57 -37.20 34.61 19.92
CA HIS F 57 -37.12 33.28 19.35
C HIS F 57 -36.97 33.33 17.83
N LEU F 58 -37.72 34.23 17.19
CA LEU F 58 -37.61 34.39 15.74
C LEU F 58 -36.24 34.94 15.36
N VAL F 59 -35.71 35.89 16.14
CA VAL F 59 -34.38 36.42 15.88
C VAL F 59 -33.36 35.28 15.95
N GLN F 60 -33.48 34.44 16.98
CA GLN F 60 -32.56 33.32 17.12
C GLN F 60 -32.73 32.32 16.00
N ASP F 61 -33.96 32.14 15.52
CA ASP F 61 -34.20 31.24 14.39
C ASP F 61 -33.51 31.75 13.14
N ILE F 62 -33.59 33.06 12.88
CA ILE F 62 -32.88 33.64 11.75
C ILE F 62 -31.37 33.51 11.94
N ILE F 63 -30.88 33.75 13.15
CA ILE F 63 -29.46 33.54 13.44
C ILE F 63 -29.05 32.10 13.13
N ASN F 64 -29.91 31.14 13.49
CA ASN F 64 -29.62 29.75 13.18
C ASN F 64 -29.55 29.55 11.67
N ASP F 65 -30.57 30.04 10.96
CA ASP F 65 -30.52 30.06 9.50
C ASP F 65 -29.18 30.56 9.00
N VAL F 66 -28.62 31.56 9.66
CA VAL F 66 -27.36 32.11 9.18
C VAL F 66 -26.22 31.14 9.42
N LEU F 67 -25.98 30.79 10.70
CA LEU F 67 -24.83 29.99 11.12
C LEU F 67 -25.15 28.88 12.16
N GLY F 68 -26.42 28.46 12.33
CA GLY F 68 -26.87 27.66 13.47
C GLY F 68 -26.86 26.17 13.21
N TYR F 69 -27.48 25.43 14.15
CA TYR F 69 -27.59 23.98 14.07
C TYR F 69 -28.79 23.49 13.24
N GLY F 70 -29.73 24.36 12.92
CA GLY F 70 -31.02 23.94 12.45
C GLY F 70 -31.95 23.74 13.64
N PRO F 71 -33.13 23.20 13.41
CA PRO F 71 -34.16 23.15 14.46
C PRO F 71 -33.86 22.19 15.60
N LEU F 72 -32.65 21.63 15.69
CA LEU F 72 -32.33 20.79 16.83
C LEU F 72 -32.33 21.57 18.14
N GLU F 73 -32.01 22.87 18.09
CA GLU F 73 -31.82 23.63 19.32
C GLU F 73 -33.04 23.62 20.23
N PRO F 74 -34.25 23.88 19.76
CA PRO F 74 -35.40 23.82 20.67
C PRO F 74 -35.55 22.49 21.35
N LEU F 75 -35.06 21.41 20.75
CA LEU F 75 -35.04 20.11 21.42
C LEU F 75 -33.90 20.05 22.43
N LEU F 76 -32.67 20.29 21.97
CA LEU F 76 -31.52 20.19 22.85
C LEU F 76 -31.69 21.04 24.10
N ALA F 77 -32.33 22.19 23.97
CA ALA F 77 -32.47 23.08 25.12
C ALA F 77 -33.19 22.40 26.27
N ARG F 78 -34.03 21.41 25.98
CA ARG F 78 -34.80 20.77 27.03
C ARG F 78 -33.91 19.82 27.84
N ASP F 79 -34.50 19.20 28.85
CA ASP F 79 -33.82 18.22 29.69
C ASP F 79 -34.47 16.85 29.65
N ASP F 80 -35.79 16.78 29.49
CA ASP F 80 -36.46 15.48 29.42
C ASP F 80 -36.08 14.71 28.17
N ILE F 81 -35.63 15.41 27.14
CA ILE F 81 -35.20 14.76 25.90
C ILE F 81 -33.90 14.01 26.17
N ALA F 82 -34.00 12.70 26.34
CA ALA F 82 -32.84 11.88 26.65
C ALA F 82 -32.17 11.30 25.42
N ASP F 83 -32.81 11.35 24.26
CA ASP F 83 -32.22 10.85 23.03
C ASP F 83 -32.86 11.54 21.85
N ILE F 84 -32.06 11.87 20.85
CA ILE F 84 -32.53 12.50 19.62
C ILE F 84 -32.17 11.59 18.46
N MET F 85 -33.19 11.15 17.71
CA MET F 85 -33.01 10.20 16.62
C MET F 85 -33.57 10.83 15.36
N VAL F 86 -32.75 10.89 14.30
CA VAL F 86 -33.13 11.62 13.10
C VAL F 86 -33.78 10.69 12.08
N ASN F 87 -33.04 9.70 11.59
CA ASN F 87 -33.57 8.77 10.60
C ASN F 87 -34.16 9.51 9.40
N GLY F 88 -33.31 10.24 8.72
CA GLY F 88 -33.72 11.00 7.55
C GLY F 88 -34.17 12.40 7.91
N ALA F 89 -34.62 13.12 6.88
CA ALA F 89 -34.99 14.52 7.05
C ALA F 89 -36.41 14.69 7.59
N HIS F 90 -37.27 13.70 7.42
CA HIS F 90 -38.70 13.86 7.67
C HIS F 90 -39.14 13.33 9.03
N ARG F 91 -38.21 12.98 9.91
CA ARG F 91 -38.62 12.40 11.18
C ARG F 91 -37.62 12.74 12.27
N VAL F 92 -38.14 12.96 13.47
CA VAL F 92 -37.30 13.12 14.65
C VAL F 92 -38.06 12.58 15.85
N PHE F 93 -37.56 11.49 16.43
CA PHE F 93 -38.17 10.87 17.60
C PHE F 93 -37.45 11.32 18.86
N ILE F 94 -38.07 11.03 20.00
CA ILE F 94 -37.46 11.35 21.29
C ILE F 94 -37.94 10.36 22.33
N GLU F 95 -37.09 10.11 23.32
CA GLU F 95 -37.44 9.35 24.50
C GLU F 95 -37.60 10.29 25.69
N VAL F 96 -38.69 10.12 26.43
CA VAL F 96 -39.02 10.97 27.56
C VAL F 96 -39.28 10.04 28.75
N GLY F 97 -38.23 9.73 29.50
CA GLY F 97 -38.37 8.94 30.72
C GLY F 97 -39.22 7.70 30.57
N GLY F 98 -38.72 6.69 29.86
CA GLY F 98 -39.37 5.40 29.75
C GLY F 98 -40.19 5.24 28.49
N LYS F 99 -40.81 6.30 28.01
CA LYS F 99 -41.61 6.28 26.79
C LYS F 99 -40.81 6.85 25.63
N VAL F 100 -41.23 6.51 24.42
CA VAL F 100 -40.62 7.03 23.20
C VAL F 100 -41.73 7.40 22.24
N GLN F 101 -41.52 8.45 21.45
CA GLN F 101 -42.55 8.92 20.56
C GLN F 101 -41.95 9.71 19.40
N LEU F 102 -42.81 10.01 18.43
CA LEU F 102 -42.48 10.85 17.29
C LEU F 102 -42.74 12.31 17.65
N THR F 103 -42.13 13.21 16.89
CA THR F 103 -42.26 14.65 17.11
C THR F 103 -42.63 15.34 15.81
N ASN F 104 -43.34 16.45 15.94
CA ASN F 104 -43.74 17.28 14.80
C ASN F 104 -42.70 18.35 14.54
N VAL F 105 -41.45 17.90 14.42
CA VAL F 105 -40.32 18.74 14.07
C VAL F 105 -39.62 18.07 12.91
N ARG F 106 -39.34 18.84 11.85
CA ARG F 106 -38.84 18.25 10.63
C ARG F 106 -37.81 19.18 9.99
N PHE F 107 -37.09 18.63 9.03
CA PHE F 107 -36.16 19.39 8.23
C PHE F 107 -36.79 19.69 6.88
N ARG F 108 -36.17 20.63 6.16
CA ARG F 108 -36.71 21.07 4.88
C ARG F 108 -36.22 20.17 3.75
N ASP F 109 -34.91 20.05 3.59
CA ASP F 109 -34.33 19.30 2.50
C ASP F 109 -33.09 18.57 2.99
N ASN F 110 -32.84 17.40 2.42
CA ASN F 110 -31.68 16.60 2.82
C ASN F 110 -30.40 17.42 2.78
N LEU F 111 -30.37 18.50 1.99
CA LEU F 111 -29.23 19.40 2.07
C LEU F 111 -29.13 20.04 3.44
N GLN F 112 -30.26 20.44 4.03
CA GLN F 112 -30.23 21.04 5.35
C GLN F 112 -29.68 20.08 6.39
N LEU F 113 -30.23 18.85 6.42
CA LEU F 113 -29.76 17.86 7.39
C LEU F 113 -28.30 17.50 7.15
N MET F 114 -27.93 17.31 5.89
CA MET F 114 -26.55 16.95 5.59
C MET F 114 -25.59 18.05 6.03
N ASN F 115 -25.94 19.30 5.77
CA ASN F 115 -25.08 20.40 6.16
C ASN F 115 -24.99 20.51 7.68
N ILE F 116 -26.12 20.30 8.37
CA ILE F 116 -26.09 20.36 9.83
C ILE F 116 -25.20 19.27 10.39
N CYS F 117 -25.28 18.07 9.82
CA CYS F 117 -24.39 17.00 10.27
C CYS F 117 -22.94 17.35 10.03
N GLN F 118 -22.63 17.86 8.84
CA GLN F 118 -21.25 18.23 8.54
C GLN F 118 -20.76 19.29 9.51
N ARG F 119 -21.62 20.24 9.85
CA ARG F 119 -21.22 21.29 10.79
C ARG F 119 -20.98 20.71 12.18
N ILE F 120 -21.93 19.94 12.70
CA ILE F 120 -21.80 19.43 14.06
C ILE F 120 -20.63 18.46 14.19
N VAL F 121 -20.23 17.79 13.11
CA VAL F 121 -19.01 17.00 13.19
C VAL F 121 -17.78 17.84 12.96
N SER F 122 -17.90 18.99 12.29
CA SER F 122 -16.77 19.90 12.20
C SER F 122 -16.48 20.57 13.54
N GLN F 123 -17.39 20.46 14.51
CA GLN F 123 -17.15 21.02 15.83
C GLN F 123 -15.92 20.40 16.48
N VAL F 124 -15.70 19.11 16.24
CA VAL F 124 -14.54 18.42 16.80
C VAL F 124 -13.65 17.91 15.68
N GLY F 125 -13.52 18.70 14.62
CA GLY F 125 -12.63 18.34 13.53
C GLY F 125 -13.00 17.04 12.87
N ARG F 126 -14.28 16.80 12.62
CA ARG F 126 -14.76 15.63 11.91
C ARG F 126 -15.57 16.05 10.70
N ARG F 127 -15.45 15.28 9.63
CA ARG F 127 -16.11 15.57 8.37
C ARG F 127 -16.69 14.28 7.79
N VAL F 128 -17.98 14.29 7.49
CA VAL F 128 -18.68 13.13 6.97
C VAL F 128 -19.26 13.52 5.61
N ASP F 129 -18.94 12.74 4.59
CA ASP F 129 -19.32 13.08 3.22
C ASP F 129 -19.29 11.81 2.38
N GLU F 130 -19.34 11.97 1.06
CA GLU F 130 -19.42 10.85 0.15
C GLU F 130 -18.11 10.10 -0.01
N SER F 131 -17.05 10.50 0.69
CA SER F 131 -15.79 9.78 0.69
C SER F 131 -15.62 8.90 1.92
N SER F 132 -16.01 9.38 3.10
CA SER F 132 -15.99 8.60 4.34
C SER F 132 -17.38 8.71 4.95
N PRO F 133 -18.32 7.87 4.54
CA PRO F 133 -19.73 8.08 4.85
C PRO F 133 -20.14 7.74 6.27
N ILE F 134 -19.21 7.48 7.18
CA ILE F 134 -19.53 7.10 8.55
C ILE F 134 -18.72 7.97 9.49
N CYS F 135 -19.36 8.47 10.55
CA CYS F 135 -18.65 9.29 11.53
C CYS F 135 -19.28 9.11 12.91
N ASP F 136 -18.47 8.67 13.87
CA ASP F 136 -18.84 8.68 15.28
C ASP F 136 -17.94 9.67 16.00
N ALA F 137 -18.51 10.42 16.94
CA ALA F 137 -17.72 11.39 17.67
C ALA F 137 -18.40 11.71 18.99
N ARG F 138 -17.64 12.37 19.87
CA ARG F 138 -18.14 12.84 21.16
C ARG F 138 -17.87 14.34 21.21
N LEU F 139 -18.94 15.13 21.30
CA LEU F 139 -18.78 16.56 21.38
C LEU F 139 -18.22 16.97 22.74
N PRO F 140 -17.55 18.12 22.81
CA PRO F 140 -16.93 18.51 24.08
C PRO F 140 -17.92 18.61 25.23
N ASP F 141 -19.15 19.06 24.95
CA ASP F 141 -20.12 19.23 26.01
C ASP F 141 -20.38 17.94 26.77
N GLY F 142 -20.09 16.79 26.15
CA GLY F 142 -20.17 15.51 26.84
C GLY F 142 -20.96 14.45 26.11
N SER F 143 -22.00 14.85 25.36
CA SER F 143 -22.87 13.90 24.71
C SER F 143 -22.22 13.32 23.45
N ARG F 144 -22.78 12.22 22.97
CA ARG F 144 -22.24 11.46 21.86
C ARG F 144 -23.11 11.62 20.62
N VAL F 145 -22.47 11.59 19.46
CA VAL F 145 -23.12 11.81 18.17
C VAL F 145 -22.62 10.77 17.18
N ASN F 146 -23.53 10.27 16.35
CA ASN F 146 -23.19 9.38 15.25
C ASN F 146 -23.93 9.81 13.99
N VAL F 147 -23.30 9.62 12.83
CA VAL F 147 -23.82 10.10 11.56
C VAL F 147 -23.44 9.14 10.44
N ILE F 148 -24.39 8.90 9.54
CA ILE F 148 -24.19 8.06 8.36
C ILE F 148 -24.69 8.84 7.14
N ALA F 149 -24.03 8.59 6.02
CA ALA F 149 -24.08 9.41 4.83
C ALA F 149 -24.94 8.80 3.73
N PRO F 150 -25.26 9.56 2.69
CA PRO F 150 -26.20 9.10 1.67
C PRO F 150 -25.72 7.84 0.96
N PRO F 151 -24.42 7.72 0.64
CA PRO F 151 -23.99 6.56 -0.17
C PRO F 151 -24.40 5.22 0.42
N LEU F 152 -24.40 5.10 1.75
CA LEU F 152 -24.91 3.90 2.41
C LEU F 152 -26.36 4.07 2.81
N ALA F 153 -26.63 4.97 3.74
CA ALA F 153 -28.01 5.16 4.21
C ALA F 153 -28.88 5.57 3.03
N LEU F 154 -29.80 4.68 2.64
CA LEU F 154 -30.64 4.94 1.47
C LEU F 154 -31.69 6.01 1.73
N ASP F 155 -31.86 6.45 2.98
CA ASP F 155 -32.84 7.47 3.31
C ASP F 155 -32.19 8.82 3.56
N GLY F 156 -31.13 9.14 2.84
CA GLY F 156 -30.34 10.32 3.13
C GLY F 156 -29.55 10.12 4.41
N PRO F 157 -29.06 11.21 4.98
CA PRO F 157 -28.27 11.08 6.21
C PRO F 157 -29.09 10.56 7.37
N THR F 158 -28.42 9.85 8.29
CA THR F 158 -29.06 9.36 9.50
C THR F 158 -28.18 9.71 10.69
N LEU F 159 -28.78 10.30 11.72
CA LEU F 159 -28.01 10.92 12.79
C LEU F 159 -28.66 10.60 14.14
N THR F 160 -27.82 10.30 15.12
CA THR F 160 -28.28 10.02 16.48
C THR F 160 -27.44 10.79 17.48
N ILE F 161 -28.09 11.44 18.43
CA ILE F 161 -27.43 12.17 19.50
C ILE F 161 -27.96 11.64 20.84
N ARG F 162 -27.07 11.15 21.68
CA ARG F 162 -27.47 10.53 22.94
C ARG F 162 -27.19 11.47 24.09
N LYS F 163 -28.22 11.73 24.90
CA LYS F 163 -28.09 12.67 26.00
C LYS F 163 -26.98 12.23 26.94
N PHE F 164 -26.23 13.20 27.45
CA PHE F 164 -25.16 12.91 28.38
C PHE F 164 -25.71 12.61 29.76
N LYS F 165 -25.01 11.74 30.50
CA LYS F 165 -25.43 11.32 31.81
C LYS F 165 -24.19 11.01 32.63
N LYS F 166 -24.36 11.00 33.95
CA LYS F 166 -23.25 10.87 34.89
C LYS F 166 -23.50 9.69 35.82
N ASP F 167 -22.51 8.82 35.97
CA ASP F 167 -22.62 7.65 36.84
C ASP F 167 -21.87 7.83 38.16
N LYS F 168 -20.55 8.01 38.10
CA LYS F 168 -19.72 8.20 39.29
C LYS F 168 -19.97 7.13 40.33
N LEU F 169 -20.03 5.88 39.87
CA LEU F 169 -20.25 4.77 40.79
C LEU F 169 -19.04 4.59 41.70
N THR F 170 -19.27 3.98 42.86
CA THR F 170 -18.22 3.71 43.82
C THR F 170 -18.24 2.24 44.21
N MET F 171 -17.07 1.74 44.61
CA MET F 171 -16.94 0.32 44.90
C MET F 171 -17.86 -0.10 46.04
N LYS F 172 -18.09 0.78 47.01
CA LYS F 172 -19.03 0.44 48.07
C LYS F 172 -20.46 0.37 47.56
N ASN F 173 -20.78 1.07 46.47
CA ASN F 173 -22.12 1.01 45.90
C ASN F 173 -22.28 -0.12 44.90
N LEU F 174 -21.22 -0.49 44.18
CA LEU F 174 -21.34 -1.56 43.20
C LEU F 174 -21.86 -2.83 43.83
N VAL F 175 -21.49 -3.11 45.08
CA VAL F 175 -21.92 -4.35 45.72
C VAL F 175 -23.43 -4.35 45.89
N GLU F 176 -24.01 -3.22 46.32
CA GLU F 176 -25.47 -3.15 46.46
C GLU F 176 -26.14 -3.37 45.11
N PHE F 177 -25.63 -2.75 44.05
CA PHE F 177 -26.18 -2.97 42.72
C PHE F 177 -25.93 -4.37 42.20
N ALA F 178 -25.29 -5.23 43.00
CA ALA F 178 -25.11 -6.64 42.67
C ALA F 178 -24.13 -6.83 41.51
N SER F 179 -23.33 -5.82 41.20
CA SER F 179 -22.33 -5.97 40.15
C SER F 179 -21.30 -7.02 40.51
N ILE F 180 -20.70 -6.89 41.70
CA ILE F 180 -19.66 -7.78 42.16
C ILE F 180 -19.93 -8.14 43.61
N SER F 181 -19.76 -9.42 43.95
CA SER F 181 -19.98 -9.87 45.31
C SER F 181 -18.91 -9.29 46.23
N PRO F 182 -19.20 -9.15 47.53
CA PRO F 182 -18.25 -8.47 48.43
C PRO F 182 -16.87 -9.09 48.45
N GLU F 183 -16.77 -10.42 48.35
CA GLU F 183 -15.47 -11.06 48.26
C GLU F 183 -14.72 -10.56 47.03
N GLY F 184 -15.41 -10.49 45.90
CA GLY F 184 -14.82 -9.88 44.72
C GLY F 184 -14.43 -8.44 44.97
N ALA F 185 -15.22 -7.71 45.76
CA ALA F 185 -14.90 -6.32 46.03
C ALA F 185 -13.58 -6.20 46.78
N ARG F 186 -13.39 -7.03 47.79
CA ARG F 186 -12.12 -6.98 48.53
C ARG F 186 -10.96 -7.41 47.65
N VAL F 187 -11.16 -8.45 46.84
CA VAL F 187 -10.07 -8.89 45.96
C VAL F 187 -9.68 -7.77 45.02
N LEU F 188 -10.68 -7.10 44.43
CA LEU F 188 -10.36 -6.01 43.52
C LEU F 188 -9.72 -4.84 44.24
N GLY F 189 -10.15 -4.55 45.47
CA GLY F 189 -9.47 -3.51 46.22
C GLY F 189 -8.00 -3.82 46.37
N VAL F 190 -7.68 -5.07 46.70
CA VAL F 190 -6.28 -5.46 46.83
C VAL F 190 -5.57 -5.37 45.48
N ILE F 191 -6.26 -5.76 44.41
CA ILE F 191 -5.64 -5.74 43.09
C ILE F 191 -5.36 -4.31 42.64
N GLY F 192 -6.18 -3.37 43.06
CA GLY F 192 -5.99 -1.99 42.65
C GLY F 192 -4.96 -1.27 43.49
N ALA F 193 -4.96 -1.52 44.81
CA ALA F 193 -4.01 -0.86 45.69
C ALA F 193 -2.60 -1.43 45.58
N CYS F 194 -2.42 -2.56 44.91
CA CYS F 194 -1.15 -3.26 44.87
C CYS F 194 -0.34 -2.97 43.62
N ARG F 195 -0.76 -2.00 42.81
CA ARG F 195 -0.05 -1.62 41.60
C ARG F 195 0.13 -2.83 40.67
N CYS F 196 -1.01 -3.30 40.13
CA CYS F 196 -1.04 -4.45 39.25
C CYS F 196 -1.36 -4.01 37.83
N ASN F 197 -0.48 -4.37 36.89
CA ASN F 197 -0.67 -3.99 35.48
C ASN F 197 -1.90 -4.70 34.94
N LEU F 198 -3.02 -3.99 34.85
CA LEU F 198 -4.27 -4.59 34.43
C LEU F 198 -4.78 -3.91 33.19
N VAL F 199 -5.83 -4.47 32.61
CA VAL F 199 -6.48 -3.96 31.41
C VAL F 199 -7.95 -4.28 31.52
N ILE F 200 -8.79 -3.26 31.50
CA ILE F 200 -10.23 -3.42 31.69
C ILE F 200 -10.89 -3.52 30.32
N SER F 201 -11.04 -4.73 29.82
CA SER F 201 -11.76 -4.93 28.58
C SER F 201 -13.23 -4.59 28.77
N GLY F 202 -13.99 -4.69 27.68
CA GLY F 202 -15.41 -4.44 27.75
C GLY F 202 -16.03 -4.50 26.37
N GLY F 203 -17.31 -4.87 26.36
CA GLY F 203 -18.08 -4.97 25.14
C GLY F 203 -18.91 -3.73 24.88
N THR F 204 -19.68 -3.78 23.80
CA THR F 204 -20.49 -2.64 23.40
C THR F 204 -21.44 -2.24 24.53
N GLY F 205 -21.50 -0.95 24.81
CA GLY F 205 -22.41 -0.48 25.84
C GLY F 205 -22.21 -1.16 27.17
N SER F 206 -21.00 -1.65 27.44
CA SER F 206 -20.74 -2.31 28.71
C SER F 206 -20.56 -1.30 29.83
N GLY F 207 -19.94 -0.16 29.55
CA GLY F 207 -19.70 0.85 30.56
C GLY F 207 -18.37 0.68 31.26
N LYS F 208 -17.29 0.64 30.49
CA LYS F 208 -15.98 0.43 31.10
C LYS F 208 -15.56 1.61 31.95
N THR F 209 -15.66 2.83 31.41
CA THR F 209 -15.05 3.98 32.04
C THR F 209 -15.50 4.13 33.49
N THR F 210 -16.76 3.83 33.77
CA THR F 210 -17.21 3.85 35.15
C THR F 210 -16.41 2.88 36.00
N LEU F 211 -16.20 1.67 35.48
CA LEU F 211 -15.42 0.69 36.23
C LEU F 211 -13.99 1.17 36.44
N LEU F 212 -13.40 1.77 35.40
CA LEU F 212 -12.02 2.22 35.51
C LEU F 212 -11.87 3.32 36.56
N ASN F 213 -12.82 4.26 36.59
CA ASN F 213 -12.81 5.27 37.63
C ASN F 213 -12.95 4.64 39.00
N THR F 214 -13.90 3.70 39.13
CA THR F 214 -14.12 3.05 40.41
C THR F 214 -12.87 2.34 40.89
N MET F 215 -12.11 1.75 39.96
CA MET F 215 -10.88 1.05 40.33
C MET F 215 -9.77 2.03 40.70
N THR F 216 -9.55 3.07 39.91
CA THR F 216 -8.48 4.01 40.24
C THR F 216 -8.76 4.74 41.53
N ALA F 217 -10.00 4.75 42.00
CA ALA F 217 -10.25 5.32 43.32
C ALA F 217 -9.47 4.63 44.44
N PHE F 218 -8.75 3.53 44.17
CA PHE F 218 -7.98 2.82 45.18
C PHE F 218 -6.54 3.30 45.30
N ILE F 219 -6.06 4.16 44.40
CA ILE F 219 -4.63 4.45 44.37
C ILE F 219 -4.23 5.26 45.60
N ASP F 220 -3.00 5.04 46.05
CA ASP F 220 -2.49 5.76 47.20
C ASP F 220 -2.25 7.23 46.83
N PRO F 221 -2.45 8.15 47.77
CA PRO F 221 -2.43 9.58 47.40
C PRO F 221 -1.14 10.05 46.75
N THR F 222 0.00 9.82 47.39
CA THR F 222 1.22 10.50 46.99
C THR F 222 1.66 10.13 45.58
N GLU F 223 1.13 9.05 45.01
CA GLU F 223 1.63 8.55 43.74
C GLU F 223 1.29 9.53 42.61
N ARG F 224 2.32 9.92 41.84
CA ARG F 224 2.15 10.87 40.76
C ARG F 224 1.54 10.16 39.55
N VAL F 225 0.28 10.45 39.27
CA VAL F 225 -0.48 9.76 38.25
C VAL F 225 -0.51 10.59 36.98
N VAL F 226 -0.74 9.92 35.86
CA VAL F 226 -0.81 10.60 34.57
C VAL F 226 -1.78 9.89 33.65
N THR F 227 -2.81 10.59 33.19
CA THR F 227 -3.80 10.01 32.29
C THR F 227 -3.49 10.40 30.86
N CYS F 228 -4.25 9.84 29.92
CA CYS F 228 -4.17 10.22 28.52
C CYS F 228 -5.51 9.90 27.87
N GLU F 229 -6.35 10.91 27.70
CA GLU F 229 -7.74 10.71 27.31
C GLU F 229 -8.01 11.45 26.00
N ASP F 230 -9.22 11.27 25.48
CA ASP F 230 -9.66 11.98 24.29
C ASP F 230 -10.87 12.86 24.54
N ALA F 231 -11.47 12.80 25.73
CA ALA F 231 -12.72 13.50 25.99
C ALA F 231 -12.78 14.20 27.34
N ALA F 232 -11.86 13.97 28.26
CA ALA F 232 -11.90 14.60 29.58
C ALA F 232 -13.14 14.16 30.35
N GLU F 233 -13.25 12.85 30.53
CA GLU F 233 -14.39 12.21 31.20
C GLU F 233 -14.13 11.90 32.66
N LEU F 234 -12.98 11.29 32.96
CA LEU F 234 -12.74 10.77 34.30
C LEU F 234 -12.80 11.89 35.34
N GLN F 235 -12.79 11.47 36.60
CA GLN F 235 -12.77 12.39 37.73
C GLN F 235 -11.95 11.71 38.82
N LEU F 236 -10.65 11.97 38.82
CA LEU F 236 -9.77 11.37 39.81
C LEU F 236 -9.88 12.12 41.13
N GLN F 237 -9.74 11.38 42.21
CA GLN F 237 -9.91 11.90 43.56
C GLN F 237 -8.60 11.86 44.34
N GLN F 238 -7.51 12.27 43.70
CA GLN F 238 -6.20 12.23 44.31
C GLN F 238 -5.53 13.59 44.17
N PRO F 239 -4.68 13.98 45.12
CA PRO F 239 -4.10 15.32 45.07
C PRO F 239 -3.10 15.47 43.95
N HIS F 240 -2.24 14.47 43.78
CA HIS F 240 -1.14 14.55 42.83
C HIS F 240 -1.54 13.85 41.53
N VAL F 241 -2.24 14.58 40.68
CA VAL F 241 -2.73 14.08 39.42
C VAL F 241 -2.30 15.05 38.32
N VAL F 242 -1.90 14.49 37.18
CA VAL F 242 -1.64 15.26 35.97
C VAL F 242 -2.59 14.72 34.89
N ARG F 243 -3.26 15.63 34.19
CA ARG F 243 -4.24 15.25 33.19
C ARG F 243 -3.70 15.62 31.82
N LEU F 244 -4.32 15.06 30.78
CA LEU F 244 -3.90 15.32 29.42
C LEU F 244 -5.05 15.05 28.47
N GLU F 245 -4.81 15.35 27.20
CA GLU F 245 -5.82 15.16 26.15
C GLU F 245 -5.12 15.34 24.81
N THR F 246 -5.56 14.58 23.81
CA THR F 246 -5.00 14.74 22.48
C THR F 246 -5.67 15.91 21.75
N ARG F 247 -5.00 16.39 20.71
CA ARG F 247 -5.51 17.47 19.89
C ARG F 247 -5.68 16.97 18.47
N PRO F 248 -6.91 16.73 17.98
CA PRO F 248 -7.08 16.09 16.68
C PRO F 248 -6.47 16.94 15.58
N PRO F 249 -6.34 16.39 14.38
CA PRO F 249 -5.71 17.14 13.28
C PRO F 249 -6.49 18.42 12.97
N ASN F 250 -5.73 19.45 12.57
CA ASN F 250 -6.33 20.72 12.20
C ASN F 250 -7.19 20.55 10.95
N LEU F 251 -7.84 21.65 10.56
CA LEU F 251 -8.67 21.64 9.36
C LEU F 251 -7.89 21.17 8.15
N GLU F 252 -6.60 21.49 8.09
CA GLU F 252 -5.74 21.03 7.00
C GLU F 252 -5.22 19.62 7.22
N GLY F 253 -5.56 18.98 8.33
CA GLY F 253 -5.07 17.64 8.59
C GLY F 253 -3.59 17.60 8.89
N SER F 254 -3.07 18.56 9.65
CA SER F 254 -1.65 18.64 9.94
C SER F 254 -1.45 19.01 11.41
N GLY F 255 -0.28 18.65 11.93
CA GLY F 255 0.04 18.96 13.31
C GLY F 255 -0.87 18.29 14.31
N ALA F 256 -1.14 17.01 14.13
CA ALA F 256 -2.00 16.27 15.04
C ALA F 256 -1.18 15.64 16.15
N VAL F 257 -1.79 15.51 17.32
CA VAL F 257 -1.15 14.91 18.49
C VAL F 257 -1.91 13.62 18.78
N THR F 258 -1.45 12.53 18.20
CA THR F 258 -2.10 11.24 18.42
C THR F 258 -1.75 10.69 19.80
N MET F 259 -2.70 9.96 20.39
CA MET F 259 -2.48 9.38 21.70
C MET F 259 -1.13 8.70 21.79
N ARG F 260 -0.62 8.19 20.66
CA ARG F 260 0.70 7.58 20.69
C ARG F 260 1.75 8.58 21.14
N ASP F 261 1.70 9.81 20.62
CA ASP F 261 2.69 10.81 21.01
C ASP F 261 2.52 11.22 22.46
N LEU F 262 1.27 11.35 22.91
CA LEU F 262 1.06 11.65 24.32
C LEU F 262 1.68 10.59 25.21
N VAL F 263 1.50 9.32 24.87
CA VAL F 263 2.08 8.26 25.68
C VAL F 263 3.61 8.31 25.61
N LYS F 264 4.15 8.43 24.40
CA LYS F 264 5.60 8.44 24.26
C LYS F 264 6.22 9.57 25.04
N ASN F 265 5.49 10.68 25.22
CA ASN F 265 6.02 11.76 26.02
C ASN F 265 5.77 11.58 27.51
N CYS F 266 4.62 11.04 27.89
CA CYS F 266 4.38 10.73 29.28
C CYS F 266 5.40 9.75 29.82
N LEU F 267 6.05 8.98 28.95
CA LEU F 267 7.12 8.11 29.41
C LEU F 267 8.26 8.89 30.04
N ARG F 268 8.37 10.19 29.79
CA ARG F 268 9.52 10.96 30.22
C ARG F 268 9.23 11.90 31.38
N MET F 269 8.02 11.89 31.93
CA MET F 269 7.63 12.84 32.97
C MET F 269 7.74 12.25 34.37
N ARG F 270 8.33 11.08 34.52
CA ARG F 270 8.44 10.44 35.82
C ARG F 270 7.08 10.11 36.39
N PRO F 271 6.20 9.45 35.64
CA PRO F 271 4.92 9.04 36.21
C PRO F 271 4.99 7.66 36.82
N GLU F 272 4.16 7.44 37.84
CA GLU F 272 4.08 6.15 38.50
C GLU F 272 2.98 5.27 37.94
N ARG F 273 1.86 5.85 37.54
CA ARG F 273 0.79 5.15 36.84
C ARG F 273 0.45 5.91 35.58
N ILE F 274 0.40 5.20 34.46
CA ILE F 274 -0.05 5.81 33.22
C ILE F 274 -1.42 5.26 32.89
N ILE F 275 -2.46 5.87 33.43
CA ILE F 275 -3.82 5.51 33.07
C ILE F 275 -4.05 5.94 31.64
N VAL F 276 -4.90 5.23 30.91
CA VAL F 276 -5.24 5.57 29.55
C VAL F 276 -6.76 5.53 29.41
N GLY F 277 -7.30 6.43 28.60
CA GLY F 277 -8.74 6.47 28.41
C GLY F 277 -9.25 5.33 27.55
N GLU F 278 -8.46 4.92 26.56
CA GLU F 278 -8.88 3.85 25.66
C GLU F 278 -7.69 3.51 24.77
N VAL F 279 -7.79 2.37 24.08
CA VAL F 279 -6.75 1.89 23.19
C VAL F 279 -7.36 1.69 21.81
N ARG F 280 -6.84 2.40 20.81
CA ARG F 280 -7.40 2.37 19.48
C ARG F 280 -6.43 1.96 18.38
N GLY F 281 -5.14 2.15 18.58
CA GLY F 281 -4.16 1.93 17.53
C GLY F 281 -2.87 1.37 18.08
N PRO F 282 -1.75 1.68 17.42
CA PRO F 282 -0.48 1.12 17.88
C PRO F 282 -0.01 1.71 19.22
N GLU F 283 -0.73 2.66 19.80
CA GLU F 283 -0.28 3.21 21.06
C GLU F 283 -0.17 2.12 22.13
N ALA F 284 -0.98 1.07 22.02
CA ALA F 284 -0.85 -0.05 22.93
C ALA F 284 0.62 -0.40 23.12
N PHE F 285 1.36 -0.48 22.01
CA PHE F 285 2.78 -0.79 22.08
C PHE F 285 3.46 0.05 23.15
N ASP F 286 3.44 1.37 22.99
CA ASP F 286 4.09 2.24 23.96
C ASP F 286 3.56 1.95 25.36
N LEU F 287 2.24 1.85 25.49
CA LEU F 287 1.68 1.57 26.81
C LEU F 287 2.27 0.29 27.39
N LEU F 288 2.40 -0.75 26.56
CA LEU F 288 2.97 -2.00 27.07
C LEU F 288 4.39 -1.77 27.57
N GLN F 289 5.18 -0.97 26.85
CA GLN F 289 6.49 -0.63 27.37
C GLN F 289 6.37 0.05 28.72
N ALA F 290 5.40 0.96 28.86
CA ALA F 290 5.16 1.58 30.16
C ALA F 290 4.73 0.55 31.19
N MET F 291 4.00 -0.48 30.76
CA MET F 291 3.62 -1.53 31.69
C MET F 291 4.83 -2.33 32.17
N ASN F 292 5.94 -2.25 31.45
CA ASN F 292 7.05 -3.15 31.65
C ASN F 292 8.28 -2.48 32.25
N THR F 293 8.56 -1.23 31.87
CA THR F 293 9.80 -0.57 32.28
C THR F 293 9.56 0.28 33.53
N GLY F 294 9.12 -0.38 34.59
CA GLY F 294 9.06 0.25 35.89
C GLY F 294 8.06 1.38 36.04
N HIS F 295 6.86 1.21 35.48
CA HIS F 295 5.71 2.08 35.79
C HIS F 295 4.58 1.13 36.13
N ASP F 296 4.62 0.59 37.35
CA ASP F 296 3.76 -0.53 37.72
C ASP F 296 2.44 0.03 38.26
N GLY F 297 1.36 -0.25 37.54
CA GLY F 297 0.05 0.24 37.91
C GLY F 297 -0.71 0.81 36.72
N SER F 298 -0.07 0.79 35.55
CA SER F 298 -0.71 1.34 34.37
C SER F 298 -1.98 0.57 34.06
N MET F 299 -3.05 1.31 33.82
CA MET F 299 -4.34 0.74 33.45
C MET F 299 -4.63 1.07 32.00
N GLY F 300 -5.82 0.73 31.55
CA GLY F 300 -6.21 1.04 30.19
C GLY F 300 -7.41 0.24 29.79
N THR F 301 -8.15 0.69 28.79
CA THR F 301 -9.37 0.04 28.36
C THR F 301 -9.32 -0.17 26.86
N LEU F 302 -9.79 -1.34 26.41
CA LEU F 302 -9.89 -1.62 24.99
C LEU F 302 -11.21 -2.34 24.75
N HIS F 303 -11.71 -2.27 23.53
CA HIS F 303 -13.03 -2.79 23.20
C HIS F 303 -12.90 -4.25 22.78
N ALA F 304 -13.18 -5.16 23.70
CA ALA F 304 -13.14 -6.59 23.41
C ALA F 304 -14.27 -7.26 24.17
N ASN F 305 -14.72 -8.39 23.64
CA ASN F 305 -15.87 -9.09 24.19
C ASN F 305 -15.49 -10.05 25.31
N SER F 306 -14.47 -10.86 25.11
CA SER F 306 -14.00 -11.81 26.11
C SER F 306 -12.48 -11.76 26.14
N PRO F 307 -11.87 -12.04 27.29
CA PRO F 307 -10.41 -11.85 27.41
C PRO F 307 -9.62 -12.53 26.33
N ARG F 308 -9.97 -13.76 25.96
CA ARG F 308 -9.22 -14.45 24.91
C ARG F 308 -9.45 -13.84 23.55
N GLU F 309 -10.34 -12.85 23.44
CA GLU F 309 -10.33 -11.98 22.27
C GLU F 309 -9.56 -10.70 22.52
N ALA F 310 -9.58 -10.19 23.75
CA ALA F 310 -8.84 -8.97 24.04
C ALA F 310 -7.36 -9.15 23.75
N ILE F 311 -6.81 -10.31 24.13
CA ILE F 311 -5.40 -10.56 23.88
C ILE F 311 -5.12 -10.57 22.38
N SER F 312 -5.98 -11.23 21.61
CA SER F 312 -5.78 -11.27 20.17
C SER F 312 -5.86 -9.88 19.55
N ARG F 313 -6.78 -9.05 20.04
CA ARG F 313 -6.88 -7.70 19.50
C ARG F 313 -5.65 -6.87 19.84
N ILE F 314 -5.11 -7.03 21.04
CA ILE F 314 -3.87 -6.33 21.37
C ILE F 314 -2.77 -6.74 20.40
N GLU F 315 -2.64 -8.04 20.16
CA GLU F 315 -1.61 -8.50 19.23
C GLU F 315 -1.85 -7.93 17.83
N SER F 316 -3.11 -7.90 17.40
CA SER F 316 -3.40 -7.39 16.07
C SER F 316 -3.03 -5.92 15.97
N MET F 317 -3.32 -5.13 17.00
CA MET F 317 -2.93 -3.73 17.00
C MET F 317 -1.42 -3.59 16.88
N ILE F 318 -0.67 -4.32 17.71
CA ILE F 318 0.78 -4.19 17.68
C ILE F 318 1.30 -4.54 16.29
N THR F 319 0.75 -5.60 15.68
CA THR F 319 1.17 -5.96 14.33
C THR F 319 0.84 -4.85 13.34
N MET F 320 -0.36 -4.28 13.43
CA MET F 320 -0.75 -3.20 12.55
C MET F 320 0.17 -1.99 12.70
N GLY F 321 0.81 -1.85 13.85
CA GLY F 321 1.71 -0.73 14.05
C GLY F 321 2.77 -0.62 12.96
N GLY F 322 3.07 -1.73 12.31
CA GLY F 322 4.03 -1.71 11.22
C GLY F 322 5.48 -1.78 11.67
N TYR F 323 5.73 -2.33 12.85
CA TYR F 323 7.09 -2.43 13.36
C TYR F 323 7.84 -3.63 12.81
N GLY F 324 7.14 -4.61 12.24
CA GLY F 324 7.79 -5.81 11.74
C GLY F 324 8.11 -6.83 12.80
N LEU F 325 7.51 -6.72 13.98
CA LEU F 325 7.77 -7.70 15.04
C LEU F 325 7.17 -9.05 14.66
N PRO F 326 7.90 -10.14 14.86
CA PRO F 326 7.27 -11.47 14.72
C PRO F 326 6.23 -11.68 15.80
N SER F 327 5.21 -12.48 15.47
CA SER F 327 4.09 -12.63 16.39
C SER F 327 4.53 -13.15 17.74
N LYS F 328 5.42 -14.14 17.74
CA LYS F 328 5.83 -14.76 19.00
C LYS F 328 6.43 -13.73 19.95
N THR F 329 7.16 -12.75 19.41
CA THR F 329 7.68 -11.69 20.27
C THR F 329 6.53 -10.90 20.89
N ILE F 330 5.48 -10.65 20.11
CA ILE F 330 4.33 -9.92 20.65
C ILE F 330 3.69 -10.69 21.78
N LYS F 331 3.53 -12.00 21.61
CA LYS F 331 2.95 -12.81 22.66
C LYS F 331 3.83 -12.82 23.91
N GLU F 332 5.15 -12.95 23.73
CA GLU F 332 6.04 -12.88 24.88
C GLU F 332 5.85 -11.56 25.61
N MET F 333 5.80 -10.46 24.86
CA MET F 333 5.70 -9.15 25.47
C MET F 333 4.40 -9.01 26.25
N ILE F 334 3.29 -9.44 25.67
CA ILE F 334 2.01 -9.35 26.36
C ILE F 334 2.03 -10.19 27.63
N VAL F 335 2.52 -11.43 27.52
CA VAL F 335 2.56 -12.30 28.69
C VAL F 335 3.39 -11.68 29.80
N GLY F 336 4.50 -11.02 29.43
CA GLY F 336 5.32 -10.37 30.42
C GLY F 336 4.64 -9.17 31.06
N SER F 337 3.93 -8.38 30.26
CA SER F 337 3.41 -7.12 30.77
C SER F 337 2.11 -7.30 31.54
N VAL F 338 1.03 -7.64 30.83
CA VAL F 338 -0.29 -7.66 31.44
C VAL F 338 -0.26 -8.51 32.71
N ASP F 339 -1.11 -8.17 33.66
CA ASP F 339 -1.16 -8.97 34.89
C ASP F 339 -2.56 -9.40 35.26
N VAL F 340 -3.57 -8.58 35.00
CA VAL F 340 -4.96 -8.92 35.30
C VAL F 340 -5.82 -8.33 34.21
N ILE F 341 -6.89 -9.04 33.86
CA ILE F 341 -7.86 -8.56 32.88
C ILE F 341 -9.23 -8.70 33.50
N ILE F 342 -9.96 -7.60 33.61
CA ILE F 342 -11.31 -7.60 34.15
C ILE F 342 -12.26 -7.34 33.00
N GLN F 343 -12.98 -8.37 32.59
CA GLN F 343 -13.89 -8.28 31.46
C GLN F 343 -15.29 -8.07 31.98
N ALA F 344 -15.82 -6.88 31.76
CA ALA F 344 -17.18 -6.53 32.10
C ALA F 344 -18.03 -6.42 30.84
N ALA F 345 -19.31 -6.71 30.97
CA ALA F 345 -20.21 -6.69 29.82
C ALA F 345 -21.64 -6.56 30.32
N ARG F 346 -22.53 -6.30 29.38
CA ARG F 346 -23.96 -6.15 29.65
C ARG F 346 -24.67 -7.42 29.21
N LEU F 347 -25.38 -8.05 30.13
CA LEU F 347 -26.11 -9.26 29.80
C LEU F 347 -27.31 -8.92 28.92
N ARG F 348 -28.09 -9.95 28.56
CA ARG F 348 -29.21 -9.75 27.65
C ARG F 348 -30.24 -8.80 28.25
N ASP F 349 -30.61 -9.01 29.51
CA ASP F 349 -31.68 -8.25 30.13
C ASP F 349 -31.29 -6.82 30.49
N GLY F 350 -30.11 -6.36 30.05
CA GLY F 350 -29.72 -4.97 30.21
C GLY F 350 -28.88 -4.66 31.43
N SER F 351 -28.77 -5.57 32.39
CA SER F 351 -27.96 -5.28 33.56
C SER F 351 -26.49 -5.10 33.17
N ARG F 352 -25.69 -4.68 34.14
CA ARG F 352 -24.24 -4.60 33.97
C ARG F 352 -23.58 -5.38 35.10
N ARG F 353 -22.62 -6.22 34.73
CA ARG F 353 -21.94 -7.09 35.67
C ARG F 353 -20.45 -7.07 35.36
N ILE F 354 -19.70 -7.86 36.12
CA ILE F 354 -18.30 -8.15 35.82
C ILE F 354 -18.20 -9.65 35.59
N THR F 355 -17.98 -10.05 34.34
CA THR F 355 -18.05 -11.46 34.01
C THR F 355 -16.74 -12.19 34.28
N HIS F 356 -15.58 -11.58 34.05
CA HIS F 356 -14.33 -12.30 34.24
C HIS F 356 -13.31 -11.47 35.01
N ILE F 357 -12.56 -12.15 35.87
CA ILE F 357 -11.37 -11.60 36.53
C ILE F 357 -10.25 -12.60 36.27
N THR F 358 -9.48 -12.39 35.20
CA THR F 358 -8.51 -13.36 34.75
C THR F 358 -7.09 -12.87 35.00
N GLU F 359 -6.15 -13.80 35.16
CA GLU F 359 -4.75 -13.48 35.31
C GLU F 359 -3.94 -14.21 34.26
N VAL F 360 -3.11 -13.47 33.53
CA VAL F 360 -2.25 -14.09 32.53
C VAL F 360 -1.15 -14.87 33.24
N VAL F 361 -1.02 -16.15 32.92
CA VAL F 361 -0.13 -17.04 33.64
C VAL F 361 1.23 -17.16 32.98
N GLY F 362 1.26 -17.32 31.66
CA GLY F 362 2.52 -17.46 30.97
C GLY F 362 2.30 -17.83 29.52
N LEU F 363 3.38 -18.23 28.86
CA LEU F 363 3.33 -18.68 27.47
C LEU F 363 3.87 -20.10 27.40
N GLU F 364 3.16 -20.96 26.68
CA GLU F 364 3.57 -22.35 26.47
C GLU F 364 3.47 -22.65 24.97
N GLY F 365 4.52 -22.33 24.24
CA GLY F 365 4.51 -22.48 22.79
C GLY F 365 3.87 -21.32 22.09
N ASP F 366 2.70 -21.56 21.49
CA ASP F 366 1.97 -20.51 20.76
C ASP F 366 0.60 -20.26 21.35
N VAL F 367 0.39 -20.61 22.62
CA VAL F 367 -0.88 -20.41 23.30
C VAL F 367 -0.61 -19.74 24.63
N ILE F 368 -1.31 -18.65 24.89
CA ILE F 368 -1.22 -17.97 26.18
C ILE F 368 -2.15 -18.68 27.15
N VAL F 369 -1.74 -18.74 28.42
CA VAL F 369 -2.46 -19.49 29.45
C VAL F 369 -3.13 -18.50 30.39
N THR F 370 -4.38 -18.77 30.73
CA THR F 370 -5.17 -17.92 31.61
C THR F 370 -5.84 -18.78 32.67
N GLN F 371 -6.01 -18.23 33.87
CA GLN F 371 -6.44 -18.98 35.04
C GLN F 371 -7.60 -18.27 35.73
N ASP F 372 -8.66 -17.96 34.97
CA ASP F 372 -9.77 -17.15 35.47
C ASP F 372 -10.10 -17.48 36.91
N LEU F 373 -10.01 -16.48 37.78
CA LEU F 373 -10.38 -16.67 39.17
C LEU F 373 -11.89 -16.71 39.36
N PHE F 374 -12.61 -15.88 38.62
CA PHE F 374 -14.05 -15.72 38.77
C PHE F 374 -14.70 -15.86 37.41
N VAL F 375 -15.96 -16.26 37.41
CA VAL F 375 -16.79 -16.26 36.21
C VAL F 375 -18.23 -16.10 36.64
N TYR F 376 -18.91 -15.10 36.09
CA TYR F 376 -20.30 -14.85 36.47
C TYR F 376 -21.17 -15.89 35.79
N GLU F 377 -21.22 -17.06 36.42
CA GLU F 377 -21.92 -18.21 35.85
C GLU F 377 -23.43 -17.98 35.89
N ILE F 378 -24.05 -17.95 34.71
CA ILE F 378 -25.48 -17.67 34.62
C ILE F 378 -26.26 -18.86 35.17
N THR F 379 -27.25 -18.58 36.02
CA THR F 379 -28.06 -19.62 36.62
C THR F 379 -29.48 -19.67 36.10
N GLY F 380 -30.06 -18.52 35.80
CA GLY F 380 -31.42 -18.49 35.30
C GLY F 380 -31.96 -17.09 35.31
N GLU F 381 -33.24 -16.98 34.98
CA GLU F 381 -33.96 -15.72 34.97
C GLU F 381 -35.20 -15.85 35.85
N ASP F 382 -35.50 -14.78 36.57
CA ASP F 382 -36.66 -14.79 37.45
C ASP F 382 -37.93 -14.57 36.66
N GLU F 383 -39.06 -14.63 37.36
CA GLU F 383 -40.35 -14.40 36.73
C GLU F 383 -40.61 -12.93 36.44
N HIS F 384 -39.89 -12.04 37.13
CA HIS F 384 -40.06 -10.60 36.94
C HIS F 384 -39.26 -10.05 35.77
N GLY F 385 -38.45 -10.89 35.12
CA GLY F 385 -37.80 -10.51 33.87
C GLY F 385 -36.32 -10.25 33.93
N LYS F 386 -35.68 -10.44 35.09
CA LYS F 386 -34.26 -10.12 35.26
C LYS F 386 -33.45 -11.39 35.49
N VAL F 387 -32.32 -11.47 34.79
CA VAL F 387 -31.49 -12.67 34.86
C VAL F 387 -30.96 -12.85 36.27
N VAL F 388 -30.47 -14.05 36.55
CA VAL F 388 -29.86 -14.38 37.84
C VAL F 388 -28.55 -15.13 37.60
N GLY F 389 -27.55 -14.82 38.42
CA GLY F 389 -26.27 -15.48 38.32
C GLY F 389 -25.57 -15.56 39.67
N LYS F 390 -24.32 -16.01 39.66
CA LYS F 390 -23.53 -16.10 40.87
C LYS F 390 -22.07 -16.01 40.49
N HIS F 391 -21.27 -15.41 41.38
CA HIS F 391 -19.85 -15.20 41.12
C HIS F 391 -19.08 -16.42 41.61
N ARG F 392 -19.03 -17.45 40.77
CA ARG F 392 -18.29 -18.65 41.12
C ARG F 392 -16.81 -18.34 41.18
N SER F 393 -16.08 -19.13 41.98
CA SER F 393 -14.66 -18.94 42.20
C SER F 393 -13.94 -20.24 41.87
N THR F 394 -12.92 -20.16 41.01
CA THR F 394 -12.08 -21.32 40.79
C THR F 394 -11.21 -21.62 42.00
N GLY F 395 -11.00 -20.65 42.87
CA GLY F 395 -10.32 -20.88 44.14
C GLY F 395 -8.87 -21.30 44.02
N ILE F 396 -8.10 -20.62 43.17
CA ILE F 396 -6.67 -20.88 43.13
C ILE F 396 -6.07 -20.50 44.47
N ALA F 397 -5.27 -21.40 45.04
CA ALA F 397 -4.76 -21.19 46.39
C ALA F 397 -3.89 -19.94 46.46
N ARG F 398 -3.07 -19.69 45.44
CA ARG F 398 -2.17 -18.55 45.43
C ARG F 398 -2.06 -17.95 44.04
N PRO F 399 -2.73 -16.82 43.77
CA PRO F 399 -2.66 -16.23 42.43
C PRO F 399 -1.24 -15.82 42.08
N ARG F 400 -1.08 -15.39 40.83
CA ARG F 400 0.26 -15.06 40.35
C ARG F 400 0.85 -13.88 41.10
N PHE F 401 0.07 -12.84 41.32
CA PHE F 401 0.60 -11.61 41.91
C PHE F 401 0.79 -11.69 43.41
N TRP F 402 0.77 -12.88 43.98
CA TRP F 402 0.88 -13.01 45.44
C TRP F 402 2.06 -12.21 45.97
N ASP F 403 3.20 -12.29 45.28
CA ASP F 403 4.39 -11.57 45.74
C ASP F 403 4.08 -10.12 46.01
N ARG F 404 3.43 -9.44 45.07
CA ARG F 404 3.11 -8.03 45.28
C ARG F 404 2.30 -7.85 46.54
N ALA F 405 1.26 -8.67 46.72
CA ALA F 405 0.45 -8.55 47.92
C ALA F 405 1.32 -8.62 49.16
N ARG F 406 2.34 -9.48 49.13
CA ARG F 406 3.24 -9.58 50.28
C ARG F 406 4.01 -8.29 50.47
N TYR F 407 4.59 -7.76 49.40
CA TYR F 407 5.47 -6.60 49.51
C TYR F 407 4.75 -5.43 50.16
N TYR F 408 3.43 -5.36 50.03
CA TYR F 408 2.63 -4.32 50.66
C TYR F 408 1.92 -4.83 51.91
N GLY F 409 2.17 -6.07 52.31
CA GLY F 409 1.60 -6.55 53.56
C GLY F 409 0.08 -6.64 53.56
N LEU F 410 -0.56 -6.57 52.41
CA LEU F 410 -2.00 -6.76 52.29
C LEU F 410 -2.37 -8.20 52.04
N GLU F 411 -1.39 -9.11 51.98
CA GLU F 411 -1.66 -10.47 51.57
C GLU F 411 -2.68 -11.15 52.47
N ARG F 412 -2.68 -10.83 53.76
CA ARG F 412 -3.56 -11.56 54.67
C ARG F 412 -5.03 -11.35 54.31
N GLU F 413 -5.42 -10.12 54.00
CA GLU F 413 -6.81 -9.87 53.64
C GLU F 413 -7.17 -10.55 52.33
N LEU F 414 -6.26 -10.56 51.36
CA LEU F 414 -6.52 -11.27 50.12
C LEU F 414 -6.71 -12.77 50.39
N ALA F 415 -5.89 -13.33 51.28
CA ALA F 415 -6.04 -14.72 51.64
C ALA F 415 -7.40 -14.98 52.28
N GLU F 416 -7.83 -14.09 53.18
CA GLU F 416 -9.15 -14.24 53.79
C GLU F 416 -10.25 -14.22 52.74
N ALA F 417 -10.17 -13.28 51.81
CA ALA F 417 -11.19 -13.18 50.77
C ALA F 417 -11.21 -14.44 49.91
N LEU F 418 -10.03 -14.97 49.58
CA LEU F 418 -9.97 -16.23 48.84
C LEU F 418 -10.63 -17.34 49.63
N ASP F 419 -10.31 -17.46 50.92
CA ASP F 419 -10.86 -18.53 51.73
C ASP F 419 -12.38 -18.45 51.78
N ALA F 420 -12.91 -17.25 51.96
CA ALA F 420 -14.37 -17.10 51.96
C ALA F 420 -14.94 -17.48 50.59
N ALA F 421 -14.32 -17.01 49.52
CA ALA F 421 -14.82 -17.29 48.18
C ALA F 421 -14.52 -18.70 47.73
N GLU F 422 -13.45 -19.31 48.23
CA GLU F 422 -13.07 -20.65 47.77
C GLU F 422 -14.17 -21.66 48.10
N ALA F 423 -14.73 -21.59 49.30
CA ALA F 423 -15.79 -22.50 49.71
C ALA F 423 -16.96 -22.42 48.75
N1 EPE G . -40.32 -26.91 -11.96
C2 EPE G . -40.22 -25.49 -11.75
C3 EPE G . -40.89 -24.66 -12.84
N4 EPE G . -42.28 -25.01 -13.09
C5 EPE G . -42.53 -26.41 -12.78
C6 EPE G . -41.28 -27.24 -12.99
C7 EPE G . -43.20 -24.15 -12.38
C8 EPE G . -44.67 -24.48 -12.57
O8 EPE G . -45.46 -23.42 -12.09
C9 EPE G . -39.06 -27.59 -12.18
C10 EPE G . -38.55 -28.32 -10.94
S EPE G . -37.59 -27.25 -9.86
O1S EPE G . -36.38 -26.94 -10.64
O2S EPE G . -38.44 -26.07 -9.61
O3S EPE G . -37.31 -28.03 -8.64
H21 EPE G . -39.28 -25.22 -11.73
H22 EPE G . -40.60 -25.23 -10.90
H31 EPE G . -40.36 -24.75 -13.66
H32 EPE G . -40.83 -23.73 -12.58
H51 EPE G . -43.24 -26.77 -13.34
H52 EPE G . -42.82 -26.48 -11.86
H61 EPE G . -40.93 -27.08 -13.88
H62 EPE G . -41.52 -28.17 -12.92
H71 EPE G . -43.06 -23.24 -12.68
H72 EPE G . -43.03 -24.15 -11.42
H81 EPE G . -44.85 -25.30 -12.08
H82 EPE G . -44.86 -24.68 -13.50
HO8 EPE G . -44.95 -22.88 -11.69
H91 EPE G . -39.21 -28.25 -12.87
H92 EPE G . -38.37 -26.99 -12.52
H101 EPE G . -39.28 -28.68 -10.41
H102 EPE G . -37.98 -29.05 -11.21
N1 EPE H . -5.94 -25.26 -35.92
C2 EPE H . -6.38 -25.14 -37.29
C3 EPE H . -7.26 -23.91 -37.53
N4 EPE H . -6.68 -22.65 -37.12
C5 EPE H . -5.65 -22.88 -36.12
C6 EPE H . -6.07 -24.01 -35.21
C7 EPE H . -6.17 -21.84 -38.21
C8 EPE H . -5.88 -20.40 -37.85
O8 EPE H . -7.08 -19.71 -37.60
C9 EPE H . -6.55 -26.36 -35.20
C10 EPE H . -5.72 -26.78 -33.99
S EPE H . -6.69 -26.98 -32.49
O1S EPE H . -5.72 -27.48 -31.49
O2S EPE H . -7.23 -25.64 -32.16
O3S EPE H . -7.73 -27.96 -32.79
H21 EPE H . -6.90 -25.91 -37.54
H22 EPE H . -5.63 -25.10 -37.89
H31 EPE H . -8.12 -24.05 -37.10
H32 EPE H . -7.45 -23.89 -38.49
H51 EPE H . -5.51 -22.08 -35.58
H52 EPE H . -4.81 -23.10 -36.56
H61 EPE H . -6.97 -23.87 -34.89
H62 EPE H . -5.49 -24.01 -34.44
H71 EPE H . -6.84 -21.85 -38.92
H72 EPE H . -5.37 -22.21 -38.61
H81 EPE H . -5.40 -20.02 -38.60
H82 EPE H . -5.28 -20.36 -37.09
HO8 EPE H . -7.72 -20.25 -37.75
H91 EPE H . -7.41 -26.06 -34.89
H92 EPE H . -6.70 -27.13 -35.76
H101 EPE H . -5.26 -27.62 -34.15
H102 EPE H . -5.04 -26.11 -33.81
N1 EPE I . 42.95 -14.23 21.14
C2 EPE I . 42.67 -13.05 20.34
C3 EPE I . 43.21 -11.76 20.95
N4 EPE I . 44.62 -11.80 21.29
C5 EPE I . 45.05 -13.15 21.61
C6 EPE I . 43.91 -13.95 22.19
C7 EPE I . 45.46 -11.23 20.25
C8 EPE I . 46.95 -11.26 20.54
O8 EPE I . 47.62 -10.41 19.63
C9 EPE I . 41.77 -14.89 21.67
C10 EPE I . 41.39 -16.13 20.87
S EPE I . 40.32 -15.76 19.47
O1S EPE I . 39.07 -15.32 20.09
O2S EPE I . 41.02 -14.70 18.72
O3S EPE I . 40.18 -17.01 18.72
H21 EPE I . 41.71 -12.94 20.23
H22 EPE I . 43.04 -13.14 19.45
H31 EPE I . 42.67 -11.54 21.74
H32 EPE I . 43.05 -11.05 20.31
H51 EPE I . 45.78 -13.15 22.25
H52 EPE I . 45.37 -13.58 20.81
H61 EPE I . 43.51 -13.47 22.93
H62 EPE I . 44.25 -14.79 22.54
H71 EPE I . 45.20 -10.30 20.14
H72 EPE I . 45.32 -11.66 19.40
H81 EPE I . 47.24 -12.18 20.43
H82 EPE I . 47.14 -11.02 21.45
HO8 EPE I . 47.06 -10.13 19.07
H91 EPE I . 41.98 -15.16 22.57
H92 EPE I . 41.01 -14.29 21.73
H101 EPE I . 42.18 -16.59 20.52
H102 EPE I . 40.91 -16.75 21.44
N1 EPE J . 7.99 -6.69 43.05
C2 EPE J . 8.38 -5.93 44.22
C3 EPE J . 9.09 -4.63 43.90
N4 EPE J . 8.36 -3.74 43.00
C5 EPE J . 7.41 -4.49 42.22
C6 EPE J . 7.98 -5.85 41.87
C7 EPE J . 7.74 -2.62 43.66
C8 EPE J . 7.28 -1.52 42.73
O8 EPE J . 8.40 -0.87 42.18
C9 EPE J . 8.75 -7.91 42.84
C10 EPE J . 7.99 -8.90 41.95
S EPE J . 9.01 -9.61 40.65
O1S EPE J . 8.13 -10.59 39.98
O2S EPE J . 9.41 -8.49 39.77
O3S EPE J . 10.16 -10.24 41.31
H21 EPE J . 8.98 -6.46 44.76
H22 EPE J . 7.60 -5.74 44.77
H31 EPE J . 9.96 -4.85 43.53
H32 EPE J . 9.25 -4.17 44.74
H51 EPE J . 7.17 -4.03 41.40
H52 EPE J . 6.59 -4.61 42.72
H61 EPE J . 8.87 -5.74 41.49
H62 EPE J . 7.43 -6.25 41.19
H71 EPE J . 8.38 -2.23 44.28
H72 EPE J . 6.98 -2.89 44.20
H81 EPE J . 6.74 -0.90 43.25
H82 EPE J . 6.70 -1.87 42.03
HO8 EPE J . 9.11 -1.21 42.50
H91 EPE J . 9.57 -7.66 42.40
H92 EPE J . 8.98 -8.34 43.67
H101 EPE J . 7.65 -9.64 42.47
H102 EPE J . 7.25 -8.45 41.53
#